data_5HUP
#
_entry.id   5HUP
#
_cell.length_a   108.149
_cell.length_b   188.816
_cell.length_c   222.181
_cell.angle_alpha   90.00
_cell.angle_beta   90.00
_cell.angle_gamma   90.00
#
_symmetry.space_group_name_H-M   'C 2 2 21'
#
loop_
_entity.id
_entity.type
_entity.pdbx_description
1 polymer 'Nicotinate-nucleotide pyrophosphorylase (Carboxylating)'
2 non-polymer 'SULFATE ION'
#
_entity_poly.entity_id   1
_entity_poly.type   'polypeptide(L)'
_entity_poly.pdbx_seq_one_letter_code
;MHHHHHHSSGVDLGTENLYFQSGSGMSIISTDLTPFQIDDTLKAALREDVHSEDYSTNAIFDHHGQAKVSLFAKEAGVLA
GLTVFQRVFTLFDAEVTFQNPHQFKDGDRLTSGDLVLEIIGSVRSLLTCERVALNFLQHLSGIASMTAAYVEALGDDRIK
VFDTRKTTPNLRLFEKYAVRVGGGYNHRFNLSDAIMLKDNHIAAVGSVQKAIAQARAYAPFVKMVEVEVESLAAAEEAAA
AGVDIIMLDNMSLEQIEQAITLIAGRSRIECSGNIDMTTISRFRGLAIDYVSSGSLTHSAKSLDFSMKGLTYLDV
;
_entity_poly.pdbx_strand_id   A,B,C,E,F,H
#
# COMPACT_ATOMS: atom_id res chain seq x y z
N SER A 30 -17.89 -16.33 -10.11
CA SER A 30 -18.17 -15.26 -11.12
C SER A 30 -17.44 -13.95 -10.80
N THR A 31 -17.75 -12.90 -11.55
CA THR A 31 -17.12 -11.59 -11.37
C THR A 31 -18.06 -10.40 -11.51
N ASP A 32 -17.61 -9.28 -10.97
CA ASP A 32 -18.45 -8.08 -10.88
C ASP A 32 -18.65 -7.44 -12.20
N LEU A 33 -19.39 -6.35 -12.20
CA LEU A 33 -19.47 -5.48 -13.35
C LEU A 33 -18.48 -4.29 -13.29
N THR A 34 -17.78 -4.04 -14.39
CA THR A 34 -16.91 -2.89 -14.47
C THR A 34 -17.79 -1.65 -14.48
N PRO A 35 -17.31 -0.53 -13.95
CA PRO A 35 -17.97 0.73 -14.23
C PRO A 35 -18.16 1.05 -15.69
N PHE A 36 -17.14 0.86 -16.51
CA PHE A 36 -17.27 1.17 -17.94
C PHE A 36 -18.50 0.52 -18.61
N GLN A 37 -18.73 -0.76 -18.31
CA GLN A 37 -19.96 -1.49 -18.75
C GLN A 37 -21.29 -0.83 -18.40
N ILE A 38 -21.41 -0.38 -17.16
CA ILE A 38 -22.70 0.10 -16.59
C ILE A 38 -22.94 1.61 -16.48
N ASP A 39 -21.87 2.39 -16.37
CA ASP A 39 -21.98 3.87 -16.15
C ASP A 39 -23.08 4.57 -16.98
N ASP A 40 -23.05 4.42 -18.29
CA ASP A 40 -24.06 5.07 -19.14
C ASP A 40 -25.51 4.75 -18.80
N THR A 41 -25.78 3.50 -18.40
CA THR A 41 -27.14 3.05 -18.00
C THR A 41 -27.61 3.75 -16.71
N LEU A 42 -26.74 3.76 -15.72
CA LEU A 42 -27.02 4.40 -14.42
C LEU A 42 -27.21 5.89 -14.53
N LYS A 43 -26.37 6.52 -15.34
CA LYS A 43 -26.48 7.98 -15.56
C LYS A 43 -27.85 8.37 -16.13
N ALA A 44 -28.38 7.55 -17.03
CA ALA A 44 -29.71 7.81 -17.60
C ALA A 44 -30.81 7.58 -16.57
N ALA A 45 -30.63 6.57 -15.74
CA ALA A 45 -31.57 6.30 -14.66
C ALA A 45 -31.64 7.44 -13.64
N LEU A 46 -30.54 8.16 -13.43
CA LEU A 46 -30.51 9.32 -12.52
C LEU A 46 -31.14 10.53 -13.17
N ARG A 47 -30.84 10.75 -14.44
CA ARG A 47 -31.49 11.83 -15.19
C ARG A 47 -32.97 11.62 -15.28
N GLU A 48 -33.37 10.37 -15.42
CA GLU A 48 -34.79 9.94 -15.36
C GLU A 48 -35.51 10.40 -14.07
N ASP A 49 -34.91 10.05 -12.94
CA ASP A 49 -35.51 10.31 -11.62
C ASP A 49 -35.39 11.77 -11.14
N VAL A 50 -34.53 12.57 -11.80
CA VAL A 50 -34.20 13.93 -11.32
C VAL A 50 -34.13 14.90 -12.47
N HIS A 51 -35.27 15.25 -13.03
CA HIS A 51 -35.25 16.07 -14.25
C HIS A 51 -34.81 17.52 -14.04
N SER A 52 -35.22 18.11 -12.92
CA SER A 52 -34.90 19.50 -12.59
C SER A 52 -34.01 19.62 -11.35
N GLU A 53 -34.50 19.08 -10.24
CA GLU A 53 -33.77 18.99 -8.95
C GLU A 53 -34.66 18.22 -7.95
N ASP A 54 -34.10 17.80 -6.82
CA ASP A 54 -34.91 17.13 -5.77
C ASP A 54 -35.50 18.17 -4.82
N TYR A 55 -36.69 18.70 -5.14
CA TYR A 55 -37.26 19.84 -4.36
C TYR A 55 -37.50 19.44 -2.93
N SER A 56 -38.13 18.28 -2.78
CA SER A 56 -38.43 17.71 -1.46
C SER A 56 -37.20 17.66 -0.52
N THR A 57 -36.08 17.20 -1.06
CA THR A 57 -34.80 17.10 -0.32
C THR A 57 -34.16 18.46 -0.14
N ASN A 58 -34.01 19.21 -1.22
CA ASN A 58 -33.29 20.48 -1.18
C ASN A 58 -33.93 21.58 -0.35
N ALA A 59 -35.23 21.44 -0.14
CA ALA A 59 -36.02 22.39 0.67
C ALA A 59 -35.71 22.27 2.15
N ILE A 60 -35.48 21.06 2.59
CA ILE A 60 -35.26 20.75 3.98
C ILE A 60 -33.76 20.69 4.39
N PHE A 61 -32.86 20.30 3.48
CA PHE A 61 -31.41 20.10 3.84
C PHE A 61 -30.26 20.88 3.15
N ASP A 62 -29.38 21.51 3.93
CA ASP A 62 -28.26 22.31 3.35
C ASP A 62 -27.21 21.43 2.72
N HIS A 63 -26.43 22.01 1.80
CA HIS A 63 -25.37 21.28 1.10
C HIS A 63 -24.20 20.92 2.03
N HIS A 64 -24.02 21.70 3.09
CA HIS A 64 -22.90 21.57 4.04
C HIS A 64 -22.94 20.24 4.85
N GLY A 65 -24.09 19.91 5.46
CA GLY A 65 -24.17 18.79 6.44
C GLY A 65 -23.80 17.40 5.90
N GLN A 66 -23.14 16.54 6.69
CA GLN A 66 -22.96 15.13 6.35
C GLN A 66 -23.47 14.08 7.33
N ALA A 67 -23.91 12.97 6.75
CA ALA A 67 -24.65 11.94 7.49
C ALA A 67 -24.34 10.53 7.07
N LYS A 68 -24.81 9.60 7.89
CA LYS A 68 -24.69 8.18 7.63
C LYS A 68 -26.07 7.61 7.51
N VAL A 69 -26.24 6.66 6.58
CA VAL A 69 -27.49 5.93 6.38
C VAL A 69 -27.21 4.47 6.25
N SER A 70 -28.09 3.67 6.80
CA SER A 70 -27.92 2.22 6.82
C SER A 70 -28.84 1.57 5.81
N LEU A 71 -28.27 0.75 4.95
CA LEU A 71 -29.05 -0.13 4.06
C LEU A 71 -29.39 -1.48 4.74
N PHE A 72 -30.66 -1.71 5.04
CA PHE A 72 -31.14 -2.96 5.64
C PHE A 72 -31.83 -3.86 4.62
N ALA A 73 -31.53 -5.14 4.64
CA ALA A 73 -32.31 -6.12 3.90
C ALA A 73 -33.56 -6.37 4.73
N LYS A 74 -34.70 -6.32 4.08
CA LYS A 74 -36.01 -6.54 4.75
C LYS A 74 -36.64 -7.86 4.36
N GLU A 75 -35.88 -8.73 3.71
CA GLU A 75 -36.42 -9.98 3.21
C GLU A 75 -35.32 -11.01 2.99
N ALA A 76 -35.70 -12.26 3.08
CA ALA A 76 -34.74 -13.36 2.90
C ALA A 76 -34.49 -13.62 1.45
N GLY A 77 -33.24 -13.81 1.12
CA GLY A 77 -32.86 -14.04 -0.28
C GLY A 77 -31.37 -13.93 -0.52
N VAL A 78 -31.01 -13.64 -1.76
CA VAL A 78 -29.62 -13.56 -2.17
C VAL A 78 -29.30 -12.15 -2.58
N LEU A 79 -28.13 -11.68 -2.22
CA LEU A 79 -27.70 -10.33 -2.56
C LEU A 79 -27.06 -10.32 -3.94
N ALA A 80 -27.45 -9.35 -4.74
CA ALA A 80 -26.84 -9.14 -6.05
C ALA A 80 -26.82 -7.68 -6.43
N GLY A 81 -25.78 -7.29 -7.18
CA GLY A 81 -25.60 -5.91 -7.65
C GLY A 81 -25.42 -4.89 -6.53
N LEU A 82 -24.56 -5.23 -5.59
CA LEU A 82 -24.21 -4.33 -4.51
C LEU A 82 -23.26 -3.26 -5.02
N THR A 83 -22.35 -3.66 -5.90
CA THR A 83 -21.43 -2.72 -6.57
C THR A 83 -22.18 -1.70 -7.43
N VAL A 84 -23.30 -2.14 -7.97
CA VAL A 84 -24.13 -1.30 -8.79
C VAL A 84 -24.78 -0.25 -7.89
N PHE A 85 -25.32 -0.70 -6.77
CA PHE A 85 -25.87 0.17 -5.71
C PHE A 85 -24.90 1.29 -5.34
N GLN A 86 -23.68 0.90 -5.07
CA GLN A 86 -22.60 1.84 -4.75
C GLN A 86 -22.21 2.78 -5.90
N ARG A 87 -22.17 2.25 -7.10
CA ARG A 87 -21.84 3.08 -8.27
C ARG A 87 -22.87 4.17 -8.56
N VAL A 88 -24.12 3.93 -8.22
CA VAL A 88 -25.15 4.96 -8.38
C VAL A 88 -24.86 6.17 -7.50
N PHE A 89 -24.51 5.93 -6.25
CA PHE A 89 -24.16 7.04 -5.34
C PHE A 89 -22.92 7.80 -5.78
N THR A 90 -21.88 7.10 -6.18
CA THR A 90 -20.61 7.74 -6.56
C THR A 90 -20.71 8.55 -7.87
N LEU A 91 -21.62 8.18 -8.76
CA LEU A 91 -21.85 8.92 -10.01
C LEU A 91 -22.57 10.23 -9.78
N PHE A 92 -23.50 10.24 -8.84
CA PHE A 92 -24.17 11.47 -8.40
C PHE A 92 -23.16 12.39 -7.69
N ASP A 93 -22.42 11.82 -6.72
CA ASP A 93 -21.50 12.54 -5.82
C ASP A 93 -20.27 11.67 -5.58
N ALA A 94 -19.14 12.08 -6.11
CA ALA A 94 -17.85 11.36 -5.93
C ALA A 94 -17.41 11.28 -4.45
N GLU A 95 -17.61 12.35 -3.69
CA GLU A 95 -17.19 12.42 -2.26
C GLU A 95 -18.01 11.48 -1.30
N VAL A 96 -18.93 10.68 -1.81
CA VAL A 96 -19.65 9.67 -1.01
C VAL A 96 -18.80 8.42 -0.78
N THR A 97 -18.95 7.85 0.41
CA THR A 97 -18.17 6.68 0.87
C THR A 97 -19.03 5.60 1.51
N PHE A 98 -18.41 4.44 1.77
CA PHE A 98 -19.17 3.24 2.19
C PHE A 98 -18.51 2.36 3.24
N GLN A 99 -19.05 2.32 4.45
CA GLN A 99 -18.67 1.29 5.40
C GLN A 99 -19.48 0.02 5.12
N ASN A 100 -18.81 -1.13 5.15
CA ASN A 100 -19.45 -2.45 5.08
C ASN A 100 -19.02 -3.34 6.26
N PRO A 101 -19.80 -3.34 7.36
CA PRO A 101 -19.33 -3.96 8.58
C PRO A 101 -19.30 -5.46 8.49
N HIS A 102 -20.23 -6.07 7.78
CA HIS A 102 -20.25 -7.53 7.73
C HIS A 102 -19.59 -8.14 6.51
N GLN A 103 -18.86 -7.33 5.74
CA GLN A 103 -18.18 -7.79 4.50
C GLN A 103 -19.11 -8.53 3.56
N PHE A 104 -20.33 -8.03 3.49
CA PHE A 104 -21.32 -8.58 2.59
C PHE A 104 -20.86 -8.39 1.15
N LYS A 105 -21.00 -9.43 0.35
CA LYS A 105 -20.70 -9.37 -1.08
C LYS A 105 -21.87 -10.00 -1.87
N ASP A 106 -21.83 -9.79 -3.17
CA ASP A 106 -22.83 -10.36 -4.03
C ASP A 106 -22.72 -11.85 -3.95
N GLY A 107 -23.86 -12.51 -3.93
CA GLY A 107 -23.95 -13.96 -3.82
C GLY A 107 -24.10 -14.43 -2.41
N ASP A 108 -23.88 -13.53 -1.46
CA ASP A 108 -24.07 -13.84 -0.07
C ASP A 108 -25.53 -13.91 0.24
N ARG A 109 -25.92 -14.75 1.19
CA ARG A 109 -27.32 -14.90 1.55
C ARG A 109 -27.78 -13.89 2.56
N LEU A 110 -29.02 -13.49 2.43
CA LEU A 110 -29.60 -12.50 3.29
C LEU A 110 -30.66 -13.10 4.17
N THR A 111 -31.02 -12.34 5.20
CA THR A 111 -32.28 -12.55 5.93
C THR A 111 -32.74 -11.22 6.46
N SER A 112 -34.01 -11.14 6.81
CA SER A 112 -34.60 -9.89 7.26
C SER A 112 -33.82 -9.26 8.42
N GLY A 113 -33.70 -7.95 8.33
CA GLY A 113 -33.06 -7.15 9.36
C GLY A 113 -31.56 -6.94 9.19
N ASP A 114 -30.96 -7.50 8.16
CA ASP A 114 -29.49 -7.54 8.03
C ASP A 114 -28.89 -6.22 7.58
N LEU A 115 -27.84 -5.74 8.26
CA LEU A 115 -27.14 -4.49 7.90
C LEU A 115 -26.11 -4.75 6.82
N VAL A 116 -26.53 -4.50 5.59
CA VAL A 116 -25.71 -4.82 4.41
C VAL A 116 -24.60 -3.76 4.25
N LEU A 117 -25.03 -2.50 4.19
CA LEU A 117 -24.15 -1.37 3.97
C LEU A 117 -24.50 -0.22 4.86
N GLU A 118 -23.49 0.57 5.15
CA GLU A 118 -23.69 1.93 5.65
C GLU A 118 -23.13 2.88 4.62
N ILE A 119 -23.83 3.98 4.43
CA ILE A 119 -23.55 4.92 3.36
C ILE A 119 -23.33 6.31 3.96
N ILE A 120 -22.14 6.86 3.74
CA ILE A 120 -21.75 8.16 4.32
C ILE A 120 -21.41 9.25 3.31
N GLY A 121 -21.99 10.42 3.51
CA GLY A 121 -21.75 11.55 2.63
C GLY A 121 -22.77 12.65 2.84
N SER A 122 -22.77 13.62 1.93
CA SER A 122 -23.71 14.74 1.98
C SER A 122 -25.14 14.26 2.04
N VAL A 123 -25.98 14.96 2.82
CA VAL A 123 -27.33 14.48 3.09
C VAL A 123 -28.16 14.43 1.83
N ARG A 124 -27.98 15.42 0.97
CA ARG A 124 -28.73 15.47 -0.28
C ARG A 124 -28.33 14.35 -1.19
N SER A 125 -27.04 14.13 -1.27
CA SER A 125 -26.51 13.07 -2.12
C SER A 125 -27.05 11.70 -1.72
N LEU A 126 -27.34 11.51 -0.45
CA LEU A 126 -27.89 10.23 0.04
C LEU A 126 -29.37 10.11 -0.21
N LEU A 127 -30.12 11.13 0.14
CA LEU A 127 -31.58 11.10 0.01
C LEU A 127 -32.11 11.18 -1.42
N THR A 128 -31.29 11.63 -2.36
CA THR A 128 -31.73 11.88 -3.72
C THR A 128 -31.61 10.62 -4.56
N CYS A 129 -30.40 10.11 -4.66
CA CYS A 129 -30.19 8.92 -5.50
C CYS A 129 -30.41 7.58 -4.76
N GLU A 130 -31.08 7.62 -3.62
CA GLU A 130 -31.42 6.41 -2.86
C GLU A 130 -32.41 5.51 -3.62
N ARG A 131 -33.48 6.11 -4.09
CA ARG A 131 -34.47 5.37 -4.83
C ARG A 131 -33.87 4.66 -6.04
N VAL A 132 -33.10 5.36 -6.83
CA VAL A 132 -32.54 4.77 -8.07
C VAL A 132 -31.66 3.56 -7.75
N ALA A 133 -30.85 3.69 -6.72
CA ALA A 133 -29.98 2.61 -6.32
C ALA A 133 -30.79 1.40 -5.83
N LEU A 134 -31.72 1.65 -4.92
CA LEU A 134 -32.60 0.59 -4.39
C LEU A 134 -33.34 -0.17 -5.51
N ASN A 135 -33.82 0.56 -6.49
CA ASN A 135 -34.41 -0.06 -7.67
C ASN A 135 -33.51 -1.10 -8.36
N PHE A 136 -32.23 -0.79 -8.52
CA PHE A 136 -31.32 -1.77 -9.16
C PHE A 136 -31.09 -2.94 -8.23
N LEU A 137 -30.70 -2.61 -7.02
CA LEU A 137 -30.41 -3.62 -6.01
C LEU A 137 -31.61 -4.56 -5.82
N GLN A 138 -32.80 -4.00 -5.64
CA GLN A 138 -34.01 -4.79 -5.43
C GLN A 138 -34.22 -5.72 -6.60
N HIS A 139 -34.29 -5.14 -7.77
CA HIS A 139 -34.51 -5.89 -9.02
C HIS A 139 -33.49 -7.05 -9.26
N LEU A 140 -32.21 -6.78 -9.07
CA LEU A 140 -31.15 -7.77 -9.36
C LEU A 140 -31.14 -8.84 -8.32
N SER A 141 -31.14 -8.43 -7.07
CA SER A 141 -31.23 -9.39 -5.94
C SER A 141 -32.46 -10.29 -5.99
N GLY A 142 -33.48 -9.81 -6.66
CA GLY A 142 -34.67 -10.61 -6.93
C GLY A 142 -34.35 -11.78 -7.86
N ILE A 143 -33.73 -11.45 -8.97
CA ILE A 143 -33.42 -12.45 -9.99
C ILE A 143 -32.50 -13.48 -9.40
N ALA A 144 -31.47 -13.00 -8.72
CA ALA A 144 -30.50 -13.89 -8.16
C ALA A 144 -31.20 -14.86 -7.23
N SER A 145 -32.02 -14.31 -6.34
CA SER A 145 -32.76 -15.10 -5.34
C SER A 145 -33.60 -16.20 -5.98
N MET A 146 -34.33 -15.82 -7.02
CA MET A 146 -35.19 -16.73 -7.73
C MET A 146 -34.39 -17.84 -8.39
N THR A 147 -33.32 -17.49 -9.08
CA THR A 147 -32.39 -18.49 -9.64
C THR A 147 -31.99 -19.52 -8.57
N ALA A 148 -31.52 -19.01 -7.45
CA ALA A 148 -31.05 -19.86 -6.35
C ALA A 148 -32.12 -20.81 -5.87
N ALA A 149 -33.36 -20.35 -5.87
CA ALA A 149 -34.51 -21.20 -5.51
C ALA A 149 -34.68 -22.38 -6.47
N TYR A 150 -34.55 -22.09 -7.76
CA TYR A 150 -34.63 -23.11 -8.81
C TYR A 150 -33.50 -24.11 -8.71
N VAL A 151 -32.31 -23.59 -8.44
CA VAL A 151 -31.12 -24.44 -8.36
C VAL A 151 -31.24 -25.43 -7.20
N GLU A 152 -31.68 -24.92 -6.06
CA GLU A 152 -31.86 -25.75 -4.87
C GLU A 152 -33.05 -26.67 -5.07
N ALA A 153 -34.11 -26.16 -5.66
CA ALA A 153 -35.27 -26.98 -5.95
C ALA A 153 -34.99 -28.10 -6.94
N LEU A 154 -34.06 -27.88 -7.85
CA LEU A 154 -33.69 -28.91 -8.86
C LEU A 154 -33.02 -30.08 -8.13
N GLY A 155 -32.03 -29.75 -7.32
CA GLY A 155 -31.40 -30.75 -6.44
C GLY A 155 -30.19 -31.39 -7.09
N ASP A 156 -30.35 -31.89 -8.30
CA ASP A 156 -29.21 -32.41 -9.10
C ASP A 156 -28.26 -31.24 -9.45
N ASP A 157 -26.99 -31.39 -9.11
CA ASP A 157 -25.97 -30.38 -9.37
C ASP A 157 -25.01 -30.74 -10.47
N ARG A 158 -25.21 -31.89 -11.09
CA ARG A 158 -24.61 -32.14 -12.40
C ARG A 158 -25.42 -31.43 -13.45
N ILE A 159 -26.70 -31.23 -13.17
CA ILE A 159 -27.58 -30.49 -14.07
C ILE A 159 -27.59 -29.01 -13.70
N LYS A 160 -27.44 -28.15 -14.72
CA LYS A 160 -27.27 -26.72 -14.54
C LYS A 160 -28.47 -25.95 -14.99
N VAL A 161 -28.66 -24.77 -14.44
CA VAL A 161 -29.84 -23.96 -14.73
C VAL A 161 -29.44 -22.71 -15.49
N PHE A 162 -29.86 -22.66 -16.74
CA PHE A 162 -29.52 -21.57 -17.65
C PHE A 162 -30.68 -20.64 -17.78
N ASP A 163 -30.42 -19.49 -18.35
CA ASP A 163 -31.41 -18.46 -18.57
C ASP A 163 -31.62 -18.25 -20.09
N THR A 164 -32.25 -17.14 -20.44
CA THR A 164 -32.61 -16.87 -21.82
C THR A 164 -32.46 -15.40 -22.17
N ARG A 165 -32.77 -15.09 -23.41
CA ARG A 165 -33.01 -13.70 -23.82
C ARG A 165 -34.38 -13.14 -23.43
N LYS A 166 -35.25 -13.92 -22.82
CA LYS A 166 -36.47 -13.36 -22.29
C LYS A 166 -35.98 -12.51 -21.14
N THR A 167 -35.94 -11.20 -21.35
CA THR A 167 -35.38 -10.25 -20.33
C THR A 167 -36.10 -8.92 -20.46
N THR A 168 -36.12 -8.15 -19.39
CA THR A 168 -36.66 -6.78 -19.48
C THR A 168 -35.67 -5.95 -20.30
N PRO A 169 -36.16 -5.18 -21.27
CA PRO A 169 -35.27 -4.63 -22.28
C PRO A 169 -34.32 -3.56 -21.76
N ASN A 170 -33.17 -3.49 -22.42
CA ASN A 170 -32.04 -2.60 -22.07
C ASN A 170 -31.49 -2.80 -20.65
N LEU A 171 -31.56 -4.02 -20.18
CA LEU A 171 -30.95 -4.38 -18.91
C LEU A 171 -30.49 -5.82 -18.97
N ARG A 172 -30.13 -6.30 -20.15
CA ARG A 172 -29.87 -7.72 -20.31
C ARG A 172 -28.55 -8.07 -19.64
N LEU A 173 -27.59 -7.19 -19.83
CA LEU A 173 -26.28 -7.29 -19.18
C LEU A 173 -26.36 -7.56 -17.68
N PHE A 174 -27.19 -6.77 -17.01
CA PHE A 174 -27.35 -6.82 -15.57
C PHE A 174 -28.07 -8.09 -15.16
N GLU A 175 -29.23 -8.32 -15.74
CA GLU A 175 -30.04 -9.49 -15.43
C GLU A 175 -29.27 -10.82 -15.58
N LYS A 176 -28.42 -10.92 -16.60
CA LYS A 176 -27.58 -12.12 -16.81
C LYS A 176 -26.51 -12.28 -15.72
N TYR A 177 -25.98 -11.16 -15.24
CA TYR A 177 -25.06 -11.18 -14.06
C TYR A 177 -25.77 -11.71 -12.78
N ALA A 178 -27.01 -11.29 -12.57
CA ALA A 178 -27.81 -11.73 -11.41
C ALA A 178 -28.03 -13.24 -11.44
N VAL A 179 -28.23 -13.79 -12.62
CA VAL A 179 -28.37 -15.23 -12.80
C VAL A 179 -27.08 -15.96 -12.46
N ARG A 180 -25.94 -15.39 -12.85
CA ARG A 180 -24.66 -15.99 -12.48
C ARG A 180 -24.54 -16.02 -10.98
N VAL A 181 -24.72 -14.87 -10.38
CA VAL A 181 -24.68 -14.71 -8.90
C VAL A 181 -25.57 -15.73 -8.18
N GLY A 182 -26.75 -15.93 -8.69
CA GLY A 182 -27.72 -16.85 -8.11
C GLY A 182 -27.48 -18.35 -8.25
N GLY A 183 -26.41 -18.73 -8.91
CA GLY A 183 -26.07 -20.17 -9.08
C GLY A 183 -26.27 -20.67 -10.50
N GLY A 184 -26.90 -19.84 -11.32
CA GLY A 184 -27.25 -20.18 -12.69
C GLY A 184 -26.09 -19.93 -13.62
N TYR A 185 -26.38 -20.11 -14.90
CA TYR A 185 -25.42 -19.86 -15.99
C TYR A 185 -26.10 -19.16 -17.11
N ASN A 186 -25.28 -18.70 -18.06
CA ASN A 186 -25.76 -17.90 -19.15
C ASN A 186 -25.80 -18.59 -20.50
N HIS A 187 -26.93 -18.40 -21.18
CA HIS A 187 -27.11 -18.80 -22.57
C HIS A 187 -26.59 -17.65 -23.45
N ARG A 188 -26.59 -17.83 -24.76
CA ARG A 188 -26.25 -16.78 -25.69
C ARG A 188 -26.92 -15.47 -25.36
N PHE A 189 -26.12 -14.43 -25.43
CA PHE A 189 -26.51 -13.08 -25.09
C PHE A 189 -27.45 -12.46 -26.08
N ASN A 190 -27.23 -12.76 -27.35
CA ASN A 190 -28.02 -12.19 -28.43
C ASN A 190 -28.02 -13.11 -29.61
N LEU A 191 -28.63 -12.67 -30.69
CA LEU A 191 -28.72 -13.47 -31.93
C LEU A 191 -27.39 -13.68 -32.65
N SER A 192 -26.45 -12.81 -32.37
CA SER A 192 -25.12 -12.87 -32.96
C SER A 192 -24.14 -13.73 -32.19
N ASP A 193 -24.54 -14.32 -31.08
CA ASP A 193 -23.60 -15.10 -30.24
C ASP A 193 -23.46 -16.49 -30.81
N ALA A 194 -24.57 -17.23 -30.80
CA ALA A 194 -24.60 -18.61 -31.29
C ALA A 194 -25.60 -18.73 -32.41
N ILE A 195 -25.57 -19.88 -33.06
CA ILE A 195 -26.56 -20.26 -34.06
C ILE A 195 -27.51 -21.21 -33.39
N MET A 196 -28.74 -20.76 -33.14
CA MET A 196 -29.75 -21.62 -32.59
C MET A 196 -30.79 -21.80 -33.69
N LEU A 197 -31.03 -23.03 -34.08
CA LEU A 197 -32.00 -23.38 -35.13
C LEU A 197 -33.30 -23.87 -34.50
N LYS A 198 -34.27 -22.96 -34.41
CA LYS A 198 -35.66 -23.26 -34.03
C LYS A 198 -36.41 -24.15 -35.09
N ASP A 199 -37.55 -24.68 -34.70
CA ASP A 199 -38.46 -25.47 -35.58
C ASP A 199 -38.91 -24.83 -36.93
N ASN A 200 -39.04 -23.50 -36.94
CA ASN A 200 -39.31 -22.71 -38.17
C ASN A 200 -38.19 -22.90 -39.17
N HIS A 201 -36.98 -22.63 -38.68
CA HIS A 201 -35.74 -22.71 -39.48
C HIS A 201 -35.62 -24.07 -40.19
N ILE A 202 -35.93 -25.13 -39.48
CA ILE A 202 -35.85 -26.49 -40.03
C ILE A 202 -36.94 -26.71 -41.07
N ALA A 203 -38.15 -26.35 -40.70
CA ALA A 203 -39.30 -26.40 -41.62
C ALA A 203 -38.97 -25.72 -42.95
N ALA A 204 -38.28 -24.60 -42.85
CA ALA A 204 -37.91 -23.79 -44.03
C ALA A 204 -36.90 -24.45 -44.98
N VAL A 205 -35.92 -25.17 -44.45
CA VAL A 205 -34.99 -25.95 -45.31
C VAL A 205 -35.56 -27.33 -45.59
N GLY A 206 -36.49 -27.78 -44.74
CA GLY A 206 -37.15 -29.09 -44.89
C GLY A 206 -36.46 -30.17 -44.08
N SER A 207 -35.16 -30.35 -44.32
CA SER A 207 -34.35 -31.31 -43.58
C SER A 207 -33.67 -30.69 -42.35
N VAL A 208 -33.23 -31.52 -41.42
CA VAL A 208 -32.39 -31.05 -40.29
C VAL A 208 -30.94 -31.18 -40.68
N GLN A 209 -30.56 -32.36 -41.17
CA GLN A 209 -29.19 -32.63 -41.71
C GLN A 209 -28.72 -31.55 -42.67
N LYS A 210 -29.61 -31.12 -43.55
CA LYS A 210 -29.35 -30.01 -44.50
C LYS A 210 -29.31 -28.63 -43.81
N ALA A 211 -30.18 -28.41 -42.83
CA ALA A 211 -30.25 -27.08 -42.13
C ALA A 211 -28.96 -26.78 -41.40
N ILE A 212 -28.44 -27.80 -40.74
CA ILE A 212 -27.23 -27.69 -39.90
C ILE A 212 -26.00 -27.46 -40.76
N ALA A 213 -25.82 -28.33 -41.74
CA ALA A 213 -24.78 -28.15 -42.77
C ALA A 213 -24.75 -26.72 -43.30
N GLN A 214 -25.95 -26.18 -43.54
CA GLN A 214 -26.12 -24.82 -44.10
C GLN A 214 -25.75 -23.72 -43.12
N ALA A 215 -26.02 -23.95 -41.84
CA ALA A 215 -25.57 -23.04 -40.77
C ALA A 215 -24.03 -23.03 -40.64
N ARG A 216 -23.47 -24.23 -40.52
CA ARG A 216 -22.02 -24.44 -40.42
C ARG A 216 -21.26 -23.87 -41.62
N ALA A 217 -21.87 -23.95 -42.79
CA ALA A 217 -21.34 -23.29 -43.98
C ALA A 217 -21.24 -21.76 -43.86
N TYR A 218 -22.31 -21.16 -43.35
CA TYR A 218 -22.43 -19.70 -43.21
C TYR A 218 -21.46 -19.05 -42.22
N ALA A 219 -21.32 -19.64 -41.04
CA ALA A 219 -20.37 -19.18 -40.00
C ALA A 219 -19.53 -20.39 -39.73
N PRO A 220 -18.33 -20.49 -40.33
CA PRO A 220 -17.71 -21.85 -40.31
C PRO A 220 -17.20 -22.47 -39.01
N PHE A 221 -16.34 -21.82 -38.25
CA PHE A 221 -15.82 -22.48 -37.07
C PHE A 221 -16.01 -21.79 -35.75
N VAL A 222 -16.38 -20.54 -35.77
CA VAL A 222 -16.43 -19.74 -34.57
C VAL A 222 -17.79 -19.79 -33.83
N LYS A 223 -18.83 -20.40 -34.41
CA LYS A 223 -20.19 -20.38 -33.80
C LYS A 223 -20.71 -21.74 -33.36
N MET A 224 -21.12 -21.82 -32.10
CA MET A 224 -21.83 -23.00 -31.58
C MET A 224 -23.13 -23.19 -32.34
N VAL A 225 -23.58 -24.42 -32.44
CA VAL A 225 -24.81 -24.73 -33.15
C VAL A 225 -25.72 -25.56 -32.27
N GLU A 226 -26.82 -24.94 -31.85
CA GLU A 226 -27.91 -25.61 -31.11
C GLU A 226 -29.13 -25.83 -32.02
N VAL A 227 -29.87 -26.91 -31.76
CA VAL A 227 -31.04 -27.33 -32.55
C VAL A 227 -32.19 -27.67 -31.62
N GLU A 228 -33.35 -27.08 -31.89
CA GLU A 228 -34.59 -27.44 -31.18
C GLU A 228 -35.22 -28.65 -31.84
N VAL A 229 -35.69 -29.59 -31.03
CA VAL A 229 -36.20 -30.87 -31.55
C VAL A 229 -37.38 -31.38 -30.68
N GLU A 230 -38.53 -31.56 -31.33
CA GLU A 230 -39.78 -32.01 -30.68
C GLU A 230 -40.16 -33.48 -30.99
N SER A 231 -39.22 -34.25 -31.50
CA SER A 231 -39.43 -35.66 -31.84
C SER A 231 -38.14 -36.47 -31.70
N LEU A 232 -38.25 -37.69 -31.19
CA LEU A 232 -37.09 -38.53 -31.04
C LEU A 232 -36.35 -38.76 -32.38
N ALA A 233 -37.13 -38.90 -33.43
CA ALA A 233 -36.60 -39.24 -34.75
C ALA A 233 -35.61 -38.17 -35.20
N ALA A 234 -36.02 -36.93 -35.05
CA ALA A 234 -35.21 -35.75 -35.50
C ALA A 234 -33.98 -35.52 -34.62
N ALA A 235 -34.05 -35.96 -33.36
CA ALA A 235 -32.91 -35.88 -32.43
C ALA A 235 -31.80 -36.84 -32.83
N GLU A 236 -32.18 -38.01 -33.29
CA GLU A 236 -31.24 -38.94 -33.93
C GLU A 236 -30.53 -38.27 -35.12
N GLU A 237 -31.30 -37.78 -36.09
CA GLU A 237 -30.73 -37.16 -37.31
C GLU A 237 -29.80 -35.98 -37.01
N ALA A 238 -30.15 -35.21 -35.97
CA ALA A 238 -29.38 -34.03 -35.53
C ALA A 238 -28.07 -34.41 -34.86
N ALA A 239 -28.11 -35.42 -34.00
CA ALA A 239 -26.87 -35.93 -33.35
C ALA A 239 -25.90 -36.56 -34.34
N ALA A 240 -26.47 -37.20 -35.37
CA ALA A 240 -25.73 -37.76 -36.53
C ALA A 240 -24.87 -36.71 -37.23
N ALA A 241 -25.50 -35.62 -37.66
CA ALA A 241 -24.77 -34.46 -38.27
C ALA A 241 -23.88 -33.64 -37.29
N GLY A 242 -23.78 -34.13 -36.06
CA GLY A 242 -22.83 -33.68 -35.05
C GLY A 242 -23.03 -32.22 -34.69
N VAL A 243 -24.13 -31.94 -34.01
CA VAL A 243 -24.40 -30.56 -33.54
C VAL A 243 -23.96 -30.45 -32.12
N ASP A 244 -23.75 -29.23 -31.71
CA ASP A 244 -23.10 -28.99 -30.43
C ASP A 244 -24.07 -29.22 -29.28
N ILE A 245 -25.27 -28.70 -29.43
CA ILE A 245 -26.32 -28.86 -28.44
C ILE A 245 -27.61 -29.31 -29.10
N ILE A 246 -28.33 -30.22 -28.45
CA ILE A 246 -29.69 -30.61 -28.87
C ILE A 246 -30.66 -30.21 -27.79
N MET A 247 -31.70 -29.47 -28.17
CA MET A 247 -32.69 -28.99 -27.21
C MET A 247 -33.95 -29.80 -27.34
N LEU A 248 -34.27 -30.54 -26.29
CA LEU A 248 -35.50 -31.31 -26.20
C LEU A 248 -36.61 -30.41 -25.69
N ASP A 249 -37.37 -29.92 -26.65
CA ASP A 249 -38.46 -28.97 -26.43
C ASP A 249 -39.75 -29.65 -25.93
N ASN A 250 -39.98 -29.53 -24.63
CA ASN A 250 -41.23 -29.95 -23.96
C ASN A 250 -41.53 -31.45 -24.05
N MET A 251 -40.49 -32.26 -24.18
CA MET A 251 -40.66 -33.71 -24.28
C MET A 251 -41.01 -34.33 -22.90
N SER A 252 -41.59 -35.51 -22.95
CA SER A 252 -41.98 -36.25 -21.74
C SER A 252 -40.76 -36.93 -21.10
N LEU A 253 -40.91 -37.31 -19.84
CA LEU A 253 -39.83 -37.98 -19.08
C LEU A 253 -39.42 -39.33 -19.68
N GLU A 254 -40.43 -40.08 -20.15
CA GLU A 254 -40.21 -41.37 -20.86
C GLU A 254 -39.38 -41.14 -22.13
N GLN A 255 -39.70 -40.05 -22.84
CA GLN A 255 -39.02 -39.68 -24.10
C GLN A 255 -37.62 -39.12 -23.91
N ILE A 256 -37.46 -38.25 -22.92
CA ILE A 256 -36.14 -37.72 -22.59
C ILE A 256 -35.21 -38.90 -22.32
N GLU A 257 -35.65 -39.85 -21.48
CA GLU A 257 -34.80 -41.02 -21.08
C GLU A 257 -34.41 -41.89 -22.29
N GLN A 258 -35.36 -42.08 -23.20
CA GLN A 258 -35.08 -42.67 -24.52
C GLN A 258 -34.08 -41.88 -25.40
N ALA A 259 -34.31 -40.58 -25.53
CA ALA A 259 -33.51 -39.69 -26.39
C ALA A 259 -32.07 -39.50 -25.92
N ILE A 260 -31.82 -39.56 -24.62
CA ILE A 260 -30.45 -39.43 -24.09
C ILE A 260 -29.58 -40.57 -24.63
N THR A 261 -30.07 -41.80 -24.49
CA THR A 261 -29.34 -43.01 -24.97
C THR A 261 -29.32 -43.07 -26.50
N LEU A 262 -30.34 -42.51 -27.13
CA LEU A 262 -30.38 -42.40 -28.59
C LEU A 262 -29.35 -41.39 -29.14
N ILE A 263 -29.23 -40.23 -28.47
CA ILE A 263 -28.14 -39.28 -28.75
C ILE A 263 -26.80 -39.96 -28.51
N ALA A 264 -26.76 -40.75 -27.44
CA ALA A 264 -25.58 -41.56 -27.07
C ALA A 264 -24.38 -40.66 -26.77
N GLY A 265 -24.67 -39.53 -26.14
CA GLY A 265 -23.66 -38.53 -25.81
C GLY A 265 -22.86 -37.90 -26.95
N ARG A 266 -23.34 -38.00 -28.17
CA ARG A 266 -22.64 -37.32 -29.26
C ARG A 266 -22.74 -35.80 -29.12
N SER A 267 -23.81 -35.32 -28.50
CA SER A 267 -24.10 -33.87 -28.34
C SER A 267 -24.58 -33.59 -26.95
N ARG A 268 -24.66 -32.31 -26.61
CA ARG A 268 -25.24 -31.91 -25.33
C ARG A 268 -26.75 -31.92 -25.37
N ILE A 269 -27.36 -32.23 -24.26
CA ILE A 269 -28.80 -32.25 -24.16
C ILE A 269 -29.21 -31.08 -23.29
N GLU A 270 -30.24 -30.38 -23.71
CA GLU A 270 -30.89 -29.34 -22.93
C GLU A 270 -32.38 -29.63 -22.87
N CYS A 271 -33.00 -29.41 -21.71
CA CYS A 271 -34.45 -29.46 -21.60
C CYS A 271 -35.11 -28.11 -21.42
N SER A 272 -36.34 -28.00 -21.91
CA SER A 272 -37.03 -26.73 -21.84
C SER A 272 -38.52 -26.87 -21.97
N GLY A 273 -39.22 -25.84 -21.51
CA GLY A 273 -40.65 -25.78 -21.57
C GLY A 273 -41.34 -26.28 -20.31
N ASN A 274 -42.31 -25.49 -19.86
CA ASN A 274 -43.04 -25.82 -18.67
C ASN A 274 -42.09 -26.03 -17.48
N ILE A 275 -41.05 -25.23 -17.38
CA ILE A 275 -40.12 -25.36 -16.26
C ILE A 275 -40.38 -24.21 -15.31
N ASP A 276 -41.19 -24.46 -14.29
CA ASP A 276 -41.46 -23.51 -13.21
C ASP A 276 -40.82 -23.98 -11.90
N MET A 277 -41.04 -23.22 -10.83
CA MET A 277 -40.53 -23.52 -9.50
C MET A 277 -40.76 -24.97 -9.11
N THR A 278 -41.97 -25.44 -9.37
CA THR A 278 -42.44 -26.75 -8.88
C THR A 278 -42.18 -27.94 -9.82
N THR A 279 -42.13 -27.68 -11.12
CA THR A 279 -41.86 -28.71 -12.11
C THR A 279 -40.41 -29.18 -12.09
N ILE A 280 -39.50 -28.22 -12.04
CA ILE A 280 -38.07 -28.45 -12.31
C ILE A 280 -37.51 -29.74 -11.72
N SER A 281 -38.00 -30.13 -10.56
CA SER A 281 -37.55 -31.35 -9.83
C SER A 281 -37.66 -32.71 -10.57
N ARG A 282 -38.48 -32.79 -11.59
CA ARG A 282 -38.57 -34.03 -12.43
C ARG A 282 -37.28 -34.43 -13.15
N PHE A 283 -36.47 -33.43 -13.47
CA PHE A 283 -35.19 -33.66 -14.17
C PHE A 283 -34.10 -34.23 -13.29
N ARG A 284 -34.29 -34.13 -11.98
CA ARG A 284 -33.32 -34.67 -11.06
C ARG A 284 -32.99 -36.12 -11.38
N GLY A 285 -31.71 -36.37 -11.65
CA GLY A 285 -31.20 -37.74 -11.90
C GLY A 285 -31.00 -38.12 -13.35
N LEU A 286 -31.43 -37.28 -14.27
CA LEU A 286 -31.17 -37.52 -15.68
C LEU A 286 -29.76 -37.13 -16.07
N ALA A 287 -29.34 -37.69 -17.20
CA ALA A 287 -28.03 -37.37 -17.81
C ALA A 287 -28.10 -36.29 -18.91
N ILE A 288 -29.12 -35.45 -18.84
CA ILE A 288 -29.12 -34.15 -19.53
C ILE A 288 -28.03 -33.28 -18.92
N ASP A 289 -27.65 -32.25 -19.64
CA ASP A 289 -26.56 -31.37 -19.22
C ASP A 289 -27.05 -30.10 -18.54
N TYR A 290 -28.11 -29.53 -19.09
CA TYR A 290 -28.77 -28.39 -18.47
C TYR A 290 -30.21 -28.19 -18.86
N VAL A 291 -31.04 -27.81 -17.90
CA VAL A 291 -32.34 -27.26 -18.19
C VAL A 291 -32.20 -25.76 -18.33
N SER A 292 -33.16 -25.11 -18.97
CA SER A 292 -33.16 -23.63 -19.11
C SER A 292 -34.57 -23.06 -18.98
N SER A 293 -34.63 -21.83 -18.48
CA SER A 293 -35.88 -21.16 -18.14
C SER A 293 -35.91 -19.67 -18.46
N GLY A 294 -37.11 -19.22 -18.80
CA GLY A 294 -37.40 -17.80 -19.02
C GLY A 294 -37.57 -17.11 -17.69
N SER A 295 -38.63 -17.51 -17.00
CA SER A 295 -39.13 -16.83 -15.78
C SER A 295 -38.05 -16.19 -14.87
N LEU A 296 -36.95 -16.89 -14.69
CA LEU A 296 -35.77 -16.33 -14.00
C LEU A 296 -35.50 -14.85 -14.26
N THR A 297 -35.53 -14.47 -15.51
CA THR A 297 -35.33 -13.07 -15.93
C THR A 297 -36.67 -12.25 -16.00
N HIS A 298 -37.67 -12.77 -16.70
CA HIS A 298 -38.88 -11.98 -17.01
C HIS A 298 -39.95 -11.96 -15.92
N SER A 299 -40.01 -13.01 -15.10
CA SER A 299 -41.07 -13.16 -14.07
C SER A 299 -40.52 -13.33 -12.66
N ALA A 300 -39.68 -12.38 -12.26
CA ALA A 300 -38.98 -12.45 -10.98
C ALA A 300 -39.51 -11.41 -10.05
N LYS A 301 -40.13 -11.83 -8.95
CA LYS A 301 -40.48 -10.93 -7.83
C LYS A 301 -39.17 -10.29 -7.32
N SER A 302 -39.15 -8.97 -7.16
CA SER A 302 -37.92 -8.28 -6.74
C SER A 302 -37.86 -8.34 -5.23
N LEU A 303 -36.65 -8.43 -4.72
CA LEU A 303 -36.37 -8.52 -3.29
C LEU A 303 -36.60 -7.15 -2.69
N ASP A 304 -36.82 -7.15 -1.39
CA ASP A 304 -37.03 -5.90 -0.64
C ASP A 304 -35.81 -5.51 0.18
N PHE A 305 -35.44 -4.25 0.08
CA PHE A 305 -34.46 -3.64 0.99
C PHE A 305 -35.06 -2.37 1.51
N SER A 306 -34.36 -1.67 2.39
CA SER A 306 -34.78 -0.34 2.77
C SER A 306 -33.64 0.49 3.36
N MET A 307 -33.80 1.80 3.27
CA MET A 307 -32.80 2.73 3.78
C MET A 307 -33.37 3.54 4.91
N LYS A 308 -33.09 3.05 6.09
CA LYS A 308 -33.58 3.65 7.30
C LYS A 308 -32.37 3.92 8.13
N GLY A 309 -32.51 4.76 9.11
CA GLY A 309 -31.44 4.98 10.11
C GLY A 309 -30.50 6.10 9.71
N LEU A 310 -31.08 7.19 9.23
CA LEU A 310 -30.37 8.40 8.89
C LEU A 310 -30.01 9.13 10.17
N THR A 311 -28.75 9.52 10.29
CA THR A 311 -28.27 10.34 11.41
C THR A 311 -27.04 11.11 10.99
N TYR A 312 -26.89 12.31 11.54
CA TYR A 312 -25.74 13.18 11.21
C TYR A 312 -24.50 12.72 11.90
N LEU A 313 -23.35 12.81 11.22
CA LEU A 313 -22.04 12.47 11.80
C LEU A 313 -21.46 13.64 12.56
N ASP A 314 -20.83 13.33 13.70
CA ASP A 314 -19.91 14.24 14.47
C ASP A 314 -20.17 15.76 14.38
N SER B 30 14.41 15.56 14.85
CA SER B 30 13.06 16.21 14.71
C SER B 30 11.89 15.33 15.26
N THR B 31 12.16 14.51 16.27
CA THR B 31 11.32 13.33 16.55
C THR B 31 10.72 13.48 17.93
N ASP B 32 9.41 13.65 17.98
CA ASP B 32 8.66 13.76 19.25
C ASP B 32 8.45 12.44 19.87
N LEU B 33 7.72 12.46 20.97
CA LEU B 33 7.19 11.25 21.58
C LEU B 33 5.73 10.94 21.21
N THR B 34 5.47 9.69 20.82
CA THR B 34 4.11 9.24 20.47
C THR B 34 3.32 9.20 21.77
N PRO B 35 2.01 9.44 21.70
CA PRO B 35 1.21 9.18 22.86
C PRO B 35 1.32 7.75 23.35
N PHE B 36 1.29 6.76 22.45
CA PHE B 36 1.38 5.34 22.87
C PHE B 36 2.57 5.05 23.79
N GLN B 37 3.73 5.59 23.45
CA GLN B 37 4.92 5.55 24.33
C GLN B 37 4.74 6.08 25.78
N ILE B 38 4.11 7.25 25.91
CA ILE B 38 4.05 8.00 27.18
C ILE B 38 2.75 7.97 28.00
N ASP B 39 1.61 7.74 27.35
CA ASP B 39 0.29 7.76 28.02
C ASP B 39 0.27 7.09 29.40
N ASP B 40 0.66 5.82 29.47
CA ASP B 40 0.58 5.11 30.76
C ASP B 40 1.42 5.75 31.91
N THR B 41 2.53 6.42 31.59
CA THR B 41 3.34 7.14 32.59
C THR B 41 2.65 8.38 33.12
N LEU B 42 2.12 9.16 32.21
CA LEU B 42 1.39 10.37 32.57
C LEU B 42 0.13 10.10 33.37
N LYS B 43 -0.60 9.07 32.98
CA LYS B 43 -1.82 8.67 33.70
C LYS B 43 -1.52 8.34 35.16
N ALA B 44 -0.41 7.71 35.43
CA ALA B 44 -0.02 7.41 36.81
C ALA B 44 0.39 8.65 37.57
N ALA B 45 1.03 9.56 36.88
CA ALA B 45 1.42 10.86 37.46
C ALA B 45 0.20 11.69 37.86
N LEU B 46 -0.90 11.56 37.14
CA LEU B 46 -2.14 12.26 37.48
C LEU B 46 -2.85 11.60 38.64
N ARG B 47 -2.90 10.29 38.63
CA ARG B 47 -3.47 9.59 39.77
C ARG B 47 -2.67 9.98 40.99
N GLU B 48 -1.36 9.95 40.86
CA GLU B 48 -0.47 10.30 41.98
C GLU B 48 -0.93 11.61 42.63
N ASP B 49 -1.10 12.63 41.80
CA ASP B 49 -1.35 14.00 42.25
C ASP B 49 -2.81 14.25 42.66
N VAL B 50 -3.71 13.34 42.29
CA VAL B 50 -5.16 13.55 42.49
C VAL B 50 -5.80 12.27 42.99
N HIS B 51 -5.55 11.93 44.23
CA HIS B 51 -5.99 10.64 44.74
C HIS B 51 -7.53 10.53 44.89
N SER B 52 -8.16 11.61 45.33
CA SER B 52 -9.62 11.63 45.56
C SER B 52 -10.30 12.63 44.64
N GLU B 53 -9.89 13.89 44.72
CA GLU B 53 -10.36 15.00 43.86
C GLU B 53 -9.55 16.25 44.22
N ASP B 54 -9.62 17.29 43.40
CA ASP B 54 -8.95 18.55 43.74
C ASP B 54 -9.90 19.43 44.58
N TYR B 55 -9.89 19.26 45.91
CA TYR B 55 -10.84 19.98 46.79
C TYR B 55 -10.69 21.49 46.69
N SER B 56 -9.44 21.94 46.78
CA SER B 56 -9.09 23.37 46.65
C SER B 56 -9.68 24.03 45.38
N THR B 57 -9.55 23.37 44.24
CA THR B 57 -10.09 23.84 42.96
C THR B 57 -11.60 23.68 42.87
N ASN B 58 -12.10 22.50 43.16
CA ASN B 58 -13.55 22.20 43.02
C ASN B 58 -14.48 22.96 43.97
N ALA B 59 -13.93 23.45 45.06
CA ALA B 59 -14.67 24.27 46.02
C ALA B 59 -15.02 25.65 45.48
N ILE B 60 -14.07 26.20 44.74
CA ILE B 60 -14.14 27.56 44.25
C ILE B 60 -14.68 27.66 42.84
N PHE B 61 -14.46 26.67 42.01
CA PHE B 61 -14.89 26.75 40.63
C PHE B 61 -15.78 25.60 40.24
N ASP B 62 -17.01 25.67 40.74
CA ASP B 62 -18.03 24.72 40.34
C ASP B 62 -18.41 25.00 38.89
N HIS B 63 -17.99 26.16 38.41
CA HIS B 63 -18.24 26.58 37.03
C HIS B 63 -17.83 25.49 36.05
N HIS B 64 -18.71 25.20 35.10
CA HIS B 64 -18.42 24.32 34.03
C HIS B 64 -17.94 25.27 32.99
N GLY B 65 -17.87 26.53 33.40
CA GLY B 65 -17.39 27.63 32.55
C GLY B 65 -15.93 27.47 32.17
N GLN B 66 -15.48 28.33 31.25
CA GLN B 66 -14.17 28.21 30.61
C GLN B 66 -13.25 29.41 30.52
N ALA B 67 -11.96 29.10 30.54
CA ALA B 67 -10.90 30.10 30.70
C ALA B 67 -9.65 29.82 29.86
N LYS B 68 -8.82 30.83 29.79
CA LYS B 68 -7.53 30.77 29.11
C LYS B 68 -6.45 31.02 30.15
N VAL B 69 -5.35 30.29 30.01
CA VAL B 69 -4.18 30.47 30.86
C VAL B 69 -2.95 30.48 30.00
N SER B 70 -2.01 31.31 30.36
CA SER B 70 -0.77 31.50 29.60
C SER B 70 0.40 30.82 30.30
N LEU B 71 1.11 29.99 29.56
CA LEU B 71 2.38 29.37 30.02
C LEU B 71 3.57 30.27 29.67
N PHE B 72 4.19 30.86 30.68
CA PHE B 72 5.37 31.72 30.49
C PHE B 72 6.64 30.99 30.89
N ALA B 73 7.68 31.11 30.08
CA ALA B 73 9.03 30.69 30.51
C ALA B 73 9.56 31.79 31.40
N LYS B 74 10.07 31.43 32.56
CA LYS B 74 10.58 32.40 33.51
C LYS B 74 12.09 32.31 33.62
N GLU B 75 12.72 31.62 32.68
CA GLU B 75 14.18 31.43 32.67
C GLU B 75 14.73 31.12 31.30
N ALA B 76 16.00 31.47 31.11
CA ALA B 76 16.69 31.25 29.85
C ALA B 76 17.14 29.80 29.74
N GLY B 77 16.91 29.21 28.58
CA GLY B 77 17.27 27.81 28.36
C GLY B 77 16.69 27.26 27.08
N VAL B 78 16.48 25.96 27.06
CA VAL B 78 15.96 25.25 25.89
C VAL B 78 14.65 24.56 26.22
N LEU B 79 13.72 24.60 25.30
CA LEU B 79 12.39 24.00 25.53
C LEU B 79 12.45 22.54 25.15
N ALA B 80 11.91 21.70 26.02
CA ALA B 80 11.77 20.27 25.75
C ALA B 80 10.52 19.72 26.37
N GLY B 81 9.93 18.76 25.68
CA GLY B 81 8.70 18.07 26.14
C GLY B 81 7.49 18.97 26.25
N LEU B 82 7.25 19.72 25.20
CA LEU B 82 6.08 20.59 25.12
C LEU B 82 4.87 19.76 24.77
N THR B 83 5.07 18.77 23.92
CA THR B 83 4.01 17.79 23.57
C THR B 83 3.55 16.98 24.77
N VAL B 84 4.48 16.76 25.67
CA VAL B 84 4.21 16.04 26.90
C VAL B 84 3.36 16.89 27.82
N PHE B 85 3.74 18.14 27.98
CA PHE B 85 2.92 19.15 28.68
C PHE B 85 1.46 19.16 28.19
N GLN B 86 1.29 19.21 26.89
CA GLN B 86 -0.04 19.19 26.27
C GLN B 86 -0.79 17.89 26.46
N ARG B 87 -0.09 16.77 26.36
CA ARG B 87 -0.71 15.45 26.54
C ARG B 87 -1.21 15.23 27.95
N VAL B 88 -0.59 15.86 28.92
CA VAL B 88 -1.11 15.78 30.29
C VAL B 88 -2.51 16.41 30.40
N PHE B 89 -2.69 17.58 29.83
CA PHE B 89 -4.00 18.22 29.87
C PHE B 89 -5.06 17.44 29.17
N THR B 90 -4.73 16.93 27.99
CA THR B 90 -5.74 16.23 27.15
C THR B 90 -6.17 14.90 27.76
N LEU B 91 -5.30 14.29 28.55
CA LEU B 91 -5.61 13.00 29.20
C LEU B 91 -6.55 13.19 30.35
N PHE B 92 -6.40 14.30 31.06
CA PHE B 92 -7.33 14.68 32.12
C PHE B 92 -8.70 15.03 31.50
N ASP B 93 -8.68 15.89 30.49
CA ASP B 93 -9.87 16.47 29.83
C ASP B 93 -9.61 16.56 28.31
N ALA B 94 -10.30 15.74 27.52
CA ALA B 94 -10.16 15.75 26.04
C ALA B 94 -10.56 17.10 25.41
N GLU B 95 -11.60 17.74 25.97
CA GLU B 95 -12.12 19.04 25.47
C GLU B 95 -11.18 20.28 25.66
N VAL B 96 -10.00 20.09 26.23
CA VAL B 96 -8.98 21.16 26.36
C VAL B 96 -8.24 21.38 25.03
N THR B 97 -7.92 22.64 24.76
CA THR B 97 -7.29 23.08 23.51
C THR B 97 -6.10 24.03 23.74
N PHE B 98 -5.33 24.30 22.68
CA PHE B 98 -4.05 25.02 22.80
C PHE B 98 -3.72 26.00 21.69
N GLN B 99 -3.73 27.28 22.01
CA GLN B 99 -3.16 28.28 21.11
C GLN B 99 -1.65 28.36 21.34
N ASN B 100 -0.90 28.40 20.24
CA ASN B 100 0.55 28.62 20.26
C ASN B 100 0.93 29.78 19.37
N PRO B 101 0.98 31.01 19.94
CA PRO B 101 1.13 32.18 19.08
C PRO B 101 2.48 32.30 18.40
N HIS B 102 3.55 31.89 19.09
CA HIS B 102 4.89 32.05 18.51
C HIS B 102 5.46 30.83 17.78
N GLN B 103 4.60 29.85 17.52
CA GLN B 103 5.01 28.57 16.90
C GLN B 103 6.24 27.94 17.63
N PHE B 104 6.27 28.05 18.96
CA PHE B 104 7.33 27.43 19.77
C PHE B 104 7.31 25.91 19.67
N LYS B 105 8.47 25.32 19.47
CA LYS B 105 8.61 23.88 19.44
C LYS B 105 9.77 23.43 20.33
N ASP B 106 9.83 22.14 20.57
CA ASP B 106 10.92 21.58 21.36
C ASP B 106 12.23 21.83 20.62
N GLY B 107 13.24 22.16 21.39
CA GLY B 107 14.56 22.46 20.85
C GLY B 107 14.75 23.92 20.54
N ASP B 108 13.70 24.70 20.61
CA ASP B 108 13.76 26.14 20.43
C ASP B 108 14.36 26.74 21.67
N ARG B 109 15.03 27.88 21.55
CA ARG B 109 15.65 28.50 22.72
C ARG B 109 14.70 29.55 23.40
N LEU B 110 14.77 29.62 24.72
CA LEU B 110 13.87 30.44 25.52
C LEU B 110 14.64 31.58 26.12
N THR B 111 13.90 32.53 26.62
CA THR B 111 14.40 33.53 27.57
C THR B 111 13.27 33.95 28.46
N SER B 112 13.61 34.57 29.58
CA SER B 112 12.62 35.00 30.53
C SER B 112 11.54 35.92 29.91
N GLY B 113 10.31 35.70 30.34
CA GLY B 113 9.14 36.47 29.88
C GLY B 113 8.47 36.00 28.60
N ASP B 114 8.87 34.82 28.09
CA ASP B 114 8.35 34.34 26.78
C ASP B 114 7.03 33.58 26.85
N LEU B 115 6.05 33.95 26.01
CA LEU B 115 4.74 33.27 25.96
C LEU B 115 4.82 32.02 25.07
N VAL B 116 5.00 30.88 25.73
CA VAL B 116 5.23 29.61 25.04
C VAL B 116 3.91 29.05 24.53
N LEU B 117 2.97 28.90 25.45
CA LEU B 117 1.65 28.37 25.16
C LEU B 117 0.52 29.14 25.82
N GLU B 118 -0.65 29.13 25.19
CA GLU B 118 -1.90 29.50 25.84
C GLU B 118 -2.77 28.27 25.86
N ILE B 119 -3.45 28.07 26.99
CA ILE B 119 -4.16 26.84 27.29
C ILE B 119 -5.61 27.18 27.59
N ILE B 120 -6.52 26.65 26.78
CA ILE B 120 -7.95 26.96 26.89
C ILE B 120 -8.82 25.75 27.20
N GLY B 121 -9.67 25.89 28.20
CA GLY B 121 -10.61 24.84 28.53
C GLY B 121 -11.26 25.11 29.85
N SER B 122 -11.92 24.08 30.36
CA SER B 122 -12.61 24.17 31.66
C SER B 122 -11.66 24.60 32.77
N VAL B 123 -12.14 25.42 33.71
CA VAL B 123 -11.26 26.05 34.73
C VAL B 123 -10.67 25.01 35.64
N ARG B 124 -11.44 24.00 35.98
CA ARG B 124 -10.93 22.92 36.82
C ARG B 124 -9.88 22.11 36.11
N SER B 125 -10.17 21.78 34.87
CA SER B 125 -9.23 21.02 34.06
C SER B 125 -7.85 21.72 33.91
N LEU B 126 -7.83 23.05 33.94
CA LEU B 126 -6.58 23.81 33.85
C LEU B 126 -5.85 23.88 35.17
N LEU B 127 -6.56 24.24 36.21
CA LEU B 127 -5.96 24.40 37.55
C LEU B 127 -5.54 23.11 38.22
N THR B 128 -6.08 21.97 37.80
CA THR B 128 -5.83 20.69 38.48
C THR B 128 -4.54 20.02 37.97
N CYS B 129 -4.50 19.76 36.69
CA CYS B 129 -3.34 19.07 36.11
C CYS B 129 -2.22 20.01 35.65
N GLU B 130 -2.22 21.25 36.14
CA GLU B 130 -1.17 22.25 35.83
C GLU B 130 0.15 21.84 36.45
N ARG B 131 0.10 21.52 37.72
CA ARG B 131 1.31 21.10 38.42
C ARG B 131 1.98 19.92 37.72
N VAL B 132 1.22 18.89 37.41
CA VAL B 132 1.81 17.66 36.85
C VAL B 132 2.46 17.93 35.52
N ALA B 133 1.82 18.74 34.69
CA ALA B 133 2.40 19.11 33.40
C ALA B 133 3.68 19.92 33.57
N LEU B 134 3.61 20.96 34.39
CA LEU B 134 4.79 21.78 34.71
C LEU B 134 5.97 20.95 35.20
N ASN B 135 5.70 19.98 36.07
CA ASN B 135 6.75 19.07 36.52
C ASN B 135 7.48 18.33 35.39
N PHE B 136 6.77 17.88 34.38
CA PHE B 136 7.44 17.21 33.24
C PHE B 136 8.19 18.24 32.42
N LEU B 137 7.50 19.31 32.06
CA LEU B 137 8.08 20.38 31.23
C LEU B 137 9.34 20.95 31.88
N GLN B 138 9.24 21.29 33.15
CA GLN B 138 10.37 21.84 33.90
C GLN B 138 11.55 20.88 33.87
N HIS B 139 11.30 19.68 34.34
CA HIS B 139 12.31 18.63 34.40
C HIS B 139 13.01 18.36 33.06
N LEU B 140 12.24 18.24 31.98
CA LEU B 140 12.79 17.87 30.65
C LEU B 140 13.55 19.01 30.04
N SER B 141 12.92 20.17 30.03
CA SER B 141 13.57 21.40 29.57
C SER B 141 14.87 21.71 30.35
N GLY B 142 14.96 21.23 31.56
CA GLY B 142 16.17 21.34 32.36
C GLY B 142 17.29 20.54 31.75
N ILE B 143 17.01 19.27 31.48
CA ILE B 143 17.99 18.35 30.94
C ILE B 143 18.45 18.86 29.61
N ALA B 144 17.50 19.23 28.77
CA ALA B 144 17.84 19.71 27.44
C ALA B 144 18.78 20.92 27.54
N SER B 145 18.39 21.88 28.36
CA SER B 145 19.16 23.09 28.58
C SER B 145 20.58 22.79 29.00
N MET B 146 20.70 21.90 29.97
CA MET B 146 22.01 21.55 30.51
C MET B 146 22.86 20.89 29.44
N THR B 147 22.29 19.96 28.68
CA THR B 147 22.98 19.33 27.54
C THR B 147 23.57 20.40 26.61
N ALA B 148 22.70 21.31 26.20
CA ALA B 148 23.08 22.40 25.30
C ALA B 148 24.23 23.24 25.81
N ALA B 149 24.23 23.46 27.11
CA ALA B 149 25.32 24.18 27.77
C ALA B 149 26.64 23.44 27.62
N TYR B 150 26.62 22.13 27.82
CA TYR B 150 27.82 21.27 27.71
C TYR B 150 28.31 21.23 26.31
N VAL B 151 27.38 21.16 25.38
CA VAL B 151 27.72 21.08 23.96
C VAL B 151 28.42 22.37 23.49
N GLU B 152 27.86 23.51 23.89
CA GLU B 152 28.45 24.81 23.56
C GLU B 152 29.75 25.06 24.34
N ALA B 153 29.75 24.68 25.59
CA ALA B 153 30.96 24.75 26.41
C ALA B 153 32.10 23.88 25.90
N LEU B 154 31.79 22.75 25.28
CA LEU B 154 32.82 21.84 24.74
C LEU B 154 33.53 22.55 23.59
N GLY B 155 32.73 23.04 22.66
CA GLY B 155 33.23 23.85 21.56
C GLY B 155 33.57 23.01 20.36
N ASP B 156 34.36 21.95 20.54
CA ASP B 156 34.68 20.99 19.44
C ASP B 156 33.39 20.27 19.05
N ASP B 157 33.06 20.31 17.76
CA ASP B 157 31.86 19.70 17.23
C ASP B 157 32.14 18.49 16.31
N ARG B 158 33.40 18.09 16.22
CA ARG B 158 33.72 16.70 15.85
C ARG B 158 33.48 15.78 17.04
N ILE B 159 33.64 16.31 18.25
CA ILE B 159 33.42 15.54 19.49
C ILE B 159 31.98 15.72 19.95
N LYS B 160 31.35 14.62 20.30
CA LYS B 160 29.92 14.60 20.62
C LYS B 160 29.70 14.34 22.07
N VAL B 161 28.53 14.74 22.57
CA VAL B 161 28.23 14.62 24.00
C VAL B 161 27.11 13.63 24.20
N PHE B 162 27.47 12.51 24.80
CA PHE B 162 26.54 11.40 25.04
C PHE B 162 26.09 11.42 26.47
N ASP B 163 25.06 10.62 26.72
CA ASP B 163 24.50 10.45 28.04
C ASP B 163 24.70 9.01 28.53
N THR B 164 24.00 8.65 29.59
CA THR B 164 24.17 7.34 30.21
C THR B 164 22.83 6.75 30.68
N ARG B 165 22.92 5.57 31.25
CA ARG B 165 21.80 5.00 32.03
C ARG B 165 21.74 5.55 33.47
N LYS B 166 22.64 6.43 33.89
CA LYS B 166 22.43 7.17 35.14
C LYS B 166 21.25 8.09 34.89
N THR B 167 20.08 7.68 35.36
CA THR B 167 18.82 8.41 35.06
C THR B 167 17.95 8.25 36.27
N THR B 168 17.00 9.17 36.44
CA THR B 168 15.97 9.00 37.47
C THR B 168 15.04 7.88 37.01
N PRO B 169 14.75 6.90 37.88
CA PRO B 169 14.12 5.68 37.43
C PRO B 169 12.69 5.84 36.92
N ASN B 170 12.35 4.95 35.98
CA ASN B 170 11.08 4.96 35.22
C ASN B 170 10.79 6.25 34.45
N LEU B 171 11.83 6.89 33.98
CA LEU B 171 11.66 8.05 33.13
C LEU B 171 12.76 8.10 32.14
N ARG B 172 13.29 6.96 31.77
CA ARG B 172 14.52 6.96 30.99
C ARG B 172 14.22 7.41 29.58
N LEU B 173 13.12 6.90 29.08
CA LEU B 173 12.60 7.26 27.76
C LEU B 173 12.57 8.76 27.52
N PHE B 174 12.02 9.47 28.50
CA PHE B 174 11.81 10.94 28.44
C PHE B 174 13.15 11.66 28.54
N GLU B 175 13.89 11.36 29.59
CA GLU B 175 15.21 11.96 29.82
C GLU B 175 16.16 11.84 28.59
N LYS B 176 16.16 10.69 27.92
CA LYS B 176 16.99 10.48 26.70
C LYS B 176 16.52 11.31 25.52
N TYR B 177 15.20 11.50 25.42
CA TYR B 177 14.63 12.46 24.44
C TYR B 177 15.11 13.91 24.70
N ALA B 178 15.13 14.32 25.96
CA ALA B 178 15.59 15.67 26.35
C ALA B 178 17.04 15.90 25.95
N VAL B 179 17.87 14.88 26.08
CA VAL B 179 19.27 14.94 25.66
C VAL B 179 19.42 15.10 24.15
N ARG B 180 18.57 14.41 23.38
CA ARG B 180 18.58 14.53 21.93
C ARG B 180 18.22 15.97 21.56
N VAL B 181 17.13 16.46 22.16
CA VAL B 181 16.64 17.83 21.98
C VAL B 181 17.74 18.86 22.27
N GLY B 182 18.48 18.64 23.35
CA GLY B 182 19.56 19.55 23.75
C GLY B 182 20.88 19.58 22.97
N GLY B 183 21.01 18.75 21.94
CA GLY B 183 22.23 18.70 21.09
C GLY B 183 23.06 17.45 21.30
N GLY B 184 22.69 16.70 22.33
CA GLY B 184 23.42 15.50 22.71
C GLY B 184 22.99 14.31 21.90
N TYR B 185 23.56 13.16 22.25
CA TYR B 185 23.23 11.90 21.63
C TYR B 185 23.03 10.86 22.69
N ASN B 186 22.47 9.74 22.26
CA ASN B 186 22.11 8.68 23.18
C ASN B 186 23.04 7.46 23.15
N HIS B 187 23.38 6.98 24.34
CA HIS B 187 24.12 5.75 24.52
C HIS B 187 23.09 4.68 24.58
N ARG B 188 23.54 3.45 24.68
CA ARG B 188 22.63 2.31 24.87
C ARG B 188 21.58 2.57 25.93
N PHE B 189 20.36 2.21 25.57
CA PHE B 189 19.16 2.41 26.37
C PHE B 189 19.04 1.52 27.57
N ASN B 190 19.50 0.31 27.40
CA ASN B 190 19.48 -0.63 28.49
C ASN B 190 20.59 -1.67 28.33
N LEU B 191 20.58 -2.68 29.20
CA LEU B 191 21.60 -3.72 29.18
C LEU B 191 21.55 -4.61 27.97
N SER B 192 20.39 -4.65 27.33
CA SER B 192 20.16 -5.48 26.15
C SER B 192 20.58 -4.85 24.84
N ASP B 193 21.03 -3.60 24.85
CA ASP B 193 21.31 -2.89 23.60
C ASP B 193 22.71 -3.27 23.08
N ALA B 194 23.70 -2.93 23.87
CA ALA B 194 25.11 -3.22 23.56
C ALA B 194 25.73 -4.05 24.65
N ILE B 195 26.94 -4.53 24.38
CA ILE B 195 27.76 -5.23 25.36
C ILE B 195 28.78 -4.21 25.85
N MET B 196 28.64 -3.73 27.07
CA MET B 196 29.60 -2.83 27.66
C MET B 196 30.23 -3.62 28.77
N LEU B 197 31.54 -3.77 28.70
CA LEU B 197 32.33 -4.45 29.73
C LEU B 197 32.99 -3.44 30.68
N LYS B 198 32.35 -3.18 31.83
CA LYS B 198 32.92 -2.42 32.97
C LYS B 198 34.08 -3.15 33.66
N ASP B 199 34.79 -2.41 34.51
CA ASP B 199 35.94 -2.94 35.30
C ASP B 199 35.65 -4.17 36.20
N ASN B 200 34.41 -4.27 36.69
CA ASN B 200 33.94 -5.46 37.42
C ASN B 200 34.00 -6.70 36.54
N HIS B 201 33.35 -6.58 35.40
CA HIS B 201 33.29 -7.65 34.40
C HIS B 201 34.71 -8.20 34.07
N ILE B 202 35.69 -7.30 33.90
CA ILE B 202 37.05 -7.70 33.53
C ILE B 202 37.70 -8.40 34.71
N ALA B 203 37.55 -7.80 35.89
CA ALA B 203 38.03 -8.39 37.16
C ALA B 203 37.50 -9.82 37.35
N ALA B 204 36.24 -10.04 36.99
CA ALA B 204 35.58 -11.36 37.06
C ALA B 204 36.12 -12.44 36.10
N VAL B 205 36.48 -12.09 34.87
CA VAL B 205 37.19 -13.05 33.99
C VAL B 205 38.72 -13.02 34.20
N GLY B 206 39.23 -11.92 34.73
CA GLY B 206 40.68 -11.73 35.02
C GLY B 206 41.39 -10.97 33.92
N SER B 207 41.30 -11.50 32.70
CA SER B 207 41.90 -10.90 31.53
C SER B 207 40.92 -9.96 30.81
N VAL B 208 41.45 -9.09 29.97
CA VAL B 208 40.62 -8.30 29.06
C VAL B 208 40.46 -9.05 27.73
N GLN B 209 41.60 -9.46 27.13
CA GLN B 209 41.63 -10.28 25.90
C GLN B 209 40.64 -11.46 26.00
N LYS B 210 40.59 -12.10 27.16
CA LYS B 210 39.67 -13.23 27.47
C LYS B 210 38.23 -12.79 27.67
N ALA B 211 38.03 -11.66 28.34
CA ALA B 211 36.67 -11.12 28.56
C ALA B 211 35.94 -10.78 27.26
N ILE B 212 36.66 -10.16 26.35
CA ILE B 212 36.12 -9.70 25.08
C ILE B 212 35.78 -10.86 24.18
N ALA B 213 36.76 -11.76 24.01
CA ALA B 213 36.54 -13.04 23.29
C ALA B 213 35.26 -13.77 23.74
N GLN B 214 35.08 -13.75 25.05
CA GLN B 214 33.92 -14.37 25.69
C GLN B 214 32.59 -13.66 25.38
N ALA B 215 32.64 -12.34 25.29
CA ALA B 215 31.46 -11.54 24.90
C ALA B 215 31.08 -11.78 23.44
N ARG B 216 32.07 -11.65 22.58
CA ARG B 216 31.93 -11.91 21.14
C ARG B 216 31.45 -13.31 20.77
N ALA B 217 31.89 -14.27 21.54
CA ALA B 217 31.33 -15.62 21.48
C ALA B 217 29.82 -15.66 21.74
N TYR B 218 29.38 -14.98 22.80
CA TYR B 218 28.00 -15.03 23.28
C TYR B 218 27.04 -14.40 22.31
N ALA B 219 27.38 -13.23 21.81
CA ALA B 219 26.54 -12.51 20.85
C ALA B 219 27.46 -12.20 19.71
N PRO B 220 27.41 -12.98 18.61
CA PRO B 220 28.52 -12.85 17.65
C PRO B 220 28.63 -11.60 16.79
N PHE B 221 27.60 -11.22 16.02
CA PHE B 221 27.79 -10.08 15.12
C PHE B 221 26.85 -8.90 15.26
N VAL B 222 25.78 -9.07 16.01
CA VAL B 222 24.79 -8.03 16.10
C VAL B 222 25.01 -7.00 17.24
N LYS B 223 25.95 -7.25 18.15
CA LYS B 223 26.13 -6.38 19.33
C LYS B 223 27.47 -5.69 19.32
N MET B 224 27.42 -4.37 19.46
CA MET B 224 28.63 -3.57 19.70
C MET B 224 29.28 -3.98 20.98
N VAL B 225 30.59 -3.85 21.04
CA VAL B 225 31.35 -4.21 22.22
C VAL B 225 32.23 -3.03 22.67
N GLU B 226 31.85 -2.43 23.80
CA GLU B 226 32.61 -1.37 24.46
C GLU B 226 33.32 -1.91 25.70
N VAL B 227 34.47 -1.31 26.03
CA VAL B 227 35.30 -1.72 27.16
C VAL B 227 35.74 -0.50 27.93
N GLU B 228 35.56 -0.55 29.24
CA GLU B 228 36.12 0.48 30.14
C GLU B 228 37.55 0.17 30.51
N VAL B 229 38.43 1.17 30.48
CA VAL B 229 39.88 0.96 30.66
C VAL B 229 40.53 2.13 31.42
N GLU B 230 41.14 1.82 32.56
CA GLU B 230 41.78 2.81 33.43
C GLU B 230 43.35 2.75 33.42
N SER B 231 43.91 2.14 32.38
CA SER B 231 45.38 2.06 32.18
C SER B 231 45.75 1.98 30.69
N LEU B 232 46.82 2.68 30.31
CA LEU B 232 47.33 2.65 28.91
C LEU B 232 47.59 1.25 28.41
N ALA B 233 48.07 0.42 29.32
CA ALA B 233 48.48 -0.96 29.00
C ALA B 233 47.29 -1.81 28.53
N ALA B 234 46.21 -1.73 29.29
CA ALA B 234 45.00 -2.48 29.00
C ALA B 234 44.25 -1.98 27.75
N ALA B 235 44.43 -0.71 27.41
CA ALA B 235 43.84 -0.10 26.19
C ALA B 235 44.52 -0.65 24.94
N GLU B 236 45.83 -0.84 25.01
CA GLU B 236 46.58 -1.55 23.96
C GLU B 236 45.96 -2.95 23.76
N GLU B 237 45.89 -3.74 24.83
CA GLU B 237 45.39 -5.11 24.73
C GLU B 237 43.99 -5.16 24.14
N ALA B 238 43.16 -4.23 24.59
CA ALA B 238 41.77 -4.17 24.17
C ALA B 238 41.63 -3.83 22.70
N ALA B 239 42.41 -2.87 22.24
CA ALA B 239 42.42 -2.50 20.80
C ALA B 239 42.96 -3.64 19.91
N ALA B 240 43.94 -4.39 20.45
CA ALA B 240 44.48 -5.62 19.84
C ALA B 240 43.39 -6.66 19.54
N ALA B 241 42.65 -7.05 20.56
CA ALA B 241 41.48 -7.97 20.41
C ALA B 241 40.27 -7.36 19.62
N GLY B 242 40.45 -6.14 19.11
CA GLY B 242 39.56 -5.49 18.14
C GLY B 242 38.18 -5.25 18.70
N VAL B 243 38.09 -4.35 19.66
CA VAL B 243 36.78 -3.99 20.21
C VAL B 243 36.28 -2.76 19.51
N ASP B 244 35.00 -2.56 19.58
CA ASP B 244 34.38 -1.50 18.81
C ASP B 244 34.60 -0.11 19.43
N ILE B 245 34.46 -0.02 20.75
CA ILE B 245 34.68 1.22 21.47
C ILE B 245 35.56 0.97 22.66
N ILE B 246 36.48 1.88 22.92
CA ILE B 246 37.30 1.87 24.13
C ILE B 246 36.96 3.08 24.94
N MET B 247 36.63 2.88 26.21
CA MET B 247 36.29 3.99 27.09
C MET B 247 37.44 4.27 28.03
N LEU B 248 38.04 5.44 27.87
CA LEU B 248 39.10 5.92 28.75
C LEU B 248 38.45 6.54 30.00
N ASP B 249 38.39 5.73 31.05
CA ASP B 249 37.78 6.10 32.35
C ASP B 249 38.74 6.95 33.22
N ASN B 250 38.48 8.26 33.21
CA ASN B 250 39.14 9.26 34.09
C ASN B 250 40.65 9.46 33.87
N MET B 251 41.10 9.22 32.64
CA MET B 251 42.52 9.38 32.34
C MET B 251 42.90 10.87 32.19
N SER B 252 44.18 11.13 32.35
CA SER B 252 44.74 12.49 32.21
C SER B 252 44.88 12.87 30.74
N LEU B 253 45.04 14.16 30.49
CA LEU B 253 45.22 14.69 29.13
C LEU B 253 46.48 14.16 28.42
N GLU B 254 47.57 14.04 29.20
CA GLU B 254 48.86 13.49 28.72
C GLU B 254 48.64 12.04 28.29
N GLN B 255 47.85 11.32 29.07
CA GLN B 255 47.54 9.90 28.82
C GLN B 255 46.55 9.67 27.69
N ILE B 256 45.51 10.46 27.64
CA ILE B 256 44.56 10.38 26.53
C ILE B 256 45.32 10.55 25.22
N GLU B 257 46.16 11.58 25.14
CA GLU B 257 46.86 11.87 23.88
C GLU B 257 47.78 10.71 23.50
N GLN B 258 48.44 10.13 24.50
CA GLN B 258 49.23 8.87 24.35
C GLN B 258 48.38 7.70 23.83
N ALA B 259 47.25 7.51 24.48
CA ALA B 259 46.36 6.35 24.21
C ALA B 259 45.65 6.41 22.85
N ILE B 260 45.37 7.60 22.35
CA ILE B 260 44.78 7.76 21.01
C ILE B 260 45.72 7.16 19.94
N THR B 261 46.99 7.58 19.97
CA THR B 261 48.00 7.07 19.02
C THR B 261 48.36 5.59 19.29
N LEU B 262 48.28 5.17 20.55
CA LEU B 262 48.51 3.79 20.94
C LEU B 262 47.39 2.91 20.41
N ILE B 263 46.16 3.39 20.51
CA ILE B 263 45.00 2.73 19.88
C ILE B 263 45.23 2.67 18.39
N ALA B 264 45.73 3.78 17.86
CA ALA B 264 46.08 3.92 16.43
C ALA B 264 44.83 3.75 15.55
N GLY B 265 43.72 4.28 16.04
CA GLY B 265 42.45 4.20 15.34
C GLY B 265 41.88 2.81 15.04
N ARG B 266 42.34 1.78 15.74
CA ARG B 266 41.72 0.44 15.60
C ARG B 266 40.30 0.37 16.23
N SER B 267 40.00 1.32 17.13
CA SER B 267 38.70 1.40 17.81
C SER B 267 38.29 2.83 18.05
N ARG B 268 37.05 3.03 18.46
CA ARG B 268 36.56 4.34 18.87
C ARG B 268 36.99 4.67 20.27
N ILE B 269 37.20 5.95 20.53
CA ILE B 269 37.61 6.37 21.84
C ILE B 269 36.47 7.17 22.43
N GLU B 270 36.22 6.92 23.70
CA GLU B 270 35.27 7.69 24.50
C GLU B 270 35.97 8.15 25.78
N CYS B 271 35.71 9.37 26.21
CA CYS B 271 36.20 9.82 27.51
C CYS B 271 35.13 9.98 28.56
N SER B 272 35.50 9.80 29.81
CA SER B 272 34.52 9.87 30.88
C SER B 272 35.11 10.15 32.21
N GLY B 273 34.26 10.62 33.12
CA GLY B 273 34.66 10.90 34.49
C GLY B 273 35.10 12.32 34.74
N ASN B 274 34.62 12.87 35.83
CA ASN B 274 34.91 14.25 36.18
C ASN B 274 34.59 15.19 35.03
N ILE B 275 33.54 14.89 34.29
CA ILE B 275 33.17 15.75 33.17
C ILE B 275 32.02 16.57 33.67
N ASP B 276 32.32 17.75 34.19
CA ASP B 276 31.26 18.71 34.59
C ASP B 276 31.26 19.90 33.62
N MET B 277 30.41 20.88 33.93
CA MET B 277 30.27 22.10 33.10
C MET B 277 31.60 22.76 32.72
N THR B 278 32.47 22.85 33.71
CA THR B 278 33.74 23.59 33.61
C THR B 278 34.94 22.79 33.10
N THR B 279 34.92 21.49 33.37
CA THR B 279 35.97 20.58 32.90
C THR B 279 35.92 20.32 31.40
N ILE B 280 34.73 20.03 30.90
CA ILE B 280 34.53 19.48 29.53
C ILE B 280 35.40 20.10 28.43
N SER B 281 35.67 21.40 28.54
CA SER B 281 36.50 22.16 27.56
C SER B 281 37.94 21.65 27.32
N ARG B 282 38.51 20.88 28.24
CA ARG B 282 39.85 20.28 28.05
C ARG B 282 39.96 19.32 26.84
N PHE B 283 38.85 18.67 26.51
CA PHE B 283 38.82 17.72 25.38
C PHE B 283 38.83 18.39 24.01
N ARG B 284 38.53 19.68 23.97
CA ARG B 284 38.50 20.39 22.72
C ARG B 284 39.80 20.19 21.98
N GLY B 285 39.69 19.67 20.77
CA GLY B 285 40.85 19.47 19.88
C GLY B 285 41.47 18.08 19.84
N LEU B 286 41.00 17.19 20.70
CA LEU B 286 41.47 15.80 20.65
C LEU B 286 40.77 15.01 19.56
N ALA B 287 41.41 13.90 19.19
CA ALA B 287 40.86 12.93 18.21
C ALA B 287 40.09 11.75 18.86
N ILE B 288 39.58 11.98 20.05
CA ILE B 288 38.48 11.15 20.60
C ILE B 288 37.21 11.37 19.78
N ASP B 289 36.27 10.45 19.92
CA ASP B 289 35.03 10.47 19.13
C ASP B 289 33.84 11.07 19.87
N TYR B 290 33.76 10.73 21.15
CA TYR B 290 32.77 11.34 22.05
C TYR B 290 33.15 11.27 23.52
N VAL B 291 32.85 12.35 24.24
CA VAL B 291 32.82 12.29 25.71
C VAL B 291 31.41 11.90 26.10
N SER B 292 31.25 11.43 27.33
CA SER B 292 29.93 11.09 27.87
C SER B 292 29.85 11.44 29.33
N SER B 293 28.64 11.74 29.75
CA SER B 293 28.42 12.26 31.09
C SER B 293 27.15 11.71 31.71
N GLY B 294 27.23 11.53 33.02
CA GLY B 294 26.08 11.17 33.83
C GLY B 294 25.25 12.41 34.05
N SER B 295 25.83 13.37 34.77
CA SER B 295 25.14 14.59 35.29
C SER B 295 23.99 15.14 34.42
N LEU B 296 24.19 15.19 33.11
CA LEU B 296 23.13 15.53 32.13
C LEU B 296 21.76 14.99 32.52
N THR B 297 21.70 13.71 32.88
CA THR B 297 20.44 13.06 33.29
C THR B 297 20.19 13.14 34.82
N HIS B 298 21.16 12.74 35.64
CA HIS B 298 20.94 12.61 37.11
C HIS B 298 21.09 13.90 37.97
N SER B 299 21.89 14.86 37.52
CA SER B 299 22.16 16.11 38.26
C SER B 299 21.82 17.37 37.47
N ALA B 300 20.58 17.44 37.01
CA ALA B 300 20.13 18.55 36.15
C ALA B 300 19.19 19.43 36.92
N LYS B 301 19.61 20.66 37.16
CA LYS B 301 18.72 21.72 37.67
C LYS B 301 17.59 21.83 36.63
N SER B 302 16.37 21.80 37.12
CA SER B 302 15.23 21.88 36.21
C SER B 302 14.99 23.34 35.90
N LEU B 303 14.53 23.59 34.68
CA LEU B 303 14.20 24.93 34.21
C LEU B 303 12.92 25.39 34.88
N ASP B 304 12.73 26.69 34.88
CA ASP B 304 11.55 27.30 35.48
C ASP B 304 10.57 27.77 34.42
N PHE B 305 9.30 27.43 34.64
CA PHE B 305 8.19 28.01 33.88
C PHE B 305 7.17 28.49 34.87
N SER B 306 6.11 29.09 34.39
CA SER B 306 4.94 29.35 35.24
C SER B 306 3.67 29.55 34.50
N MET B 307 2.58 29.34 35.22
CA MET B 307 1.28 29.50 34.66
C MET B 307 0.56 30.61 35.35
N LYS B 308 0.72 31.78 34.78
CA LYS B 308 0.11 33.01 35.27
C LYS B 308 -0.78 33.51 34.17
N GLY B 309 -1.74 34.36 34.51
CA GLY B 309 -2.59 35.03 33.51
C GLY B 309 -3.88 34.29 33.18
N LEU B 310 -4.51 33.77 34.24
CA LEU B 310 -5.82 33.11 34.14
C LEU B 310 -6.88 34.18 33.94
N THR B 311 -7.74 33.99 32.96
CA THR B 311 -8.90 34.86 32.73
C THR B 311 -9.99 34.10 32.01
N TYR B 312 -11.23 34.44 32.30
CA TYR B 312 -12.37 33.76 31.68
C TYR B 312 -12.60 34.24 30.27
N LEU B 313 -12.94 33.33 29.37
CA LEU B 313 -13.26 33.65 27.97
C LEU B 313 -14.69 34.15 27.88
N ASP B 314 -14.90 35.24 27.11
CA ASP B 314 -16.22 35.85 26.94
C ASP B 314 -17.09 35.04 25.97
N LEU C 33 -3.26 16.06 -28.46
CA LEU C 33 -4.76 16.02 -28.49
C LEU C 33 -5.36 16.11 -27.09
N THR C 34 -6.31 17.02 -26.91
CA THR C 34 -7.03 17.14 -25.63
C THR C 34 -7.91 15.92 -25.48
N PRO C 35 -8.14 15.47 -24.24
CA PRO C 35 -9.19 14.49 -24.04
C PRO C 35 -10.56 14.91 -24.57
N PHE C 36 -11.00 16.13 -24.31
CA PHE C 36 -12.35 16.52 -24.80
C PHE C 36 -12.48 16.24 -26.30
N GLN C 37 -11.51 16.65 -27.09
CA GLN C 37 -11.54 16.34 -28.51
C GLN C 37 -11.86 14.87 -28.85
N ILE C 38 -11.19 13.95 -28.16
CA ILE C 38 -11.13 12.51 -28.58
C ILE C 38 -12.00 11.54 -27.79
N ASP C 39 -12.30 11.89 -26.54
CA ASP C 39 -13.04 10.98 -25.61
C ASP C 39 -14.21 10.25 -26.29
N ASP C 40 -15.13 11.00 -26.88
CA ASP C 40 -16.32 10.37 -27.47
C ASP C 40 -16.04 9.35 -28.59
N THR C 41 -14.95 9.53 -29.33
CA THR C 41 -14.52 8.55 -30.35
C THR C 41 -14.02 7.23 -29.72
N LEU C 42 -13.15 7.37 -28.73
CA LEU C 42 -12.57 6.23 -28.05
C LEU C 42 -13.62 5.40 -27.32
N LYS C 43 -14.55 6.08 -26.67
CA LYS C 43 -15.63 5.41 -25.93
C LYS C 43 -16.45 4.54 -26.86
N ALA C 44 -16.67 5.00 -28.09
CA ALA C 44 -17.43 4.20 -29.06
C ALA C 44 -16.62 3.00 -29.54
N ALA C 45 -15.33 3.21 -29.69
CA ALA C 45 -14.42 2.13 -30.05
C ALA C 45 -14.35 1.02 -28.99
N LEU C 46 -14.51 1.36 -27.73
CA LEU C 46 -14.54 0.37 -26.65
C LEU C 46 -15.88 -0.35 -26.60
N ARG C 47 -16.96 0.39 -26.75
CA ARG C 47 -18.30 -0.21 -26.81
C ARG C 47 -18.40 -1.15 -28.01
N GLU C 48 -17.77 -0.77 -29.11
CA GLU C 48 -17.63 -1.62 -30.30
C GLU C 48 -17.01 -2.99 -29.96
N ASP C 49 -15.86 -2.96 -29.30
CA ASP C 49 -15.04 -4.17 -29.04
C ASP C 49 -15.55 -5.01 -27.87
N VAL C 50 -16.45 -4.47 -27.07
CA VAL C 50 -16.88 -5.11 -25.83
C VAL C 50 -18.39 -4.98 -25.68
N HIS C 51 -19.14 -5.71 -26.48
CA HIS C 51 -20.60 -5.54 -26.51
C HIS C 51 -21.30 -6.04 -25.23
N SER C 52 -20.84 -7.15 -24.68
CA SER C 52 -21.46 -7.76 -23.49
C SER C 52 -20.52 -7.80 -22.30
N GLU C 53 -19.38 -8.45 -22.49
CA GLU C 53 -18.27 -8.49 -21.54
C GLU C 53 -17.09 -9.24 -22.18
N ASP C 54 -15.90 -9.17 -21.58
CA ASP C 54 -14.72 -9.91 -22.11
C ASP C 54 -14.70 -11.31 -21.51
N TYR C 55 -15.39 -12.28 -22.13
CA TYR C 55 -15.54 -13.61 -21.51
C TYR C 55 -14.18 -14.26 -21.32
N SER C 56 -13.40 -14.19 -22.38
CA SER C 56 -12.06 -14.78 -22.40
C SER C 56 -11.21 -14.32 -21.23
N THR C 57 -11.26 -13.03 -20.95
CA THR C 57 -10.50 -12.42 -19.85
C THR C 57 -11.14 -12.70 -18.50
N ASN C 58 -12.43 -12.45 -18.41
CA ASN C 58 -13.13 -12.57 -17.12
C ASN C 58 -13.19 -13.94 -16.56
N ALA C 59 -13.01 -14.92 -17.44
CA ALA C 59 -13.02 -16.30 -17.04
C ALA C 59 -11.78 -16.61 -16.24
N ILE C 60 -10.71 -15.93 -16.56
CA ILE C 60 -9.47 -16.05 -15.77
C ILE C 60 -9.27 -15.07 -14.67
N PHE C 61 -10.27 -14.27 -14.33
CA PHE C 61 -10.06 -13.25 -13.29
C PHE C 61 -9.76 -14.05 -12.03
N ASP C 62 -8.86 -13.51 -11.23
CA ASP C 62 -8.31 -14.11 -10.02
C ASP C 62 -8.47 -13.15 -8.89
N HIS C 63 -7.88 -13.51 -7.77
CA HIS C 63 -7.74 -12.62 -6.66
C HIS C 63 -6.44 -11.90 -6.63
N HIS C 64 -5.65 -12.00 -7.69
CA HIS C 64 -4.34 -11.37 -7.75
C HIS C 64 -4.37 -9.86 -7.72
N GLY C 65 -3.21 -9.30 -7.39
CA GLY C 65 -2.96 -7.87 -7.42
C GLY C 65 -2.82 -7.32 -8.81
N GLN C 66 -2.42 -6.08 -8.87
CA GLN C 66 -2.15 -5.41 -10.17
C GLN C 66 -1.03 -6.12 -10.91
N ALA C 67 -1.07 -6.03 -12.23
CA ALA C 67 -0.01 -6.58 -13.10
C ALA C 67 0.61 -5.44 -13.92
N LYS C 68 1.78 -5.73 -14.50
CA LYS C 68 2.50 -4.83 -15.42
C LYS C 68 2.61 -5.49 -16.75
N VAL C 69 2.46 -4.69 -17.80
CA VAL C 69 2.58 -5.16 -19.18
C VAL C 69 3.42 -4.20 -19.93
N SER C 70 4.25 -4.73 -20.82
CA SER C 70 5.18 -3.93 -21.58
C SER C 70 4.72 -3.78 -23.02
N LEU C 71 4.63 -2.54 -23.48
CA LEU C 71 4.38 -2.21 -24.89
C LEU C 71 5.70 -2.14 -25.69
N PHE C 72 5.92 -3.10 -26.57
CA PHE C 72 7.12 -3.13 -27.40
C PHE C 72 6.81 -2.70 -28.82
N ALA C 73 7.66 -1.87 -29.40
CA ALA C 73 7.61 -1.60 -30.84
C ALA C 73 8.28 -2.78 -31.51
N LYS C 74 7.61 -3.35 -32.50
CA LYS C 74 8.10 -4.52 -33.20
C LYS C 74 8.49 -4.12 -34.64
N GLU C 75 8.57 -2.83 -34.93
CA GLU C 75 8.94 -2.37 -36.27
C GLU C 75 9.57 -0.99 -36.25
N ALA C 76 10.37 -0.72 -37.28
CA ALA C 76 11.03 0.58 -37.39
C ALA C 76 10.12 1.64 -37.95
N GLY C 77 10.12 2.81 -37.33
CA GLY C 77 9.25 3.89 -37.77
C GLY C 77 9.18 5.05 -36.77
N VAL C 78 8.08 5.76 -36.81
CA VAL C 78 7.86 6.95 -35.96
C VAL C 78 6.69 6.71 -35.02
N LEU C 79 6.82 7.13 -33.78
CA LEU C 79 5.76 6.97 -32.81
C LEU C 79 4.75 8.12 -32.92
N ALA C 80 3.47 7.76 -32.93
CA ALA C 80 2.38 8.74 -32.95
C ALA C 80 1.16 8.22 -32.18
N GLY C 81 0.47 9.14 -31.52
CA GLY C 81 -0.73 8.83 -30.71
C GLY C 81 -0.47 7.93 -29.53
N LEU C 82 0.56 8.25 -28.77
CA LEU C 82 0.89 7.56 -27.55
C LEU C 82 -0.06 7.97 -26.44
N THR C 83 -0.39 9.25 -26.42
CA THR C 83 -1.40 9.79 -25.48
C THR C 83 -2.79 9.19 -25.70
N VAL C 84 -3.06 8.87 -26.95
CA VAL C 84 -4.31 8.27 -27.34
C VAL C 84 -4.35 6.84 -26.80
N PHE C 85 -3.26 6.12 -27.01
CA PHE C 85 -3.05 4.78 -26.41
C PHE C 85 -3.35 4.77 -24.90
N GLN C 86 -2.76 5.72 -24.20
CA GLN C 86 -2.97 5.88 -22.76
C GLN C 86 -4.40 6.27 -22.37
N ARG C 87 -5.01 7.14 -23.14
CA ARG C 87 -6.37 7.57 -22.85
C ARG C 87 -7.35 6.42 -22.96
N VAL C 88 -7.11 5.49 -23.87
CA VAL C 88 -8.00 4.35 -24.03
C VAL C 88 -8.05 3.54 -22.74
N PHE C 89 -6.90 3.29 -22.15
CA PHE C 89 -6.85 2.53 -20.89
C PHE C 89 -7.53 3.29 -19.76
N THR C 90 -7.30 4.59 -19.67
CA THR C 90 -7.85 5.37 -18.54
C THR C 90 -9.35 5.58 -18.62
N LEU C 91 -9.90 5.54 -19.82
CA LEU C 91 -11.36 5.61 -20.00
C LEU C 91 -12.08 4.33 -19.57
N PHE C 92 -11.46 3.19 -19.83
CA PHE C 92 -11.99 1.90 -19.36
C PHE C 92 -11.92 1.83 -17.83
N ASP C 93 -10.73 2.17 -17.31
CA ASP C 93 -10.35 2.05 -15.87
C ASP C 93 -9.47 3.27 -15.48
N ALA C 94 -10.02 4.17 -14.68
CA ALA C 94 -9.28 5.32 -14.19
C ALA C 94 -8.02 4.93 -13.36
N GLU C 95 -8.12 3.87 -12.55
CA GLU C 95 -7.03 3.41 -11.65
C GLU C 95 -5.79 2.81 -12.37
N VAL C 96 -5.79 2.80 -13.70
CA VAL C 96 -4.61 2.35 -14.50
C VAL C 96 -3.56 3.45 -14.58
N THR C 97 -2.30 3.01 -14.57
CA THR C 97 -1.13 3.91 -14.54
C THR C 97 -0.05 3.51 -15.54
N PHE C 98 0.93 4.38 -15.72
CA PHE C 98 1.93 4.20 -16.80
C PHE C 98 3.36 4.58 -16.47
N GLN C 99 4.25 3.61 -16.39
CA GLN C 99 5.68 3.90 -16.39
C GLN C 99 6.17 4.09 -17.83
N ASN C 100 6.99 5.11 -18.04
CA ASN C 100 7.68 5.32 -19.32
C ASN C 100 9.18 5.47 -19.09
N PRO C 101 9.94 4.36 -19.18
CA PRO C 101 11.35 4.39 -18.78
C PRO C 101 12.26 5.19 -19.69
N HIS C 102 12.00 5.16 -20.98
CA HIS C 102 12.86 5.88 -21.92
C HIS C 102 12.37 7.27 -22.34
N GLN C 103 11.38 7.79 -21.64
CA GLN C 103 10.78 9.10 -21.93
C GLN C 103 10.38 9.25 -23.41
N PHE C 104 9.86 8.17 -23.98
CA PHE C 104 9.38 8.18 -25.36
C PHE C 104 8.20 9.11 -25.51
N LYS C 105 8.25 9.93 -26.54
CA LYS C 105 7.19 10.88 -26.86
C LYS C 105 6.81 10.74 -28.32
N ASP C 106 5.65 11.28 -28.67
CA ASP C 106 5.22 11.22 -30.06
C ASP C 106 6.24 11.95 -30.91
N GLY C 107 6.49 11.38 -32.08
CA GLY C 107 7.44 11.91 -33.03
C GLY C 107 8.82 11.31 -32.88
N ASP C 108 9.08 10.68 -31.75
CA ASP C 108 10.36 10.08 -31.53
C ASP C 108 10.44 8.92 -32.48
N ARG C 109 11.65 8.55 -32.87
CA ARG C 109 11.84 7.41 -33.79
C ARG C 109 11.94 6.10 -33.07
N LEU C 110 11.45 5.06 -33.72
CA LEU C 110 11.43 3.72 -33.15
C LEU C 110 12.34 2.80 -33.92
N THR C 111 12.63 1.68 -33.30
CA THR C 111 13.23 0.51 -33.98
C THR C 111 12.78 -0.73 -33.23
N SER C 112 12.89 -1.86 -33.90
CA SER C 112 12.39 -3.11 -33.36
C SER C 112 13.03 -3.42 -32.01
N GLY C 113 12.20 -3.94 -31.12
CA GLY C 113 12.63 -4.32 -29.78
C GLY C 113 12.65 -3.19 -28.75
N ASP C 114 12.06 -2.04 -29.05
CA ASP C 114 12.06 -0.91 -28.12
C ASP C 114 10.93 -0.88 -27.09
N LEU C 115 11.29 -0.72 -25.83
CA LEU C 115 10.30 -0.64 -24.75
C LEU C 115 9.74 0.79 -24.67
N VAL C 116 8.58 0.97 -25.27
CA VAL C 116 7.94 2.30 -25.34
C VAL C 116 7.28 2.65 -24.01
N LEU C 117 6.40 1.76 -23.57
CA LEU C 117 5.61 1.95 -22.35
C LEU C 117 5.53 0.70 -21.51
N GLU C 118 5.39 0.92 -20.21
CA GLU C 118 4.91 -0.13 -19.32
C GLU C 118 3.60 0.32 -18.78
N ILE C 119 2.69 -0.62 -18.67
CA ILE C 119 1.29 -0.35 -18.33
C ILE C 119 0.92 -1.15 -17.07
N ILE C 120 0.55 -0.45 -16.00
CA ILE C 120 0.22 -1.08 -14.72
C ILE C 120 -1.22 -0.86 -14.31
N GLY C 121 -1.86 -1.94 -13.92
CA GLY C 121 -3.21 -1.88 -13.36
C GLY C 121 -3.82 -3.23 -13.21
N SER C 122 -5.13 -3.23 -12.97
CA SER C 122 -5.89 -4.48 -12.91
C SER C 122 -5.71 -5.32 -14.15
N VAL C 123 -5.67 -6.63 -13.99
CA VAL C 123 -5.35 -7.53 -15.11
C VAL C 123 -6.42 -7.51 -16.19
N ARG C 124 -7.68 -7.44 -15.79
CA ARG C 124 -8.79 -7.38 -16.77
C ARG C 124 -8.74 -6.06 -17.53
N SER C 125 -8.49 -4.98 -16.81
CA SER C 125 -8.37 -3.67 -17.44
C SER C 125 -7.26 -3.57 -18.51
N LEU C 126 -6.20 -4.32 -18.34
CA LEU C 126 -5.11 -4.36 -19.33
C LEU C 126 -5.41 -5.24 -20.51
N LEU C 127 -5.87 -6.45 -20.25
CA LEU C 127 -6.11 -7.45 -21.30
C LEU C 127 -7.32 -7.16 -22.16
N THR C 128 -8.22 -6.32 -21.69
CA THR C 128 -9.49 -6.08 -22.39
C THR C 128 -9.33 -4.97 -23.44
N CYS C 129 -8.92 -3.80 -22.98
CA CYS C 129 -8.78 -2.68 -23.90
C CYS C 129 -7.40 -2.56 -24.57
N GLU C 130 -6.63 -3.63 -24.55
CA GLU C 130 -5.30 -3.69 -25.21
C GLU C 130 -5.43 -3.61 -26.71
N ARG C 131 -6.28 -4.44 -27.25
CA ARG C 131 -6.52 -4.41 -28.70
C ARG C 131 -6.95 -3.01 -29.19
N VAL C 132 -7.93 -2.39 -28.56
CA VAL C 132 -8.46 -1.10 -29.06
C VAL C 132 -7.37 -0.05 -29.06
N ALA C 133 -6.56 -0.02 -28.02
CA ALA C 133 -5.47 0.95 -27.93
C ALA C 133 -4.44 0.70 -29.02
N LEU C 134 -4.00 -0.55 -29.14
CA LEU C 134 -3.05 -0.94 -30.19
C LEU C 134 -3.53 -0.54 -31.59
N ASN C 135 -4.81 -0.76 -31.87
CA ASN C 135 -5.39 -0.30 -33.14
C ASN C 135 -5.20 1.17 -33.45
N PHE C 136 -5.35 2.04 -32.45
CA PHE C 136 -5.12 3.49 -32.67
C PHE C 136 -3.64 3.76 -32.84
N LEU C 137 -2.85 3.27 -31.90
CA LEU C 137 -1.40 3.45 -31.92
C LEU C 137 -0.77 2.93 -33.20
N GLN C 138 -1.11 1.72 -33.59
CA GLN C 138 -0.62 1.14 -34.84
C GLN C 138 -0.98 2.03 -36.05
N HIS C 139 -2.27 2.25 -36.21
CA HIS C 139 -2.81 3.07 -37.28
C HIS C 139 -2.15 4.48 -37.40
N LEU C 140 -2.04 5.20 -36.28
CA LEU C 140 -1.50 6.59 -36.28
C LEU C 140 0.00 6.63 -36.52
N SER C 141 0.71 5.80 -35.78
CA SER C 141 2.15 5.63 -35.98
C SER C 141 2.53 5.18 -37.39
N GLY C 142 1.59 4.53 -38.06
CA GLY C 142 1.76 4.19 -39.50
C GLY C 142 1.79 5.42 -40.38
N ILE C 143 0.78 6.27 -40.20
CA ILE C 143 0.67 7.49 -40.97
C ILE C 143 1.87 8.35 -40.74
N ALA C 144 2.20 8.53 -39.48
CA ALA C 144 3.32 9.41 -39.12
C ALA C 144 4.58 8.91 -39.82
N SER C 145 4.82 7.61 -39.69
CA SER C 145 6.00 6.96 -40.28
C SER C 145 6.08 7.21 -41.79
N MET C 146 4.95 7.00 -42.46
CA MET C 146 4.89 7.16 -43.90
C MET C 146 5.16 8.60 -44.29
N THR C 147 4.55 9.56 -43.58
CA THR C 147 4.83 11.01 -43.79
C THR C 147 6.33 11.30 -43.74
N ALA C 148 6.94 10.85 -42.67
CA ALA C 148 8.37 11.01 -42.46
C ALA C 148 9.22 10.45 -43.58
N ALA C 149 8.81 9.31 -44.11
CA ALA C 149 9.49 8.71 -45.29
C ALA C 149 9.46 9.60 -46.54
N TYR C 150 8.29 10.18 -46.81
CA TYR C 150 8.08 11.14 -47.91
C TYR C 150 8.89 12.39 -47.71
N VAL C 151 8.93 12.88 -46.47
CA VAL C 151 9.65 14.11 -46.14
C VAL C 151 11.15 13.93 -46.35
N GLU C 152 11.67 12.81 -45.86
CA GLU C 152 13.10 12.47 -46.04
C GLU C 152 13.42 12.13 -47.50
N ALA C 153 12.52 11.40 -48.13
CA ALA C 153 12.65 11.10 -49.56
C ALA C 153 12.61 12.33 -50.47
N LEU C 154 11.88 13.36 -50.07
CA LEU C 154 11.77 14.59 -50.87
C LEU C 154 13.13 15.28 -50.85
N GLY C 155 13.66 15.48 -49.65
CA GLY C 155 15.01 16.00 -49.48
C GLY C 155 15.04 17.50 -49.33
N ASP C 156 14.41 18.20 -50.26
CA ASP C 156 14.25 19.67 -50.16
C ASP C 156 13.34 19.98 -48.94
N ASP C 157 13.85 20.84 -48.05
CA ASP C 157 13.13 21.22 -46.83
C ASP C 157 12.67 22.69 -46.84
N ARG C 158 12.87 23.37 -47.97
CA ARG C 158 12.05 24.55 -48.30
C ARG C 158 10.67 24.11 -48.79
N ILE C 159 10.61 22.94 -49.40
CA ILE C 159 9.36 22.36 -49.88
C ILE C 159 8.76 21.49 -48.80
N LYS C 160 7.46 21.68 -48.57
CA LYS C 160 6.74 21.03 -47.48
C LYS C 160 5.77 19.98 -48.01
N VAL C 161 5.42 19.03 -47.17
CA VAL C 161 4.56 17.91 -47.58
C VAL C 161 3.24 17.98 -46.84
N PHE C 162 2.18 18.27 -47.59
CA PHE C 162 0.85 18.46 -47.06
C PHE C 162 0.04 17.22 -47.31
N ASP C 163 -1.10 17.17 -46.65
CA ASP C 163 -2.03 16.06 -46.75
C ASP C 163 -3.34 16.53 -47.38
N THR C 164 -4.37 15.70 -47.26
CA THR C 164 -5.67 15.98 -47.86
C THR C 164 -6.84 15.54 -46.98
N ARG C 165 -8.04 15.79 -47.49
CA ARG C 165 -9.29 15.25 -46.97
C ARG C 165 -9.51 13.78 -47.44
N LYS C 166 -8.62 13.21 -48.25
CA LYS C 166 -8.64 11.75 -48.51
C LYS C 166 -8.22 11.12 -47.18
N THR C 167 -9.18 10.64 -46.41
CA THR C 167 -8.92 10.10 -45.05
C THR C 167 -9.92 8.98 -44.79
N THR C 168 -9.59 8.08 -43.88
CA THR C 168 -10.57 7.07 -43.43
C THR C 168 -11.62 7.78 -42.56
N PRO C 169 -12.90 7.51 -42.81
CA PRO C 169 -13.92 8.40 -42.29
C PRO C 169 -14.08 8.33 -40.78
N ASN C 170 -14.50 9.46 -40.21
CA ASN C 170 -14.63 9.67 -38.75
C ASN C 170 -13.35 9.46 -37.95
N LEU C 171 -12.22 9.77 -38.56
CA LEU C 171 -10.96 9.74 -37.84
C LEU C 171 -10.09 10.81 -38.43
N ARG C 172 -10.69 11.88 -38.93
CA ARG C 172 -9.89 12.83 -39.70
C ARG C 172 -8.99 13.61 -38.75
N LEU C 173 -9.57 14.01 -37.64
CA LEU C 173 -8.87 14.72 -36.57
C LEU C 173 -7.56 14.05 -36.18
N PHE C 174 -7.62 12.74 -36.01
CA PHE C 174 -6.47 11.94 -35.58
C PHE C 174 -5.44 11.84 -36.71
N GLU C 175 -5.89 11.39 -37.87
CA GLU C 175 -5.01 11.22 -39.04
C GLU C 175 -4.21 12.49 -39.40
N LYS C 176 -4.84 13.65 -39.30
CA LYS C 176 -4.17 14.92 -39.52
C LYS C 176 -3.11 15.18 -38.45
N TYR C 177 -3.40 14.90 -37.19
CA TYR C 177 -2.38 14.97 -36.13
C TYR C 177 -1.14 14.08 -36.43
N ALA C 178 -1.37 12.89 -36.93
CA ALA C 178 -0.28 11.94 -37.29
C ALA C 178 0.61 12.53 -38.36
N VAL C 179 0.01 13.23 -39.32
CA VAL C 179 0.76 13.91 -40.40
C VAL C 179 1.65 15.05 -39.84
N ARG C 180 1.14 15.81 -38.89
CA ARG C 180 1.94 16.83 -38.21
C ARG C 180 3.13 16.16 -37.56
N VAL C 181 2.84 15.16 -36.73
CA VAL C 181 3.87 14.37 -36.01
C VAL C 181 4.97 13.86 -36.96
N GLY C 182 4.56 13.35 -38.11
CA GLY C 182 5.49 12.81 -39.10
C GLY C 182 6.32 13.76 -39.92
N GLY C 183 6.18 15.06 -39.69
CA GLY C 183 6.98 16.10 -40.40
C GLY C 183 6.18 16.89 -41.43
N GLY C 184 4.95 16.44 -41.67
CA GLY C 184 4.08 17.02 -42.66
C GLY C 184 3.35 18.23 -42.11
N TYR C 185 2.47 18.76 -42.95
CA TYR C 185 1.57 19.85 -42.57
C TYR C 185 0.16 19.56 -43.03
N ASN C 186 -0.76 20.37 -42.54
CA ASN C 186 -2.19 20.15 -42.79
C ASN C 186 -2.82 21.11 -43.77
N HIS C 187 -3.60 20.54 -44.68
CA HIS C 187 -4.40 21.30 -45.62
C HIS C 187 -5.71 21.57 -44.90
N ARG C 188 -6.61 22.30 -45.56
CA ARG C 188 -7.96 22.51 -45.05
C ARG C 188 -8.60 21.22 -44.56
N PHE C 189 -9.21 21.34 -43.39
CA PHE C 189 -9.84 20.25 -42.65
C PHE C 189 -11.13 19.76 -43.25
N ASN C 190 -11.89 20.68 -43.80
CA ASN C 190 -13.14 20.34 -44.45
C ASN C 190 -13.48 21.34 -45.55
N LEU C 191 -14.64 21.19 -46.13
CA LEU C 191 -15.12 22.08 -47.21
C LEU C 191 -15.40 23.51 -46.76
N SER C 192 -15.63 23.68 -45.46
CA SER C 192 -15.91 24.97 -44.86
C SER C 192 -14.67 25.75 -44.42
N ASP C 193 -13.47 25.21 -44.60
CA ASP C 193 -12.24 25.89 -44.13
C ASP C 193 -11.82 26.93 -45.15
N ALA C 194 -11.47 26.45 -46.33
CA ALA C 194 -11.01 27.29 -47.44
C ALA C 194 -11.92 27.12 -48.63
N ILE C 195 -11.73 28.00 -49.59
CA ILE C 195 -12.39 27.89 -50.90
C ILE C 195 -11.37 27.33 -51.85
N MET C 196 -11.58 26.10 -52.28
CA MET C 196 -10.73 25.50 -53.28
C MET C 196 -11.57 25.27 -54.51
N LEU C 197 -11.14 25.87 -55.62
CA LEU C 197 -11.89 25.83 -56.88
C LEU C 197 -11.26 24.81 -57.85
N LYS C 198 -11.84 23.60 -57.89
CA LYS C 198 -11.49 22.53 -58.85
C LYS C 198 -11.90 22.87 -60.32
N ASP C 199 -11.43 22.05 -61.25
CA ASP C 199 -11.70 22.19 -62.73
C ASP C 199 -13.16 22.20 -63.16
N ASN C 200 -14.00 21.48 -62.41
CA ASN C 200 -15.47 21.47 -62.61
C ASN C 200 -16.02 22.86 -62.39
N HIS C 201 -15.69 23.43 -61.24
CA HIS C 201 -16.11 24.78 -60.81
C HIS C 201 -15.81 25.82 -61.90
N ILE C 202 -14.61 25.77 -62.45
CA ILE C 202 -14.18 26.73 -63.49
C ILE C 202 -14.95 26.52 -64.80
N ALA C 203 -15.02 25.26 -65.22
CA ALA C 203 -15.83 24.86 -66.39
C ALA C 203 -17.27 25.39 -66.31
N ALA C 204 -17.83 25.34 -65.10
CA ALA C 204 -19.20 25.81 -64.87
C ALA C 204 -19.40 27.33 -65.00
N VAL C 205 -18.46 28.14 -64.56
CA VAL C 205 -18.54 29.62 -64.77
C VAL C 205 -17.95 29.98 -66.13
N GLY C 206 -17.11 29.11 -66.67
CA GLY C 206 -16.47 29.31 -67.99
C GLY C 206 -15.09 29.96 -67.87
N SER C 207 -15.05 31.12 -67.23
CA SER C 207 -13.80 31.84 -66.98
C SER C 207 -13.18 31.46 -65.63
N VAL C 208 -11.89 31.74 -65.47
CA VAL C 208 -11.21 31.61 -64.16
C VAL C 208 -11.29 32.94 -63.43
N GLN C 209 -10.90 34.02 -64.11
CA GLN C 209 -11.03 35.39 -63.58
C GLN C 209 -12.39 35.68 -62.97
N LYS C 210 -13.43 35.22 -63.67
CA LYS C 210 -14.82 35.34 -63.21
C LYS C 210 -15.16 34.38 -62.06
N ALA C 211 -14.63 33.16 -62.09
CA ALA C 211 -14.90 32.15 -61.02
C ALA C 211 -14.37 32.61 -59.66
N ILE C 212 -13.17 33.17 -59.67
CA ILE C 212 -12.47 33.63 -58.46
C ILE C 212 -13.15 34.85 -57.85
N ALA C 213 -13.38 35.85 -58.69
CA ALA C 213 -14.18 37.04 -58.31
C ALA C 213 -15.49 36.63 -57.62
N GLN C 214 -16.13 35.59 -58.16
CA GLN C 214 -17.41 35.07 -57.66
C GLN C 214 -17.28 34.36 -56.32
N ALA C 215 -16.17 33.66 -56.10
CA ALA C 215 -15.85 33.05 -54.80
C ALA C 215 -15.61 34.12 -53.73
N ARG C 216 -14.70 35.05 -54.05
CA ARG C 216 -14.33 36.18 -53.19
C ARG C 216 -15.55 37.06 -52.83
N ALA C 217 -16.49 37.19 -53.75
CA ALA C 217 -17.81 37.82 -53.48
C ALA C 217 -18.64 37.09 -52.41
N TYR C 218 -18.71 35.79 -52.56
CA TYR C 218 -19.55 34.92 -51.71
C TYR C 218 -19.12 34.89 -50.26
N ALA C 219 -17.84 34.74 -50.04
CA ALA C 219 -17.33 34.73 -48.66
C ALA C 219 -16.61 36.05 -48.46
N PRO C 220 -16.35 36.35 -47.20
CA PRO C 220 -15.80 37.59 -46.79
C PRO C 220 -14.29 37.53 -46.96
N PHE C 221 -13.56 38.58 -46.63
CA PHE C 221 -12.11 38.54 -46.74
C PHE C 221 -11.46 37.39 -45.95
N VAL C 222 -12.23 36.64 -45.17
CA VAL C 222 -11.62 35.66 -44.24
C VAL C 222 -11.25 34.29 -44.85
N LYS C 223 -11.77 33.94 -46.03
CA LYS C 223 -11.44 32.61 -46.65
C LYS C 223 -10.33 32.61 -47.70
N MET C 224 -9.31 31.77 -47.49
CA MET C 224 -8.29 31.55 -48.55
C MET C 224 -8.93 31.07 -49.81
N VAL C 225 -8.29 31.36 -50.93
CA VAL C 225 -8.78 30.90 -52.23
C VAL C 225 -7.67 30.19 -53.01
N GLU C 226 -7.84 28.88 -53.18
CA GLU C 226 -6.94 28.02 -53.99
C GLU C 226 -7.64 27.65 -55.30
N VAL C 227 -6.84 27.49 -56.35
CA VAL C 227 -7.33 27.20 -57.71
C VAL C 227 -6.52 26.05 -58.31
N GLU C 228 -7.22 25.04 -58.81
CA GLU C 228 -6.60 23.93 -59.52
C GLU C 228 -6.42 24.35 -61.00
N VAL C 229 -5.26 24.07 -61.57
CA VAL C 229 -4.93 24.54 -62.92
C VAL C 229 -4.08 23.48 -63.67
N GLU C 230 -4.62 23.00 -64.80
CA GLU C 230 -3.96 21.98 -65.64
C GLU C 230 -3.39 22.53 -67.00
N SER C 231 -3.19 23.85 -67.07
CA SER C 231 -2.57 24.53 -68.24
C SER C 231 -1.81 25.81 -67.85
N LEU C 232 -0.66 26.05 -68.49
CA LEU C 232 0.16 27.28 -68.24
C LEU C 232 -0.63 28.55 -68.45
N ALA C 233 -1.52 28.53 -69.44
CA ALA C 233 -2.33 29.68 -69.84
C ALA C 233 -3.27 30.15 -68.71
N ALA C 234 -3.97 29.18 -68.13
CA ALA C 234 -4.91 29.43 -67.03
C ALA C 234 -4.23 29.83 -65.70
N ALA C 235 -3.00 29.40 -65.50
CA ALA C 235 -2.19 29.78 -64.30
C ALA C 235 -1.81 31.26 -64.35
N GLU C 236 -1.47 31.73 -65.54
CA GLU C 236 -1.28 33.16 -65.79
C GLU C 236 -2.54 33.93 -65.39
N GLU C 237 -3.67 33.57 -65.99
CA GLU C 237 -4.95 34.27 -65.73
C GLU C 237 -5.31 34.36 -64.23
N ALA C 238 -4.88 33.40 -63.42
CA ALA C 238 -5.08 33.50 -61.96
C ALA C 238 -4.36 34.65 -61.26
N ALA C 239 -3.03 34.61 -61.26
CA ALA C 239 -2.21 35.40 -60.34
C ALA C 239 -2.05 36.85 -60.75
N GLY C 242 -5.08 38.16 -58.17
CA GLY C 242 -4.38 37.62 -57.04
C GLY C 242 -5.10 36.53 -56.29
N VAL C 243 -4.89 35.25 -56.62
CA VAL C 243 -5.42 34.16 -55.76
C VAL C 243 -4.33 33.76 -54.80
N ASP C 244 -4.75 33.15 -53.72
CA ASP C 244 -3.83 32.88 -52.62
C ASP C 244 -2.89 31.69 -52.91
N ILE C 245 -3.45 30.62 -53.44
CA ILE C 245 -2.68 29.42 -53.82
C ILE C 245 -3.07 29.00 -55.24
N ILE C 246 -2.07 28.60 -56.03
CA ILE C 246 -2.30 28.00 -57.35
C ILE C 246 -1.81 26.58 -57.30
N MET C 247 -2.66 25.65 -57.68
CA MET C 247 -2.30 24.24 -57.66
C MET C 247 -2.04 23.75 -59.07
N LEU C 248 -0.79 23.38 -59.34
CA LEU C 248 -0.38 22.80 -60.63
C LEU C 248 -0.68 21.29 -60.60
N ASP C 249 -1.83 20.95 -61.16
CA ASP C 249 -2.36 19.59 -61.18
C ASP C 249 -1.70 18.73 -62.27
N ASN C 250 -0.77 17.89 -61.83
CA ASN C 250 -0.12 16.87 -62.66
C ASN C 250 0.71 17.42 -63.83
N MET C 251 1.25 18.63 -63.69
CA MET C 251 2.09 19.23 -64.75
C MET C 251 3.48 18.60 -64.79
N SER C 252 4.13 18.72 -65.95
CA SER C 252 5.49 18.18 -66.18
C SER C 252 6.54 19.10 -65.55
N LEU C 253 7.77 18.58 -65.40
CA LEU C 253 8.91 19.32 -64.81
C LEU C 253 9.29 20.55 -65.63
N GLU C 254 9.24 20.41 -66.95
CA GLU C 254 9.47 21.55 -67.88
C GLU C 254 8.44 22.63 -67.69
N GLN C 255 7.20 22.22 -67.53
CA GLN C 255 6.07 23.12 -67.36
C GLN C 255 6.02 23.80 -66.00
N ILE C 256 6.27 23.02 -64.95
CA ILE C 256 6.33 23.56 -63.59
C ILE C 256 7.38 24.68 -63.56
N GLU C 257 8.57 24.44 -64.12
CA GLU C 257 9.65 25.44 -64.10
C GLU C 257 9.26 26.71 -64.89
N GLN C 258 8.59 26.54 -66.03
CA GLN C 258 7.97 27.68 -66.77
C GLN C 258 6.90 28.44 -65.99
N ALA C 259 5.98 27.70 -65.38
CA ALA C 259 4.84 28.28 -64.64
C ALA C 259 5.23 29.03 -63.37
N ILE C 260 6.30 28.62 -62.70
CA ILE C 260 6.79 29.32 -61.49
C ILE C 260 7.16 30.76 -61.84
N THR C 261 7.99 30.92 -62.88
CA THR C 261 8.42 32.25 -63.35
C THR C 261 7.26 33.02 -64.01
N LEU C 262 6.31 32.30 -64.59
CA LEU C 262 5.10 32.89 -65.16
C LEU C 262 4.13 33.42 -64.07
N ILE C 263 3.96 32.64 -63.00
CA ILE C 263 3.26 33.12 -61.79
C ILE C 263 4.01 34.35 -61.24
N ALA C 264 5.34 34.27 -61.28
CA ALA C 264 6.24 35.36 -60.86
C ALA C 264 6.01 35.72 -59.39
N GLY C 265 5.78 34.67 -58.59
CA GLY C 265 5.54 34.82 -57.15
C GLY C 265 4.36 35.67 -56.72
N ARG C 266 3.39 35.90 -57.60
CA ARG C 266 2.15 36.61 -57.22
C ARG C 266 1.23 35.73 -56.35
N SER C 267 1.45 34.41 -56.38
CA SER C 267 0.71 33.45 -55.53
C SER C 267 1.59 32.29 -55.09
N ARG C 268 1.05 31.47 -54.20
CA ARG C 268 1.75 30.22 -53.80
C ARG C 268 1.57 29.14 -54.85
N ILE C 269 2.59 28.31 -55.02
CA ILE C 269 2.54 27.20 -55.96
C ILE C 269 2.46 25.92 -55.14
N GLU C 270 1.57 25.03 -55.55
CA GLU C 270 1.44 23.68 -54.99
C GLU C 270 1.50 22.68 -56.12
N CYS C 271 2.21 21.57 -55.93
CA CYS C 271 2.16 20.47 -56.91
C CYS C 271 1.37 19.27 -56.40
N SER C 272 0.78 18.55 -57.34
CA SER C 272 -0.04 17.41 -56.97
C SER C 272 -0.24 16.43 -58.09
N GLY C 273 -0.57 15.20 -57.72
CA GLY C 273 -0.87 14.17 -58.69
C GLY C 273 0.38 13.41 -59.02
N ASN C 274 0.19 12.13 -59.38
CA ASN C 274 1.31 11.32 -59.78
C ASN C 274 2.40 11.39 -58.71
N ILE C 275 2.01 11.39 -57.44
CA ILE C 275 2.99 11.44 -56.37
C ILE C 275 3.03 10.15 -55.55
N ASP C 276 4.21 9.56 -55.47
CA ASP C 276 4.48 8.30 -54.76
C ASP C 276 5.84 8.50 -54.08
N MET C 277 6.22 7.58 -53.21
CA MET C 277 7.49 7.74 -52.49
C MET C 277 8.64 7.92 -53.45
N THR C 278 8.63 7.10 -54.48
CA THR C 278 9.74 7.13 -55.46
C THR C 278 9.78 8.44 -56.24
N THR C 279 8.61 8.85 -56.69
CA THR C 279 8.44 10.04 -57.52
C THR C 279 8.72 11.38 -56.85
N ILE C 280 8.23 11.53 -55.63
CA ILE C 280 8.30 12.81 -54.93
C ILE C 280 9.65 13.57 -55.11
N SER C 281 10.74 12.83 -55.20
CA SER C 281 12.11 13.40 -55.35
C SER C 281 12.37 14.34 -56.55
N ARG C 282 11.56 14.26 -57.58
CA ARG C 282 11.74 15.18 -58.69
C ARG C 282 11.62 16.64 -58.27
N PHE C 283 10.71 16.92 -57.37
CA PHE C 283 10.42 18.32 -56.99
C PHE C 283 11.56 18.97 -56.26
N ARG C 284 12.54 18.15 -55.85
CA ARG C 284 13.69 18.63 -55.12
C ARG C 284 14.41 19.71 -55.92
N GLY C 285 14.49 20.91 -55.33
CA GLY C 285 15.17 22.08 -55.94
C GLY C 285 14.31 23.13 -56.63
N LEU C 286 13.01 22.86 -56.77
CA LEU C 286 12.10 23.83 -57.35
C LEU C 286 11.70 24.88 -56.33
N ALA C 287 11.23 26.00 -56.85
CA ALA C 287 10.71 27.11 -56.04
C ALA C 287 9.17 27.07 -55.84
N ILE C 288 8.59 25.88 -55.96
CA ILE C 288 7.25 25.61 -55.41
C ILE C 288 7.30 25.73 -53.89
N ASP C 289 6.13 25.87 -53.28
CA ASP C 289 6.02 26.07 -51.82
C ASP C 289 5.71 24.77 -51.07
N TYR C 290 4.82 23.97 -51.64
CA TYR C 290 4.52 22.64 -51.12
C TYR C 290 3.94 21.68 -52.13
N VAL C 291 4.36 20.43 -52.06
CA VAL C 291 3.63 19.33 -52.71
C VAL C 291 2.59 18.82 -51.74
N SER C 292 1.58 18.12 -52.24
CA SER C 292 0.56 17.48 -51.36
C SER C 292 0.17 16.11 -51.89
N SER C 293 -0.22 15.24 -50.98
CA SER C 293 -0.49 13.84 -51.28
C SER C 293 -1.68 13.26 -50.51
N GLY C 294 -2.36 12.34 -51.17
CA GLY C 294 -3.45 11.58 -50.55
C GLY C 294 -2.87 10.47 -49.72
N SER C 295 -2.21 9.53 -50.40
CA SER C 295 -1.74 8.24 -49.82
C SER C 295 -1.30 8.28 -48.35
N LEU C 296 -0.58 9.34 -47.96
CA LEU C 296 -0.27 9.61 -46.54
C LEU C 296 -1.38 9.20 -45.57
N THR C 297 -2.60 9.61 -45.86
CA THR C 297 -3.78 9.30 -45.01
C THR C 297 -4.49 7.99 -45.44
N HIS C 298 -4.83 7.85 -46.72
CA HIS C 298 -5.70 6.74 -47.18
C HIS C 298 -5.00 5.41 -47.48
N SER C 299 -3.71 5.46 -47.84
CA SER C 299 -2.93 4.25 -48.22
C SER C 299 -1.68 4.06 -47.38
N ALA C 300 -1.87 4.02 -46.08
CA ALA C 300 -0.76 3.93 -45.13
C ALA C 300 -0.76 2.57 -44.48
N LYS C 301 0.29 1.79 -44.75
CA LYS C 301 0.56 0.57 -43.98
C LYS C 301 0.70 0.99 -42.50
N SER C 302 0.00 0.29 -41.62
CA SER C 302 0.07 0.64 -40.21
C SER C 302 1.30 -0.03 -39.61
N LEU C 303 1.89 0.66 -38.63
CA LEU C 303 3.09 0.17 -37.94
C LEU C 303 2.67 -0.96 -37.00
N ASP C 304 3.65 -1.75 -36.61
CA ASP C 304 3.42 -2.87 -35.70
C ASP C 304 3.94 -2.56 -34.31
N PHE C 305 3.13 -2.86 -33.33
CA PHE C 305 3.57 -2.91 -31.94
C PHE C 305 3.13 -4.24 -31.37
N SER C 306 3.47 -4.50 -30.11
CA SER C 306 2.87 -5.64 -29.41
C SER C 306 2.93 -5.50 -27.90
N MET C 307 2.02 -6.21 -27.24
CA MET C 307 1.95 -6.19 -25.81
C MET C 307 2.29 -7.55 -25.23
N LYS C 308 3.57 -7.74 -24.96
CA LYS C 308 4.11 -8.95 -24.40
C LYS C 308 4.65 -8.59 -23.06
N GLY C 309 4.90 -9.60 -22.24
CA GLY C 309 5.60 -9.42 -20.97
C GLY C 309 4.70 -9.07 -19.82
N LEU C 310 3.58 -9.77 -19.77
CA LEU C 310 2.63 -9.67 -18.63
C LEU C 310 3.19 -10.40 -17.44
N THR C 311 3.18 -9.75 -16.29
CA THR C 311 3.58 -10.38 -15.01
C THR C 311 2.93 -9.66 -13.84
N TYR C 312 2.64 -10.40 -12.78
CA TYR C 312 1.98 -9.81 -11.64
C TYR C 312 2.99 -9.04 -10.83
N LEU C 313 2.57 -7.89 -10.33
CA LEU C 313 3.39 -7.08 -9.49
C LEU C 313 3.41 -7.58 -8.09
N ASP C 314 4.58 -7.38 -7.50
CA ASP C 314 4.76 -7.51 -6.07
C ASP C 314 5.49 -6.26 -5.60
N SER D 30 -23.83 -13.13 -49.64
CA SER D 30 -24.61 -12.20 -50.53
C SER D 30 -25.51 -11.23 -49.75
N THR D 31 -24.96 -10.74 -48.64
CA THR D 31 -25.73 -10.02 -47.63
C THR D 31 -25.21 -8.59 -47.53
N ASP D 32 -26.03 -7.61 -47.91
CA ASP D 32 -25.68 -6.19 -47.84
C ASP D 32 -25.76 -5.67 -46.43
N LEU D 33 -25.50 -4.38 -46.30
CA LEU D 33 -25.75 -3.67 -45.05
C LEU D 33 -27.07 -2.90 -45.03
N THR D 34 -27.83 -3.05 -43.95
CA THR D 34 -29.10 -2.31 -43.79
C THR D 34 -28.75 -0.85 -43.55
N PRO D 35 -29.64 0.08 -43.95
CA PRO D 35 -29.45 1.45 -43.53
C PRO D 35 -29.40 1.63 -42.02
N PHE D 36 -30.29 0.95 -41.27
CA PHE D 36 -30.29 1.06 -39.80
C PHE D 36 -28.91 0.81 -39.16
N GLN D 37 -28.21 -0.22 -39.63
CA GLN D 37 -26.83 -0.48 -39.19
C GLN D 37 -25.84 0.67 -39.41
N ILE D 38 -25.87 1.23 -40.60
CA ILE D 38 -24.87 2.24 -41.03
C ILE D 38 -25.26 3.72 -41.03
N ASP D 39 -26.55 4.05 -41.01
CA ASP D 39 -26.97 5.44 -41.12
C ASP D 39 -26.30 6.36 -40.08
N ASP D 40 -26.21 5.91 -38.85
CA ASP D 40 -25.59 6.76 -37.82
C ASP D 40 -24.12 7.09 -38.12
N THR D 41 -23.37 6.14 -38.64
CA THR D 41 -21.94 6.37 -38.96
C THR D 41 -21.72 7.33 -40.12
N LEU D 42 -22.46 7.17 -41.20
CA LEU D 42 -22.28 8.05 -42.36
C LEU D 42 -22.59 9.49 -42.00
N LYS D 43 -23.68 9.69 -41.30
CA LYS D 43 -24.14 11.04 -40.92
C LYS D 43 -23.03 11.83 -40.25
N ALA D 44 -22.22 11.15 -39.46
CA ALA D 44 -21.10 11.79 -38.79
C ALA D 44 -20.01 12.11 -39.75
N ALA D 45 -19.82 11.23 -40.72
CA ALA D 45 -18.84 11.46 -41.79
C ALA D 45 -19.16 12.67 -42.67
N LEU D 46 -20.45 12.97 -42.84
CA LEU D 46 -20.88 14.14 -43.58
C LEU D 46 -20.73 15.39 -42.75
N ARG D 47 -21.10 15.32 -41.49
CA ARG D 47 -20.91 16.44 -40.59
C ARG D 47 -19.45 16.78 -40.45
N GLU D 48 -18.62 15.74 -40.43
CA GLU D 48 -17.16 15.89 -40.44
C GLU D 48 -16.67 16.76 -41.63
N ASP D 49 -17.09 16.37 -42.83
CA ASP D 49 -16.59 16.98 -44.08
C ASP D 49 -17.25 18.34 -44.40
N VAL D 50 -18.33 18.67 -43.70
CA VAL D 50 -19.14 19.85 -44.05
C VAL D 50 -19.58 20.57 -42.78
N HIS D 51 -18.65 21.21 -42.12
CA HIS D 51 -19.00 21.83 -40.85
C HIS D 51 -20.10 22.89 -40.98
N SER D 52 -19.98 23.77 -41.96
CA SER D 52 -20.97 24.86 -42.10
C SER D 52 -21.66 24.78 -43.44
N GLU D 53 -20.87 24.80 -44.50
CA GLU D 53 -21.42 24.68 -45.85
C GLU D 53 -20.31 24.44 -46.84
N ASP D 54 -20.66 23.99 -48.04
CA ASP D 54 -19.64 23.81 -49.10
C ASP D 54 -19.50 25.12 -49.87
N TYR D 55 -18.62 26.02 -49.41
CA TYR D 55 -18.50 27.37 -50.03
C TYR D 55 -18.09 27.30 -51.51
N SER D 56 -17.06 26.50 -51.76
CA SER D 56 -16.54 26.25 -53.12
C SER D 56 -17.65 25.84 -54.12
N THR D 57 -18.51 24.93 -53.70
CA THR D 57 -19.64 24.45 -54.53
C THR D 57 -20.77 25.46 -54.59
N ASN D 58 -21.20 25.95 -53.43
CA ASN D 58 -22.37 26.87 -53.36
C ASN D 58 -22.17 28.23 -54.02
N ALA D 59 -20.92 28.63 -54.16
CA ALA D 59 -20.55 29.89 -54.83
C ALA D 59 -20.80 29.85 -56.33
N ILE D 60 -20.53 28.70 -56.91
CA ILE D 60 -20.58 28.52 -58.34
C ILE D 60 -21.92 27.95 -58.84
N PHE D 61 -22.59 27.14 -58.03
CA PHE D 61 -23.82 26.52 -58.47
C PHE D 61 -24.97 26.98 -57.58
N ASP D 62 -25.50 28.16 -57.92
CA ASP D 62 -26.71 28.70 -57.29
C ASP D 62 -27.94 27.97 -57.87
N HIS D 63 -27.73 27.18 -58.93
CA HIS D 63 -28.82 26.72 -59.79
C HIS D 63 -29.67 25.56 -59.23
N HIS D 64 -29.09 24.69 -58.38
CA HIS D 64 -29.78 23.44 -57.97
C HIS D 64 -30.25 22.71 -59.27
N GLY D 65 -29.51 22.92 -60.36
CA GLY D 65 -29.78 22.36 -61.70
C GLY D 65 -29.56 20.84 -61.86
N GLN D 66 -30.53 20.06 -62.32
CA GLN D 66 -30.27 18.59 -62.29
C GLN D 66 -29.13 18.20 -63.23
N ALA D 67 -28.21 17.41 -62.71
CA ALA D 67 -27.06 16.93 -63.48
C ALA D 67 -26.84 15.45 -63.26
N LYS D 68 -26.07 14.87 -64.16
CA LYS D 68 -25.64 13.47 -64.09
C LYS D 68 -24.14 13.43 -63.96
N VAL D 69 -23.67 12.50 -63.14
CA VAL D 69 -22.24 12.27 -62.95
C VAL D 69 -21.97 10.79 -63.00
N SER D 70 -20.86 10.42 -63.61
CA SER D 70 -20.48 9.03 -63.81
C SER D 70 -19.38 8.62 -62.82
N LEU D 71 -19.62 7.56 -62.08
CA LEU D 71 -18.61 6.93 -61.22
C LEU D 71 -17.79 5.90 -62.04
N PHE D 72 -16.52 6.21 -62.29
CA PHE D 72 -15.62 5.29 -63.01
C PHE D 72 -14.65 4.59 -62.07
N ALA D 73 -14.47 3.29 -62.25
CA ALA D 73 -13.37 2.57 -61.58
C ALA D 73 -12.11 2.87 -62.36
N LYS D 74 -11.07 3.28 -61.66
CA LYS D 74 -9.81 3.64 -62.29
C LYS D 74 -8.73 2.61 -61.97
N GLU D 75 -9.14 1.45 -61.46
CA GLU D 75 -8.20 0.40 -61.10
C GLU D 75 -8.82 -0.98 -61.05
N ALA D 76 -8.01 -2.01 -61.29
CA ALA D 76 -8.52 -3.39 -61.27
C ALA D 76 -8.65 -3.85 -59.85
N GLY D 77 -9.71 -4.61 -59.59
CA GLY D 77 -9.96 -5.10 -58.23
C GLY D 77 -11.38 -5.62 -58.05
N VAL D 78 -11.85 -5.57 -56.82
CA VAL D 78 -13.20 -6.02 -56.48
C VAL D 78 -14.05 -4.89 -55.90
N LEU D 79 -15.31 -4.84 -56.29
CA LEU D 79 -16.20 -3.79 -55.85
C LEU D 79 -16.82 -4.20 -54.51
N ALA D 80 -16.81 -3.26 -53.56
CA ALA D 80 -17.44 -3.46 -52.27
C ALA D 80 -18.00 -2.15 -51.74
N GLY D 81 -19.11 -2.28 -51.03
CA GLY D 81 -19.81 -1.11 -50.41
C GLY D 81 -20.34 -0.12 -51.41
N LEU D 82 -21.04 -0.63 -52.42
CA LEU D 82 -21.66 0.22 -53.41
C LEU D 82 -22.94 0.83 -52.85
N THR D 83 -23.65 0.02 -52.07
CA THR D 83 -24.85 0.47 -51.33
C THR D 83 -24.53 1.57 -50.33
N VAL D 84 -23.33 1.50 -49.78
CA VAL D 84 -22.85 2.49 -48.83
C VAL D 84 -22.60 3.80 -49.56
N PHE D 85 -21.91 3.72 -50.69
CA PHE D 85 -21.74 4.85 -51.60
C PHE D 85 -23.07 5.58 -51.88
N GLN D 86 -24.06 4.80 -52.25
CA GLN D 86 -25.40 5.33 -52.56
C GLN D 86 -26.12 5.93 -51.35
N ARG D 87 -25.96 5.28 -50.22
CA ARG D 87 -26.62 5.75 -49.00
C ARG D 87 -26.06 7.12 -48.57
N VAL D 88 -24.79 7.36 -48.83
CA VAL D 88 -24.19 8.66 -48.47
C VAL D 88 -24.91 9.77 -49.21
N PHE D 89 -25.13 9.58 -50.49
CA PHE D 89 -25.84 10.59 -51.28
C PHE D 89 -27.26 10.78 -50.79
N THR D 90 -27.98 9.70 -50.53
CA THR D 90 -29.40 9.80 -50.19
C THR D 90 -29.62 10.41 -48.81
N LEU D 91 -28.64 10.30 -47.94
CA LEU D 91 -28.71 10.94 -46.60
C LEU D 91 -28.51 12.44 -46.64
N PHE D 92 -27.64 12.90 -47.51
CA PHE D 92 -27.48 14.33 -47.77
C PHE D 92 -28.76 14.92 -48.43
N ASP D 93 -29.22 14.25 -49.48
CA ASP D 93 -30.35 14.69 -50.36
C ASP D 93 -31.19 13.46 -50.78
N ALA D 94 -32.41 13.36 -50.25
CA ALA D 94 -33.32 12.24 -50.59
C ALA D 94 -33.69 12.17 -52.08
N GLU D 95 -33.87 13.34 -52.71
CA GLU D 95 -34.25 13.42 -54.15
C GLU D 95 -33.16 12.98 -55.17
N VAL D 96 -32.00 12.53 -54.71
CA VAL D 96 -30.94 11.95 -55.58
C VAL D 96 -31.28 10.52 -56.00
N THR D 97 -30.92 10.19 -57.23
CA THR D 97 -31.24 8.91 -57.86
C THR D 97 -30.03 8.29 -58.58
N PHE D 98 -30.18 7.04 -58.99
CA PHE D 98 -29.03 6.25 -59.50
C PHE D 98 -29.32 5.33 -60.66
N GLN D 99 -28.78 5.64 -61.83
CA GLN D 99 -28.75 4.67 -62.92
C GLN D 99 -27.55 3.76 -62.75
N ASN D 100 -27.78 2.46 -62.94
CA ASN D 100 -26.71 1.45 -62.97
C ASN D 100 -26.79 0.64 -64.28
N PRO D 101 -26.07 1.10 -65.33
CA PRO D 101 -26.24 0.46 -66.62
C PRO D 101 -25.73 -0.98 -66.71
N HIS D 102 -24.64 -1.30 -66.05
CA HIS D 102 -24.08 -2.65 -66.15
C HIS D 102 -24.51 -3.63 -65.07
N GLN D 103 -25.52 -3.26 -64.28
CA GLN D 103 -25.99 -4.09 -63.16
C GLN D 103 -24.81 -4.52 -62.23
N PHE D 104 -23.86 -3.61 -62.01
CA PHE D 104 -22.73 -3.87 -61.10
C PHE D 104 -23.22 -4.03 -59.67
N LYS D 105 -22.70 -5.05 -58.99
CA LYS D 105 -23.00 -5.26 -57.58
C LYS D 105 -21.71 -5.52 -56.80
N ASP D 106 -21.80 -5.43 -55.48
CA ASP D 106 -20.62 -5.68 -54.68
C ASP D 106 -20.19 -7.09 -54.88
N GLY D 107 -18.89 -7.28 -54.95
CA GLY D 107 -18.28 -8.58 -55.18
C GLY D 107 -18.00 -8.81 -56.65
N ASP D 108 -18.55 -7.96 -57.50
CA ASP D 108 -18.29 -8.05 -58.93
C ASP D 108 -16.87 -7.57 -59.17
N ARG D 109 -16.19 -8.14 -60.14
CA ARG D 109 -14.81 -7.71 -60.40
C ARG D 109 -14.79 -6.46 -61.29
N LEU D 110 -13.79 -5.62 -61.06
CA LEU D 110 -13.61 -4.36 -61.80
C LEU D 110 -12.34 -4.40 -62.63
N THR D 111 -12.28 -3.42 -63.51
CA THR D 111 -11.13 -3.12 -64.31
C THR D 111 -11.11 -1.66 -64.59
N SER D 112 -9.94 -1.11 -64.90
CA SER D 112 -9.85 0.29 -65.23
C SER D 112 -10.77 0.68 -66.39
N GLY D 113 -11.35 1.85 -66.24
CA GLY D 113 -12.27 2.38 -67.25
C GLY D 113 -13.66 1.73 -67.26
N ASP D 114 -14.13 1.25 -66.12
CA ASP D 114 -15.51 0.74 -66.00
C ASP D 114 -16.53 1.68 -65.40
N LEU D 115 -17.67 1.83 -66.09
CA LEU D 115 -18.77 2.67 -65.63
C LEU D 115 -19.64 1.92 -64.62
N VAL D 116 -19.36 2.16 -63.34
CA VAL D 116 -20.01 1.44 -62.25
C VAL D 116 -21.41 1.99 -62.01
N LEU D 117 -21.45 3.30 -61.78
CA LEU D 117 -22.69 4.02 -61.48
C LEU D 117 -22.80 5.34 -62.21
N GLU D 118 -24.03 5.73 -62.48
CA GLU D 118 -24.34 7.11 -62.85
C GLU D 118 -25.19 7.65 -61.71
N ILE D 119 -24.92 8.90 -61.34
CA ILE D 119 -25.52 9.56 -60.16
C ILE D 119 -26.24 10.84 -60.61
N ILE D 120 -27.55 10.87 -60.43
CA ILE D 120 -28.39 11.99 -60.91
C ILE D 120 -29.07 12.74 -59.77
N GLY D 121 -28.94 14.05 -59.78
CA GLY D 121 -29.64 14.89 -58.81
C GLY D 121 -29.09 16.28 -58.85
N SER D 122 -29.46 17.05 -57.85
CA SER D 122 -29.03 18.45 -57.73
C SER D 122 -27.51 18.56 -57.77
N VAL D 123 -26.99 19.61 -58.41
CA VAL D 123 -25.53 19.71 -58.67
C VAL D 123 -24.75 19.83 -57.36
N ARG D 124 -25.30 20.55 -56.42
CA ARG D 124 -24.64 20.71 -55.14
C ARG D 124 -24.62 19.41 -54.38
N SER D 125 -25.75 18.72 -54.39
CA SER D 125 -25.86 17.43 -53.70
C SER D 125 -24.83 16.40 -54.21
N LEU D 126 -24.46 16.52 -55.47
CA LEU D 126 -23.48 15.60 -56.09
C LEU D 126 -22.05 15.98 -55.80
N LEU D 127 -21.73 17.25 -55.99
CA LEU D 127 -20.37 17.75 -55.76
C LEU D 127 -19.93 17.84 -54.31
N THR D 128 -20.88 17.87 -53.38
CA THR D 128 -20.55 18.06 -51.95
C THR D 128 -20.21 16.74 -51.25
N CYS D 129 -21.14 15.78 -51.30
CA CYS D 129 -20.92 14.50 -50.62
C CYS D 129 -20.25 13.43 -51.49
N GLU D 130 -19.65 13.85 -52.59
CA GLU D 130 -18.87 12.95 -53.46
C GLU D 130 -17.64 12.39 -52.73
N ARG D 131 -16.86 13.29 -52.13
CA ARG D 131 -15.64 12.90 -51.44
C ARG D 131 -15.91 11.88 -50.35
N VAL D 132 -16.92 12.15 -49.54
CA VAL D 132 -17.25 11.24 -48.43
C VAL D 132 -17.65 9.86 -48.93
N ALA D 133 -18.45 9.82 -49.97
CA ALA D 133 -18.88 8.54 -50.53
C ALA D 133 -17.68 7.78 -51.10
N LEU D 134 -16.88 8.47 -51.87
CA LEU D 134 -15.68 7.83 -52.46
C LEU D 134 -14.83 7.24 -51.33
N ASN D 135 -14.53 8.00 -50.30
CA ASN D 135 -13.72 7.50 -49.17
C ASN D 135 -14.17 6.14 -48.66
N PHE D 136 -15.47 5.93 -48.56
CA PHE D 136 -15.97 4.63 -48.11
C PHE D 136 -15.74 3.60 -49.21
N LEU D 137 -16.17 3.93 -50.41
CA LEU D 137 -16.12 3.00 -51.54
C LEU D 137 -14.68 2.57 -51.80
N GLN D 138 -13.79 3.55 -51.85
CA GLN D 138 -12.37 3.26 -52.06
C GLN D 138 -11.85 2.33 -50.98
N HIS D 139 -12.01 2.74 -49.74
CA HIS D 139 -11.55 1.98 -48.56
C HIS D 139 -12.07 0.52 -48.50
N LEU D 140 -13.36 0.34 -48.72
CA LEU D 140 -13.98 -1.00 -48.63
C LEU D 140 -13.59 -1.89 -49.79
N SER D 141 -13.73 -1.36 -50.99
CA SER D 141 -13.30 -2.05 -52.22
C SER D 141 -11.81 -2.43 -52.17
N GLY D 142 -11.03 -1.70 -51.39
CA GLY D 142 -9.63 -2.04 -51.16
C GLY D 142 -9.47 -3.31 -50.38
N ILE D 143 -10.19 -3.39 -49.27
CA ILE D 143 -10.15 -4.55 -48.39
C ILE D 143 -10.63 -5.77 -49.12
N ALA D 144 -11.75 -5.63 -49.78
CA ALA D 144 -12.31 -6.74 -50.53
C ALA D 144 -11.30 -7.25 -51.55
N SER D 145 -10.74 -6.33 -52.33
CA SER D 145 -9.74 -6.66 -53.38
C SER D 145 -8.57 -7.43 -52.82
N MET D 146 -8.04 -6.92 -51.71
CA MET D 146 -6.91 -7.53 -51.08
C MET D 146 -7.24 -8.94 -50.58
N THR D 147 -8.37 -9.11 -49.91
CA THR D 147 -8.85 -10.45 -49.49
C THR D 147 -8.85 -11.43 -50.68
N ALA D 148 -9.49 -11.02 -51.75
CA ALA D 148 -9.57 -11.82 -52.98
C ALA D 148 -8.21 -12.23 -53.52
N ALA D 149 -7.25 -11.33 -53.44
CA ALA D 149 -5.86 -11.63 -53.82
C ALA D 149 -5.25 -12.76 -52.99
N TYR D 150 -5.47 -12.70 -51.68
CA TYR D 150 -4.98 -13.71 -50.74
C TYR D 150 -5.64 -15.04 -50.99
N VAL D 151 -6.92 -15.00 -51.26
CA VAL D 151 -7.69 -16.22 -51.44
C VAL D 151 -7.20 -16.95 -52.69
N GLU D 152 -7.02 -16.19 -53.76
CA GLU D 152 -6.53 -16.77 -55.02
C GLU D 152 -5.07 -17.17 -54.90
N ALA D 153 -4.30 -16.34 -54.23
CA ALA D 153 -2.90 -16.65 -53.97
C ALA D 153 -2.71 -17.89 -53.10
N LEU D 154 -3.65 -18.17 -52.21
CA LEU D 154 -3.55 -19.36 -51.33
C LEU D 154 -3.70 -20.63 -52.19
N GLY D 155 -4.76 -20.64 -52.98
CA GLY D 155 -4.95 -21.69 -53.96
C GLY D 155 -5.77 -22.84 -53.40
N ASP D 156 -5.35 -23.39 -52.26
CA ASP D 156 -6.15 -24.40 -51.54
C ASP D 156 -7.49 -23.76 -51.09
N ASP D 157 -8.58 -24.40 -51.46
CA ASP D 157 -9.93 -23.92 -51.14
C ASP D 157 -10.68 -24.82 -50.15
N ARG D 158 -10.01 -25.84 -49.65
CA ARG D 158 -10.36 -26.52 -48.40
C ARG D 158 -9.93 -25.61 -47.21
N ILE D 159 -8.87 -24.84 -47.42
CA ILE D 159 -8.38 -23.86 -46.44
C ILE D 159 -8.98 -22.46 -46.70
N LYS D 160 -9.46 -21.83 -45.63
CA LYS D 160 -10.20 -20.56 -45.72
C LYS D 160 -9.39 -19.42 -45.18
N VAL D 161 -9.72 -18.21 -45.60
CA VAL D 161 -8.98 -17.01 -45.16
C VAL D 161 -9.85 -16.11 -44.30
N PHE D 162 -9.50 -16.04 -43.02
CA PHE D 162 -10.25 -15.30 -42.02
C PHE D 162 -9.56 -14.00 -41.76
N ASP D 163 -10.26 -13.15 -41.06
CA ASP D 163 -9.77 -11.85 -40.65
C ASP D 163 -9.65 -11.76 -39.12
N THR D 164 -9.49 -10.54 -38.62
CA THR D 164 -9.31 -10.31 -37.19
C THR D 164 -10.04 -9.06 -36.70
N ARG D 165 -9.91 -8.81 -35.41
CA ARG D 165 -10.23 -7.51 -34.82
C ARG D 165 -9.16 -6.44 -35.07
N LYS D 166 -8.05 -6.75 -35.72
CA LYS D 166 -7.11 -5.70 -36.11
C LYS D 166 -7.87 -4.96 -37.20
N THR D 167 -8.41 -3.82 -36.85
CA THR D 167 -9.26 -3.04 -37.76
C THR D 167 -9.05 -1.57 -37.45
N THR D 168 -9.32 -0.71 -38.42
CA THR D 168 -9.35 0.74 -38.15
C THR D 168 -10.58 1.04 -37.30
N PRO D 169 -10.42 1.80 -36.21
CA PRO D 169 -11.46 1.84 -35.20
C PRO D 169 -12.76 2.54 -35.64
N ASN D 170 -13.86 2.10 -35.04
CA ASN D 170 -15.25 2.51 -35.37
C ASN D 170 -15.65 2.29 -36.83
N LEU D 171 -15.14 1.24 -37.42
CA LEU D 171 -15.55 0.86 -38.74
C LEU D 171 -15.47 -0.63 -38.90
N ARG D 172 -15.65 -1.35 -37.81
CA ARG D 172 -15.34 -2.78 -37.84
C ARG D 172 -16.40 -3.50 -38.65
N LEU D 173 -17.63 -3.08 -38.42
CA LEU D 173 -18.80 -3.58 -39.12
C LEU D 173 -18.62 -3.61 -40.61
N PHE D 174 -18.13 -2.49 -41.13
CA PHE D 174 -17.95 -2.30 -42.57
C PHE D 174 -16.79 -3.17 -43.07
N GLU D 175 -15.63 -3.02 -42.45
CA GLU D 175 -14.42 -3.77 -42.84
C GLU D 175 -14.63 -5.30 -42.89
N LYS D 176 -15.39 -5.83 -41.93
CA LYS D 176 -15.74 -7.28 -41.90
C LYS D 176 -16.66 -7.69 -43.07
N TYR D 177 -17.55 -6.79 -43.46
CA TYR D 177 -18.39 -6.98 -44.66
C TYR D 177 -17.54 -7.03 -45.95
N ALA D 178 -16.54 -6.16 -46.04
CA ALA D 178 -15.61 -6.13 -47.19
C ALA D 178 -14.84 -7.44 -47.34
N VAL D 179 -14.44 -8.02 -46.22
CA VAL D 179 -13.78 -9.34 -46.20
C VAL D 179 -14.70 -10.46 -46.71
N ARG D 180 -15.98 -10.41 -46.34
CA ARG D 180 -16.95 -11.41 -46.81
C ARG D 180 -17.05 -11.31 -48.29
N VAL D 181 -17.30 -10.09 -48.73
CA VAL D 181 -17.38 -9.74 -50.18
C VAL D 181 -16.17 -10.27 -50.97
N GLY D 182 -14.97 -10.08 -50.41
CA GLY D 182 -13.73 -10.52 -51.07
C GLY D 182 -13.39 -12.01 -51.10
N GLY D 183 -14.24 -12.86 -50.53
CA GLY D 183 -14.01 -14.34 -50.51
C GLY D 183 -13.60 -14.90 -49.16
N GLY D 184 -13.34 -13.98 -48.24
CA GLY D 184 -12.90 -14.32 -46.90
C GLY D 184 -14.07 -14.64 -46.01
N TYR D 185 -13.74 -14.87 -44.74
CA TYR D 185 -14.71 -15.16 -43.69
C TYR D 185 -14.38 -14.34 -42.48
N ASN D 186 -15.34 -14.28 -41.56
CA ASN D 186 -15.18 -13.46 -40.35
C ASN D 186 -14.97 -14.19 -39.03
N HIS D 187 -13.91 -13.78 -38.32
CA HIS D 187 -13.59 -14.29 -37.00
C HIS D 187 -14.47 -13.53 -36.02
N ARG D 188 -14.54 -13.95 -34.78
CA ARG D 188 -15.30 -13.21 -33.78
C ARG D 188 -15.20 -11.69 -33.91
N PHE D 189 -16.37 -11.06 -33.79
CA PHE D 189 -16.54 -9.64 -33.97
C PHE D 189 -15.98 -8.82 -32.85
N ASN D 190 -16.11 -9.34 -31.66
CA ASN D 190 -15.60 -8.64 -30.48
C ASN D 190 -15.21 -9.63 -29.38
N LEU D 191 -14.88 -9.10 -28.21
CA LEU D 191 -14.48 -9.91 -27.06
C LEU D 191 -15.60 -10.77 -26.48
N SER D 192 -16.85 -10.36 -26.74
CA SER D 192 -18.03 -11.05 -26.26
C SER D 192 -18.51 -12.20 -27.12
N ASP D 193 -17.87 -12.42 -28.26
CA ASP D 193 -18.38 -13.44 -29.20
C ASP D 193 -17.90 -14.82 -28.77
N ALA D 194 -16.59 -14.99 -28.79
CA ALA D 194 -15.94 -16.25 -28.40
C ALA D 194 -14.99 -16.02 -27.26
N ILE D 195 -14.48 -17.12 -26.73
CA ILE D 195 -13.41 -17.07 -25.75
C ILE D 195 -12.12 -17.44 -26.50
N MET D 196 -11.25 -16.46 -26.69
CA MET D 196 -9.96 -16.70 -27.31
C MET D 196 -8.95 -16.43 -26.21
N LEU D 197 -8.14 -17.44 -25.91
CA LEU D 197 -7.07 -17.35 -24.92
C LEU D 197 -5.71 -17.12 -25.59
N LYS D 198 -5.30 -15.85 -25.66
CA LYS D 198 -3.93 -15.41 -26.09
C LYS D 198 -2.85 -15.86 -25.10
N ASP D 199 -1.60 -15.76 -25.53
CA ASP D 199 -0.40 -16.09 -24.70
C ASP D 199 -0.29 -15.35 -23.33
N ASN D 200 -0.81 -14.12 -23.26
CA ASN D 200 -0.92 -13.36 -22.00
C ASN D 200 -1.77 -14.10 -21.02
N HIS D 201 -2.98 -14.39 -21.47
CA HIS D 201 -3.97 -15.09 -20.68
C HIS D 201 -3.37 -16.37 -20.05
N ILE D 202 -2.62 -17.14 -20.85
CA ILE D 202 -2.07 -18.40 -20.37
C ILE D 202 -0.99 -18.11 -19.34
N ALA D 203 -0.11 -17.16 -19.67
CA ALA D 203 0.94 -16.69 -18.77
C ALA D 203 0.38 -16.26 -17.41
N ALA D 204 -0.78 -15.61 -17.43
CA ALA D 204 -1.49 -15.16 -16.23
C ALA D 204 -2.06 -16.29 -15.32
N VAL D 205 -2.57 -17.37 -15.89
CA VAL D 205 -2.96 -18.54 -15.07
C VAL D 205 -1.78 -19.52 -14.87
N GLY D 206 -0.78 -19.45 -15.74
CA GLY D 206 0.43 -20.28 -15.65
C GLY D 206 0.32 -21.51 -16.54
N SER D 207 -0.72 -22.30 -16.32
CA SER D 207 -0.96 -23.50 -17.10
C SER D 207 -1.88 -23.22 -18.30
N VAL D 208 -1.89 -24.12 -19.28
CA VAL D 208 -2.89 -24.10 -20.34
C VAL D 208 -4.11 -24.93 -19.90
N GLN D 209 -3.87 -26.17 -19.47
CA GLN D 209 -4.92 -27.08 -18.95
C GLN D 209 -5.81 -26.36 -17.94
N LYS D 210 -5.16 -25.59 -17.06
CA LYS D 210 -5.84 -24.80 -16.00
C LYS D 210 -6.58 -23.57 -16.56
N ALA D 211 -5.99 -22.92 -17.56
CA ALA D 211 -6.62 -21.73 -18.22
C ALA D 211 -7.92 -22.07 -18.94
N ILE D 212 -7.91 -23.18 -19.65
CA ILE D 212 -9.06 -23.63 -20.43
C ILE D 212 -10.21 -24.09 -19.54
N ALA D 213 -9.91 -24.99 -18.61
CA ALA D 213 -10.86 -25.41 -17.57
C ALA D 213 -11.56 -24.21 -16.93
N GLN D 214 -10.78 -23.17 -16.69
CA GLN D 214 -11.28 -21.94 -16.07
C GLN D 214 -12.23 -21.13 -17.00
N ALA D 215 -11.95 -21.15 -18.29
CA ALA D 215 -12.80 -20.50 -19.29
C ALA D 215 -14.11 -21.24 -19.44
N ARG D 216 -14.00 -22.54 -19.62
CA ARG D 216 -15.15 -23.44 -19.69
C ARG D 216 -16.09 -23.42 -18.47
N ALA D 217 -15.51 -23.26 -17.31
CA ALA D 217 -16.26 -23.02 -16.09
C ALA D 217 -17.12 -21.77 -16.19
N TYR D 218 -16.52 -20.70 -16.69
CA TYR D 218 -17.14 -19.35 -16.73
C TYR D 218 -18.31 -19.27 -17.69
N ALA D 219 -18.14 -19.79 -18.87
CA ALA D 219 -19.19 -19.80 -19.89
C ALA D 219 -19.27 -21.23 -20.35
N PRO D 220 -20.23 -22.03 -19.85
CA PRO D 220 -20.09 -23.47 -20.08
C PRO D 220 -20.29 -24.04 -21.45
N PHE D 221 -21.40 -23.80 -22.13
CA PHE D 221 -21.60 -24.48 -23.42
C PHE D 221 -21.84 -23.60 -24.61
N VAL D 222 -22.13 -22.33 -24.40
CA VAL D 222 -22.51 -21.45 -25.50
C VAL D 222 -21.33 -20.74 -26.22
N LYS D 223 -20.11 -20.83 -25.66
CA LYS D 223 -18.98 -20.10 -26.21
C LYS D 223 -17.92 -21.05 -26.72
N MET D 224 -17.53 -20.85 -27.99
CA MET D 224 -16.34 -21.51 -28.55
C MET D 224 -15.08 -21.09 -27.76
N VAL D 225 -14.13 -22.00 -27.67
CA VAL D 225 -12.89 -21.75 -26.96
C VAL D 225 -11.69 -22.01 -27.87
N GLU D 226 -11.02 -20.93 -28.23
CA GLU D 226 -9.80 -20.96 -29.04
C GLU D 226 -8.59 -20.68 -28.15
N VAL D 227 -7.44 -21.27 -28.51
CA VAL D 227 -6.19 -21.14 -27.77
C VAL D 227 -5.06 -20.85 -28.72
N GLU D 228 -4.28 -19.82 -28.42
CA GLU D 228 -3.00 -19.53 -29.13
C GLU D 228 -1.84 -20.35 -28.58
N VAL D 229 -1.03 -20.95 -29.45
CA VAL D 229 -0.01 -21.90 -29.02
C VAL D 229 1.25 -21.79 -29.89
N GLU D 230 2.38 -21.49 -29.25
CA GLU D 230 3.69 -21.32 -29.95
C GLU D 230 4.70 -22.51 -29.74
N SER D 231 4.19 -23.66 -29.30
CA SER D 231 5.02 -24.87 -29.08
C SER D 231 4.20 -26.15 -29.28
N LEU D 232 4.81 -27.15 -29.88
CA LEU D 232 4.18 -28.47 -30.10
C LEU D 232 3.66 -29.09 -28.82
N ALA D 233 4.41 -28.88 -27.75
CA ALA D 233 4.13 -29.48 -26.45
C ALA D 233 2.82 -28.99 -25.88
N ALA D 234 2.65 -27.67 -25.92
CA ALA D 234 1.43 -27.01 -25.43
C ALA D 234 0.17 -27.29 -26.28
N ALA D 235 0.35 -27.57 -27.56
CA ALA D 235 -0.74 -27.95 -28.48
C ALA D 235 -1.31 -29.32 -28.15
N GLU D 236 -0.42 -30.25 -27.79
CA GLU D 236 -0.82 -31.55 -27.24
C GLU D 236 -1.70 -31.31 -26.01
N GLU D 237 -1.16 -30.60 -25.05
CA GLU D 237 -1.84 -30.32 -23.80
C GLU D 237 -3.22 -29.64 -23.95
N ALA D 238 -3.30 -28.74 -24.92
CA ALA D 238 -4.53 -28.01 -25.26
C ALA D 238 -5.58 -28.89 -25.95
N ALA D 239 -5.14 -29.72 -26.87
CA ALA D 239 -6.05 -30.69 -27.53
C ALA D 239 -6.60 -31.75 -26.55
N ALA D 240 -5.75 -32.12 -25.59
CA ALA D 240 -6.10 -33.04 -24.47
C ALA D 240 -7.29 -32.51 -23.70
N ALA D 241 -7.17 -31.28 -23.19
CA ALA D 241 -8.29 -30.61 -22.44
C ALA D 241 -9.50 -30.23 -23.36
N GLY D 242 -9.43 -30.63 -24.63
CA GLY D 242 -10.56 -30.60 -25.59
C GLY D 242 -11.05 -29.19 -25.87
N VAL D 243 -10.22 -28.43 -26.56
CA VAL D 243 -10.63 -27.07 -26.96
C VAL D 243 -11.18 -27.11 -28.35
N ASP D 244 -11.96 -26.10 -28.70
CA ASP D 244 -12.63 -26.08 -30.00
C ASP D 244 -11.66 -25.76 -31.16
N ILE D 245 -10.81 -24.76 -30.98
CA ILE D 245 -9.86 -24.35 -31.99
C ILE D 245 -8.48 -24.23 -31.34
N ILE D 246 -7.45 -24.66 -32.05
CA ILE D 246 -6.07 -24.42 -31.67
C ILE D 246 -5.44 -23.54 -32.71
N MET D 247 -4.84 -22.46 -32.27
CA MET D 247 -4.15 -21.54 -33.17
C MET D 247 -2.63 -21.71 -33.10
N LEU D 248 -2.04 -22.16 -34.18
CA LEU D 248 -0.59 -22.33 -34.31
C LEU D 248 0.01 -21.01 -34.72
N ASP D 249 0.49 -20.31 -33.71
CA ASP D 249 1.07 -18.98 -33.84
C ASP D 249 2.53 -19.03 -34.33
N ASN D 250 2.68 -18.75 -35.61
CA ASN D 250 3.99 -18.55 -36.27
C ASN D 250 4.89 -19.77 -36.33
N MET D 251 4.30 -20.96 -36.32
CA MET D 251 5.08 -22.18 -36.35
C MET D 251 5.58 -22.48 -37.76
N SER D 252 6.62 -23.31 -37.82
CA SER D 252 7.24 -23.72 -39.09
C SER D 252 6.39 -24.78 -39.80
N LEU D 253 6.65 -24.97 -41.09
CA LEU D 253 5.94 -25.99 -41.90
C LEU D 253 6.16 -27.42 -41.40
N GLU D 254 7.39 -27.71 -40.96
CA GLU D 254 7.73 -29.01 -40.35
C GLU D 254 6.93 -29.26 -39.11
N GLN D 255 6.81 -28.21 -38.33
CA GLN D 255 6.07 -28.24 -37.04
C GLN D 255 4.56 -28.31 -37.20
N ILE D 256 4.02 -27.52 -38.13
CA ILE D 256 2.59 -27.57 -38.43
C ILE D 256 2.21 -28.99 -38.81
N GLU D 257 2.97 -29.59 -39.71
CA GLU D 257 2.61 -30.95 -40.12
C GLU D 257 2.63 -31.88 -38.90
N GLN D 258 3.70 -31.82 -38.13
CA GLN D 258 3.81 -32.59 -36.88
C GLN D 258 2.58 -32.41 -35.99
N ALA D 259 2.23 -31.15 -35.78
CA ALA D 259 1.16 -30.75 -34.83
C ALA D 259 -0.22 -31.16 -35.29
N ILE D 260 -0.46 -31.22 -36.59
CA ILE D 260 -1.75 -31.66 -37.11
C ILE D 260 -2.04 -33.11 -36.68
N THR D 261 -1.09 -33.99 -36.93
CA THR D 261 -1.20 -35.42 -36.54
C THR D 261 -1.11 -35.61 -35.00
N LEU D 262 -0.40 -34.72 -34.32
CA LEU D 262 -0.34 -34.70 -32.84
C LEU D 262 -1.69 -34.26 -32.20
N ILE D 263 -2.31 -33.24 -32.77
CA ILE D 263 -3.69 -32.89 -32.42
C ILE D 263 -4.58 -34.07 -32.70
N ALA D 264 -4.33 -34.73 -33.82
CA ALA D 264 -5.07 -35.93 -34.24
C ALA D 264 -6.56 -35.63 -34.45
N GLY D 265 -6.84 -34.45 -35.00
CA GLY D 265 -8.20 -33.98 -35.24
C GLY D 265 -9.13 -33.85 -34.04
N ARG D 266 -8.59 -33.75 -32.82
CA ARG D 266 -9.43 -33.48 -31.62
C ARG D 266 -9.94 -32.05 -31.60
N SER D 267 -9.28 -31.18 -32.35
CA SER D 267 -9.66 -29.76 -32.46
C SER D 267 -9.40 -29.21 -33.85
N ARG D 268 -9.90 -28.01 -34.08
CA ARG D 268 -9.60 -27.30 -35.33
C ARG D 268 -8.23 -26.69 -35.29
N ILE D 269 -7.59 -26.59 -36.44
CA ILE D 269 -6.32 -25.94 -36.51
C ILE D 269 -6.48 -24.63 -37.29
N GLU D 270 -5.82 -23.60 -36.79
CA GLU D 270 -5.70 -22.30 -37.46
C GLU D 270 -4.23 -21.89 -37.52
N CYS D 271 -3.79 -21.32 -38.62
CA CYS D 271 -2.45 -20.77 -38.70
C CYS D 271 -2.40 -19.26 -38.75
N SER D 272 -1.32 -18.68 -38.25
CA SER D 272 -1.23 -17.24 -38.19
C SER D 272 0.16 -16.75 -38.02
N GLY D 273 0.35 -15.48 -38.36
CA GLY D 273 1.62 -14.81 -38.24
C GLY D 273 2.47 -14.84 -39.49
N ASN D 274 3.01 -13.69 -39.83
CA ASN D 274 3.79 -13.55 -41.04
C ASN D 274 3.06 -14.08 -42.26
N ILE D 275 1.75 -13.85 -42.31
CA ILE D 275 0.96 -14.28 -43.45
C ILE D 275 0.74 -13.04 -44.28
N ASP D 276 1.61 -12.85 -45.27
CA ASP D 276 1.52 -11.77 -46.23
C ASP D 276 1.14 -12.31 -47.61
N MET D 277 1.05 -11.41 -48.58
CA MET D 277 0.65 -11.77 -49.96
C MET D 277 1.44 -12.95 -50.51
N THR D 278 2.74 -12.93 -50.24
CA THR D 278 3.69 -13.88 -50.84
C THR D 278 3.95 -15.15 -50.01
N THR D 279 3.79 -15.05 -48.71
CA THR D 279 3.91 -16.20 -47.80
C THR D 279 2.77 -17.21 -47.88
N ILE D 280 1.55 -16.70 -47.88
CA ILE D 280 0.33 -17.51 -47.69
C ILE D 280 0.34 -18.86 -48.44
N SER D 281 0.94 -18.89 -49.62
CA SER D 281 0.99 -20.11 -50.49
C SER D 281 1.66 -21.37 -49.90
N ARG D 282 2.46 -21.21 -48.86
CA ARG D 282 3.07 -22.37 -48.15
C ARG D 282 2.06 -23.33 -47.50
N PHE D 283 0.91 -22.79 -47.10
CA PHE D 283 -0.12 -23.59 -46.46
C PHE D 283 -0.90 -24.48 -47.43
N ARG D 284 -0.79 -24.19 -48.72
CA ARG D 284 -1.49 -24.97 -49.70
C ARG D 284 -1.17 -26.45 -49.50
N GLY D 285 -2.23 -27.24 -49.30
CA GLY D 285 -2.11 -28.69 -49.20
C GLY D 285 -2.06 -29.28 -47.80
N LEU D 286 -2.00 -28.43 -46.79
CA LEU D 286 -2.12 -28.89 -45.41
C LEU D 286 -3.57 -29.19 -44.98
N ALA D 287 -3.69 -29.98 -43.90
CA ALA D 287 -4.99 -30.30 -43.28
C ALA D 287 -5.36 -29.39 -42.11
N ILE D 288 -4.82 -28.18 -42.12
CA ILE D 288 -5.39 -27.07 -41.33
C ILE D 288 -6.75 -26.69 -41.86
N ASP D 289 -7.51 -25.97 -41.06
CA ASP D 289 -8.88 -25.61 -41.40
C ASP D 289 -9.01 -24.18 -41.96
N TYR D 290 -8.26 -23.26 -41.34
CA TYR D 290 -8.13 -21.89 -41.86
C TYR D 290 -6.88 -21.17 -41.41
N VAL D 291 -6.30 -20.39 -42.30
CA VAL D 291 -5.34 -19.37 -41.92
C VAL D 291 -6.09 -18.10 -41.63
N SER D 292 -5.46 -17.19 -40.91
CA SER D 292 -6.08 -15.88 -40.63
C SER D 292 -5.03 -14.79 -40.64
N SER D 293 -5.47 -13.59 -40.98
CA SER D 293 -4.57 -12.48 -41.20
C SER D 293 -5.13 -11.15 -40.71
N GLY D 294 -4.19 -10.32 -40.26
CA GLY D 294 -4.49 -8.97 -39.82
C GLY D 294 -4.59 -8.10 -41.03
N SER D 295 -3.46 -7.99 -41.72
CA SER D 295 -3.26 -7.05 -42.85
C SER D 295 -4.51 -6.76 -43.70
N LEU D 296 -5.26 -7.80 -44.03
CA LEU D 296 -6.54 -7.67 -44.73
C LEU D 296 -7.35 -6.45 -44.32
N THR D 297 -7.47 -6.25 -43.01
CA THR D 297 -8.20 -5.09 -42.45
C THR D 297 -7.29 -3.87 -42.22
N HIS D 298 -6.16 -4.04 -41.53
CA HIS D 298 -5.34 -2.90 -41.09
C HIS D 298 -4.33 -2.32 -42.12
N SER D 299 -3.85 -3.15 -43.04
CA SER D 299 -2.83 -2.76 -44.02
C SER D 299 -3.30 -2.98 -45.46
N ALA D 300 -4.44 -2.39 -45.79
CA ALA D 300 -5.04 -2.56 -47.12
C ALA D 300 -4.91 -1.27 -47.90
N LYS D 301 -4.14 -1.30 -48.99
CA LYS D 301 -4.13 -0.21 -49.97
C LYS D 301 -5.58 -0.09 -50.48
N SER D 302 -6.08 1.14 -50.49
CA SER D 302 -7.46 1.34 -50.91
C SER D 302 -7.47 1.42 -52.44
N LEU D 303 -8.56 0.93 -53.03
CA LEU D 303 -8.76 0.93 -54.47
C LEU D 303 -9.03 2.36 -54.90
N ASP D 304 -8.85 2.60 -56.18
CA ASP D 304 -9.10 3.90 -56.77
C ASP D 304 -10.39 3.89 -57.58
N PHE D 305 -11.17 4.95 -57.40
CA PHE D 305 -12.28 5.28 -58.27
C PHE D 305 -12.11 6.71 -58.73
N SER D 306 -12.87 7.11 -59.74
CA SER D 306 -12.74 8.44 -60.36
C SER D 306 -14.11 9.11 -60.56
N MET D 307 -14.23 10.39 -60.17
CA MET D 307 -15.45 11.17 -60.39
C MET D 307 -15.29 12.14 -61.56
N LYS D 308 -15.95 11.86 -62.68
CA LYS D 308 -15.89 12.75 -63.83
C LYS D 308 -17.08 12.58 -64.77
N GLY D 309 -17.15 13.44 -65.75
CA GLY D 309 -18.22 13.38 -66.76
C GLY D 309 -19.45 14.17 -66.33
N LEU D 310 -19.26 15.10 -65.42
CA LEU D 310 -20.39 15.90 -64.93
C LEU D 310 -20.99 16.61 -66.14
N THR D 311 -22.30 16.55 -66.29
CA THR D 311 -23.03 17.29 -67.33
C THR D 311 -24.46 17.52 -66.90
N TYR D 312 -25.02 18.64 -67.31
CA TYR D 312 -26.40 18.92 -66.95
C TYR D 312 -27.26 17.92 -67.73
N LEU D 313 -28.58 17.94 -67.47
CA LEU D 313 -29.48 16.86 -67.92
C LEU D 313 -30.93 17.32 -68.09
N THR E 31 23.82 -20.59 29.36
CA THR E 31 23.07 -19.51 30.07
C THR E 31 21.56 -19.76 30.16
N ASP E 32 21.05 -20.03 31.38
CA ASP E 32 19.61 -20.25 31.63
C ASP E 32 18.85 -18.97 31.65
N LEU E 33 17.57 -19.08 31.92
CA LEU E 33 16.74 -17.92 32.17
C LEU E 33 16.55 -17.63 33.66
N THR E 34 16.70 -16.38 34.05
CA THR E 34 16.44 -15.97 35.43
C THR E 34 14.95 -16.06 35.69
N PRO E 35 14.53 -16.33 36.93
CA PRO E 35 13.13 -16.19 37.26
C PRO E 35 12.58 -14.81 37.02
N PHE E 36 13.31 -13.77 37.38
CA PHE E 36 12.80 -12.43 37.11
C PHE E 36 12.35 -12.22 35.66
N GLN E 37 13.19 -12.59 34.70
CA GLN E 37 12.84 -12.53 33.26
C GLN E 37 11.50 -13.15 32.90
N ILE E 38 11.26 -14.33 33.42
CA ILE E 38 10.11 -15.20 32.99
C ILE E 38 8.86 -15.28 33.89
N ASP E 39 9.03 -15.05 35.20
CA ASP E 39 7.92 -15.15 36.16
C ASP E 39 6.59 -14.57 35.67
N ASP E 40 6.57 -13.30 35.29
CA ASP E 40 5.30 -12.68 34.90
C ASP E 40 4.58 -13.36 33.71
N THR E 41 5.33 -13.98 32.81
CA THR E 41 4.77 -14.75 31.65
C THR E 41 4.11 -16.01 32.12
N LEU E 42 4.83 -16.75 32.97
CA LEU E 42 4.32 -18.02 33.50
C LEU E 42 3.09 -17.85 34.35
N LYS E 43 3.10 -16.82 35.18
CA LYS E 43 1.95 -16.52 36.05
C LYS E 43 0.69 -16.29 35.24
N ALA E 44 0.82 -15.65 34.09
CA ALA E 44 -0.34 -15.39 33.23
C ALA E 44 -0.81 -16.67 32.58
N ALA E 45 0.14 -17.51 32.23
CA ALA E 45 -0.17 -18.83 31.64
C ALA E 45 -0.93 -19.73 32.59
N LEU E 46 -0.68 -19.57 33.89
CA LEU E 46 -1.40 -20.34 34.93
C LEU E 46 -2.78 -19.78 35.17
N ARG E 47 -2.87 -18.47 35.23
CA ARG E 47 -4.18 -17.80 35.36
C ARG E 47 -5.05 -18.11 34.16
N GLU E 48 -4.44 -18.20 32.98
CA GLU E 48 -5.12 -18.64 31.73
C GLU E 48 -5.76 -20.02 31.86
N ASP E 49 -4.98 -20.99 32.31
CA ASP E 49 -5.42 -22.39 32.40
C ASP E 49 -6.32 -22.70 33.61
N VAL E 50 -6.39 -21.80 34.57
CA VAL E 50 -7.08 -22.07 35.84
C VAL E 50 -7.88 -20.88 36.32
N HIS E 51 -8.97 -20.59 35.65
CA HIS E 51 -9.70 -19.34 35.94
C HIS E 51 -10.39 -19.33 37.29
N SER E 52 -10.95 -20.46 37.70
CA SER E 52 -11.71 -20.58 38.94
C SER E 52 -11.06 -21.53 39.91
N GLU E 53 -10.89 -22.77 39.47
CA GLU E 53 -10.17 -23.84 40.19
C GLU E 53 -10.11 -25.09 39.30
N ASP E 54 -9.30 -26.06 39.68
CA ASP E 54 -9.25 -27.33 38.90
C ASP E 54 -10.29 -28.31 39.44
N TYR E 55 -11.52 -28.27 38.93
CA TYR E 55 -12.64 -29.06 39.53
C TYR E 55 -12.36 -30.54 39.42
N SER E 56 -11.94 -30.94 38.23
CA SER E 56 -11.58 -32.34 37.94
C SER E 56 -10.59 -32.92 38.98
N THR E 57 -9.55 -32.17 39.29
CA THR E 57 -8.51 -32.58 40.25
C THR E 57 -9.01 -32.48 41.67
N ASN E 58 -9.57 -31.34 42.03
CA ASN E 58 -9.98 -31.08 43.42
C ASN E 58 -11.11 -31.94 43.93
N ALA E 59 -11.87 -32.50 43.01
CA ALA E 59 -12.97 -33.40 43.34
C ALA E 59 -12.50 -34.74 43.85
N ILE E 60 -11.43 -35.21 43.25
CA ILE E 60 -10.91 -36.53 43.50
C ILE E 60 -9.78 -36.54 44.55
N PHE E 61 -8.99 -35.49 44.68
CA PHE E 61 -7.82 -35.51 45.61
C PHE E 61 -7.68 -34.49 46.77
N ASP E 62 -7.44 -34.96 48.01
CA ASP E 62 -7.32 -34.07 49.18
C ASP E 62 -6.06 -33.23 49.12
N HIS E 63 -6.05 -32.09 49.82
CA HIS E 63 -4.87 -31.22 49.86
C HIS E 63 -3.71 -31.86 50.65
N HIS E 64 -4.03 -32.79 51.57
CA HIS E 64 -3.06 -33.46 52.45
C HIS E 64 -2.03 -34.36 51.69
N GLY E 65 -2.50 -35.27 50.83
CA GLY E 65 -1.64 -36.31 50.23
C GLY E 65 -0.45 -35.80 49.39
N GLN E 66 0.71 -36.47 49.44
CA GLN E 66 1.81 -36.20 48.50
C GLN E 66 2.33 -37.36 47.67
N ALA E 67 2.76 -37.01 46.46
CA ALA E 67 3.08 -37.97 45.42
C ALA E 67 4.28 -37.60 44.57
N LYS E 68 4.73 -38.58 43.81
CA LYS E 68 5.80 -38.42 42.86
C LYS E 68 5.26 -38.70 41.49
N VAL E 69 5.72 -37.92 40.51
CA VAL E 69 5.38 -38.10 39.10
C VAL E 69 6.62 -38.02 38.26
N SER E 70 6.66 -38.85 37.23
CA SER E 70 7.83 -38.96 36.35
C SER E 70 7.56 -38.28 35.02
N LEU E 71 8.44 -37.36 34.65
CA LEU E 71 8.42 -36.73 33.31
C LEU E 71 9.23 -37.57 32.29
N PHE E 72 8.57 -38.18 31.32
CA PHE E 72 9.23 -39.02 30.29
C PHE E 72 9.27 -38.29 28.97
N ALA E 73 10.41 -38.32 28.30
CA ALA E 73 10.49 -37.85 26.90
C ALA E 73 9.98 -38.99 26.06
N LYS E 74 9.08 -38.66 25.15
CA LYS E 74 8.43 -39.67 24.32
C LYS E 74 8.86 -39.52 22.88
N GLU E 75 9.91 -38.75 22.65
CA GLU E 75 10.41 -38.49 21.30
C GLU E 75 11.86 -38.06 21.26
N ALA E 76 12.52 -38.39 20.15
CA ALA E 76 13.94 -38.07 20.02
C ALA E 76 14.12 -36.62 19.66
N GLY E 77 15.11 -35.99 20.28
CA GLY E 77 15.38 -34.58 20.05
C GLY E 77 16.32 -33.97 21.06
N VAL E 78 16.16 -32.67 21.29
CA VAL E 78 16.98 -31.92 22.25
C VAL E 78 16.12 -31.30 23.36
N LEU E 79 16.62 -31.33 24.56
CA LEU E 79 15.90 -30.79 25.69
C LEU E 79 16.18 -29.31 25.80
N ALA E 80 15.12 -28.55 26.00
CA ALA E 80 15.22 -27.09 26.25
C ALA E 80 14.11 -26.62 27.20
N GLY E 81 14.45 -25.65 28.02
CA GLY E 81 13.51 -25.04 28.98
C GLY E 81 13.04 -25.98 30.05
N LEU E 82 13.97 -26.70 30.64
CA LEU E 82 13.71 -27.59 31.77
C LEU E 82 13.55 -26.78 33.04
N THR E 83 14.35 -25.72 33.17
CA THR E 83 14.21 -24.77 34.28
C THR E 83 12.86 -24.05 34.26
N VAL E 84 12.36 -23.84 33.07
CA VAL E 84 11.07 -23.20 32.87
C VAL E 84 9.95 -24.14 33.34
N PHE E 85 10.04 -25.40 32.92
CA PHE E 85 9.17 -26.48 33.39
C PHE E 85 9.10 -26.50 34.93
N GLN E 86 10.26 -26.48 35.56
CA GLN E 86 10.35 -26.45 37.02
C GLN E 86 9.80 -25.17 37.67
N ARG E 87 10.04 -24.03 37.06
CA ARG E 87 9.54 -22.76 37.58
C ARG E 87 8.03 -22.64 37.55
N VAL E 88 7.39 -23.30 36.60
CA VAL E 88 5.93 -23.33 36.59
C VAL E 88 5.35 -24.01 37.83
N PHE E 89 5.91 -25.16 38.19
CA PHE E 89 5.45 -25.86 39.39
C PHE E 89 5.68 -25.06 40.67
N THR E 90 6.86 -24.46 40.81
CA THR E 90 7.21 -23.72 42.05
C THR E 90 6.42 -22.42 42.23
N LEU E 91 5.96 -21.82 41.14
CA LEU E 91 5.12 -20.63 41.21
C LEU E 91 3.71 -20.94 41.67
N PHE E 92 3.19 -22.08 41.24
CA PHE E 92 1.89 -22.57 41.73
C PHE E 92 1.98 -22.92 43.22
N ASP E 93 3.00 -23.71 43.56
CA ASP E 93 3.22 -24.30 44.90
C ASP E 93 4.72 -24.29 45.22
N ALA E 94 5.14 -23.45 46.16
CA ALA E 94 6.54 -23.36 46.57
C ALA E 94 7.08 -24.68 47.17
N GLU E 95 6.25 -25.40 47.93
CA GLU E 95 6.64 -26.65 48.58
C GLU E 95 6.92 -27.85 47.62
N VAL E 96 6.81 -27.64 46.31
CA VAL E 96 7.13 -28.67 45.32
C VAL E 96 8.64 -28.80 45.11
N THR E 97 9.08 -30.03 44.88
CA THR E 97 10.50 -30.38 44.74
C THR E 97 10.79 -31.31 43.54
N PHE E 98 12.07 -31.49 43.22
CA PHE E 98 12.48 -32.18 41.99
C PHE E 98 13.69 -33.09 42.11
N GLN E 99 13.50 -34.38 42.00
CA GLN E 99 14.60 -35.29 41.75
C GLN E 99 14.94 -35.33 40.23
N ASN E 100 16.23 -35.28 39.92
CA ASN E 100 16.73 -35.47 38.56
C ASN E 100 17.81 -36.58 38.53
N PRO E 101 17.41 -37.82 38.27
CA PRO E 101 18.34 -38.92 38.43
C PRO E 101 19.45 -38.95 37.42
N HIS E 102 19.17 -38.55 36.18
CA HIS E 102 20.20 -38.63 35.15
C HIS E 102 20.99 -37.34 34.89
N GLN E 103 20.83 -36.36 35.78
CA GLN E 103 21.45 -35.06 35.61
C GLN E 103 21.23 -34.47 34.23
N PHE E 104 20.02 -34.64 33.73
CA PHE E 104 19.63 -34.03 32.47
C PHE E 104 19.61 -32.53 32.56
N LYS E 105 20.17 -31.88 31.57
CA LYS E 105 20.17 -30.41 31.49
C LYS E 105 19.75 -29.97 30.10
N ASP E 106 19.51 -28.67 29.96
CA ASP E 106 19.12 -28.14 28.69
C ASP E 106 20.28 -28.33 27.74
N GLY E 107 19.95 -28.67 26.50
CA GLY E 107 20.93 -28.93 25.47
C GLY E 107 21.31 -30.37 25.37
N ASP E 108 20.93 -31.15 26.36
CA ASP E 108 21.22 -32.59 26.34
C ASP E 108 20.33 -33.24 25.33
N ARG E 109 20.77 -34.34 24.74
CA ARG E 109 19.93 -35.03 23.75
C ARG E 109 19.03 -36.07 24.37
N LEU E 110 17.88 -36.24 23.78
CA LEU E 110 16.87 -37.15 24.28
C LEU E 110 16.70 -38.29 23.34
N THR E 111 16.04 -39.31 23.83
CA THR E 111 15.43 -40.34 22.99
C THR E 111 14.23 -40.88 23.73
N SER E 112 13.36 -41.55 23.00
CA SER E 112 12.11 -42.01 23.55
C SER E 112 12.33 -42.93 24.76
N GLY E 113 11.47 -42.74 25.76
CA GLY E 113 11.48 -43.53 26.97
C GLY E 113 12.39 -43.02 28.07
N ASP E 114 12.95 -41.83 27.90
CA ASP E 114 13.95 -41.29 28.86
C ASP E 114 13.37 -40.58 30.08
N LEU E 115 13.78 -40.96 31.27
CA LEU E 115 13.31 -40.32 32.52
C LEU E 115 14.09 -39.02 32.78
N VAL E 116 13.48 -37.91 32.40
CA VAL E 116 14.11 -36.59 32.47
C VAL E 116 14.07 -36.05 33.89
N LEU E 117 12.86 -35.97 34.43
CA LEU E 117 12.61 -35.46 35.79
C LEU E 117 11.64 -36.31 36.58
N GLU E 118 11.81 -36.29 37.90
CA GLU E 118 10.76 -36.75 38.80
C GLU E 118 10.33 -35.57 39.59
N ILE E 119 9.04 -35.48 39.83
CA ILE E 119 8.43 -34.28 40.40
C ILE E 119 7.65 -34.68 41.65
N ILE E 120 8.03 -34.13 42.79
CA ILE E 120 7.43 -34.50 44.08
C ILE E 120 6.74 -33.34 44.79
N GLY E 121 5.52 -33.58 45.24
CA GLY E 121 4.78 -32.58 46.00
C GLY E 121 3.33 -32.97 46.13
N SER E 122 2.53 -32.01 46.57
CA SER E 122 1.08 -32.21 46.72
C SER E 122 0.46 -32.67 45.42
N VAL E 123 -0.52 -33.56 45.51
CA VAL E 123 -1.08 -34.20 44.30
C VAL E 123 -1.78 -33.20 43.41
N ARG E 124 -2.47 -32.25 44.03
CA ARG E 124 -3.18 -31.24 43.27
C ARG E 124 -2.19 -30.34 42.55
N SER E 125 -1.16 -29.94 43.27
CA SER E 125 -0.14 -29.09 42.71
C SER E 125 0.54 -29.72 41.48
N LEU E 126 0.63 -31.04 41.44
CA LEU E 126 1.22 -31.74 40.29
C LEU E 126 0.28 -31.89 39.12
N LEU E 127 -0.93 -32.33 39.40
CA LEU E 127 -1.93 -32.59 38.36
C LEU E 127 -2.50 -31.32 37.72
N THR E 128 -2.38 -30.18 38.39
CA THR E 128 -3.03 -28.95 37.91
C THR E 128 -2.14 -28.17 36.92
N CYS E 129 -0.97 -27.81 37.36
CA CYS E 129 -0.07 -27.07 36.50
C CYS E 129 0.83 -27.95 35.60
N GLU E 130 0.49 -29.22 35.43
CA GLU E 130 1.24 -30.14 34.56
C GLU E 130 1.13 -29.72 33.09
N ARG E 131 -0.08 -29.49 32.66
CA ARG E 131 -0.31 -29.10 31.29
C ARG E 131 0.47 -27.84 30.93
N VAL E 132 0.39 -26.81 31.77
CA VAL E 132 1.05 -25.52 31.45
C VAL E 132 2.55 -25.70 31.31
N ALA E 133 3.13 -26.48 32.17
CA ALA E 133 4.55 -26.74 32.11
C ALA E 133 4.92 -27.51 30.86
N LEU E 134 4.22 -28.62 30.62
CA LEU E 134 4.47 -29.41 29.41
C LEU E 134 4.41 -28.55 28.13
N ASN E 135 3.44 -27.65 28.07
CA ASN E 135 3.32 -26.72 26.93
C ASN E 135 4.58 -25.90 26.68
N PHE E 136 5.21 -25.40 27.73
CA PHE E 136 6.46 -24.66 27.52
C PHE E 136 7.54 -25.61 27.09
N LEU E 137 7.72 -26.67 27.87
CA LEU E 137 8.80 -27.66 27.62
C LEU E 137 8.70 -28.24 26.22
N GLN E 138 7.50 -28.65 25.83
CA GLN E 138 7.26 -29.20 24.48
C GLN E 138 7.67 -28.20 23.41
N HIS E 139 7.05 -27.04 23.50
CA HIS E 139 7.30 -25.94 22.55
C HIS E 139 8.79 -25.55 22.40
N LEU E 140 9.50 -25.38 23.51
CA LEU E 140 10.89 -24.93 23.49
C LEU E 140 11.82 -26.01 23.00
N SER E 141 11.68 -27.18 23.58
CA SER E 141 12.44 -28.36 23.11
C SER E 141 12.25 -28.68 21.63
N GLY E 142 11.12 -28.26 21.10
CA GLY E 142 10.84 -28.36 19.66
C GLY E 142 11.77 -27.49 18.85
N ILE E 143 11.83 -26.23 19.24
CA ILE E 143 12.67 -25.25 18.54
C ILE E 143 14.09 -25.67 18.60
N ALA E 144 14.52 -26.03 19.81
CA ALA E 144 15.90 -26.39 20.00
C ALA E 144 16.25 -27.56 19.08
N SER E 145 15.40 -28.56 19.11
CA SER E 145 15.59 -29.78 18.31
C SER E 145 15.75 -29.45 16.83
N MET E 146 14.86 -28.60 16.35
CA MET E 146 14.87 -28.23 14.95
C MET E 146 16.12 -27.46 14.58
N THR E 147 16.52 -26.51 15.43
CA THR E 147 17.82 -25.80 15.26
C THR E 147 18.99 -26.75 15.09
N ALA E 148 19.07 -27.67 16.02
CA ALA E 148 20.10 -28.69 16.00
C ALA E 148 20.12 -29.51 14.71
N ALA E 149 18.94 -29.83 14.18
CA ALA E 149 18.83 -30.53 12.90
C ALA E 149 19.44 -29.75 11.74
N TYR E 150 19.17 -28.45 11.72
CA TYR E 150 19.73 -27.52 10.70
C TYR E 150 21.21 -27.37 10.83
N VAL E 151 21.67 -27.27 12.05
CA VAL E 151 23.09 -27.14 12.32
C VAL E 151 23.87 -28.38 11.83
N GLU E 152 23.37 -29.56 12.16
CA GLU E 152 24.01 -30.81 11.76
C GLU E 152 23.86 -31.02 10.26
N ALA E 153 22.70 -30.71 9.76
CA ALA E 153 22.47 -30.80 8.33
C ALA E 153 23.36 -29.86 7.52
N LEU E 154 23.72 -28.73 8.11
CA LEU E 154 24.55 -27.73 7.39
C LEU E 154 25.93 -28.34 7.22
N GLY E 155 26.47 -28.82 8.32
CA GLY E 155 27.72 -29.54 8.30
C GLY E 155 28.92 -28.65 8.53
N ASP E 156 29.01 -27.58 7.75
CA ASP E 156 30.08 -26.56 7.97
C ASP E 156 29.84 -25.89 9.32
N ASP E 157 30.88 -25.88 10.15
CA ASP E 157 30.80 -25.29 11.48
C ASP E 157 31.62 -24.02 11.63
N ARG E 158 32.23 -23.56 10.52
CA ARG E 158 32.71 -22.16 10.35
C ARG E 158 31.46 -21.25 10.08
N ILE E 159 30.44 -21.85 9.47
CA ILE E 159 29.16 -21.17 9.20
C ILE E 159 28.16 -21.43 10.33
N LYS E 160 27.50 -20.35 10.76
CA LYS E 160 26.59 -20.39 11.93
C LYS E 160 25.15 -20.21 11.51
N VAL E 161 24.25 -20.69 12.35
CA VAL E 161 22.84 -20.66 12.02
C VAL E 161 22.11 -19.73 12.97
N PHE E 162 21.63 -18.63 12.42
CA PHE E 162 20.94 -17.60 13.18
C PHE E 162 19.47 -17.72 13.00
N ASP E 163 18.76 -16.98 13.82
CA ASP E 163 17.32 -16.93 13.79
C ASP E 163 16.82 -15.51 13.43
N THR E 164 15.54 -15.25 13.65
CA THR E 164 14.92 -13.99 13.27
C THR E 164 13.90 -13.52 14.28
N ARG E 165 13.30 -12.37 13.99
CA ARG E 165 12.09 -11.91 14.70
C ARG E 165 10.81 -12.57 14.21
N LYS E 166 10.88 -13.44 13.23
CA LYS E 166 9.71 -14.25 12.92
C LYS E 166 9.55 -15.19 14.11
N THR E 167 8.61 -14.89 14.99
CA THR E 167 8.44 -15.64 16.25
C THR E 167 6.98 -15.62 16.62
N THR E 168 6.55 -16.58 17.42
CA THR E 168 5.18 -16.52 17.99
C THR E 168 5.16 -15.40 19.06
N PRO E 169 4.14 -14.52 19.02
CA PRO E 169 4.24 -13.28 19.76
C PRO E 169 4.20 -13.46 21.27
N ASN E 170 4.87 -12.52 21.95
CA ASN E 170 5.06 -12.49 23.42
C ASN E 170 5.77 -13.72 24.01
N LEU E 171 6.66 -14.27 23.24
CA LEU E 171 7.44 -15.38 23.72
C LEU E 171 8.76 -15.33 23.03
N ARG E 172 9.21 -14.14 22.68
CA ARG E 172 10.40 -14.03 21.82
C ARG E 172 11.64 -14.36 22.63
N LEU E 173 11.64 -13.86 23.85
CA LEU E 173 12.66 -14.18 24.83
C LEU E 173 12.97 -15.67 24.95
N PHE E 174 11.93 -16.47 25.09
CA PHE E 174 12.04 -17.92 25.30
C PHE E 174 12.50 -18.60 24.01
N GLU E 175 11.81 -18.34 22.92
CA GLU E 175 12.14 -18.92 21.60
C GLU E 175 13.61 -18.68 21.16
N LYS E 176 14.13 -17.49 21.42
CA LYS E 176 15.56 -17.19 21.17
C LYS E 176 16.54 -17.97 22.06
N TYR E 177 16.16 -18.21 23.32
CA TYR E 177 16.93 -19.12 24.23
C TYR E 177 16.96 -20.57 23.69
N ALA E 178 15.85 -21.06 23.17
CA ALA E 178 15.76 -22.40 22.58
C ALA E 178 16.70 -22.55 21.41
N VAL E 179 16.81 -21.52 20.60
CA VAL E 179 17.74 -21.49 19.45
C VAL E 179 19.21 -21.56 19.93
N ARG E 180 19.53 -20.85 21.01
CA ARG E 180 20.87 -20.92 21.57
C ARG E 180 21.12 -22.36 21.94
N VAL E 181 20.22 -22.89 22.75
CA VAL E 181 20.32 -24.26 23.27
C VAL E 181 20.58 -25.23 22.13
N GLY E 182 19.87 -25.04 21.05
CA GLY E 182 19.96 -25.94 19.91
C GLY E 182 21.18 -25.86 19.01
N GLY E 183 22.12 -24.96 19.32
CA GLY E 183 23.35 -24.83 18.54
C GLY E 183 23.40 -23.56 17.70
N GLY E 184 22.26 -22.89 17.64
CA GLY E 184 22.11 -21.68 16.86
C GLY E 184 22.60 -20.45 17.61
N TYR E 185 22.39 -19.30 16.98
CA TYR E 185 22.73 -17.98 17.55
C TYR E 185 21.61 -17.02 17.30
N ASN E 186 21.72 -15.88 17.95
CA ASN E 186 20.66 -14.89 17.90
C ASN E 186 20.97 -13.65 17.09
N HIS E 187 19.98 -13.26 16.30
CA HIS E 187 19.98 -12.00 15.57
C HIS E 187 19.39 -10.96 16.51
N ARG E 188 19.34 -9.73 16.09
CA ARG E 188 18.70 -8.67 16.82
C ARG E 188 17.34 -9.06 17.34
N PHE E 189 17.13 -8.70 18.59
CA PHE E 189 15.94 -9.00 19.34
C PHE E 189 14.74 -8.22 18.91
N ASN E 190 14.95 -6.96 18.57
CA ASN E 190 13.86 -6.10 18.14
C ASN E 190 14.35 -5.03 17.20
N LEU E 191 13.47 -4.12 16.84
CA LEU E 191 13.82 -3.02 15.93
C LEU E 191 14.79 -1.98 16.49
N SER E 192 14.86 -1.93 17.80
CA SER E 192 15.75 -1.02 18.52
C SER E 192 17.13 -1.58 18.77
N ASP E 193 17.42 -2.81 18.36
CA ASP E 193 18.73 -3.42 18.67
C ASP E 193 19.75 -2.94 17.65
N ALA E 194 19.51 -3.29 16.40
CA ALA E 194 20.41 -2.97 15.28
C ALA E 194 19.67 -2.18 14.24
N ILE E 195 20.43 -1.65 13.31
CA ILE E 195 19.87 -0.98 12.18
C ILE E 195 19.99 -1.98 11.07
N MET E 196 18.87 -2.50 10.62
CA MET E 196 18.85 -3.35 9.44
C MET E 196 18.11 -2.57 8.34
N LEU E 197 18.77 -2.34 7.20
CA LEU E 197 18.22 -1.60 6.04
C LEU E 197 17.75 -2.59 4.98
N LYS E 198 16.46 -2.88 5.00
CA LYS E 198 15.76 -3.65 3.93
C LYS E 198 15.73 -2.89 2.58
N ASP E 199 15.37 -3.60 1.53
CA ASP E 199 15.19 -3.05 0.15
C ASP E 199 14.24 -1.83 -0.03
N ASN E 200 13.20 -1.76 0.81
CA ASN E 200 12.29 -0.59 0.87
C ASN E 200 13.07 0.65 1.24
N HIS E 201 13.79 0.52 2.36
CA HIS E 201 14.58 1.62 2.96
C HIS E 201 15.51 2.22 1.93
N ILE E 202 16.16 1.37 1.16
CA ILE E 202 17.11 1.84 0.14
C ILE E 202 16.37 2.53 -1.00
N ALA E 203 15.30 1.88 -1.46
CA ALA E 203 14.43 2.45 -2.51
C ALA E 203 13.99 3.87 -2.14
N ALA E 204 13.69 4.05 -0.86
CA ALA E 204 13.23 5.34 -0.35
C ALA E 204 14.27 6.48 -0.36
N VAL E 205 15.53 6.17 -0.06
CA VAL E 205 16.58 7.20 -0.17
C VAL E 205 17.15 7.21 -1.58
N GLY E 206 16.95 6.11 -2.31
CA GLY E 206 17.41 5.97 -3.71
C GLY E 206 18.78 5.31 -3.84
N SER E 207 19.76 5.87 -3.16
CA SER E 207 21.12 5.31 -3.09
C SER E 207 21.31 4.36 -1.89
N VAL E 208 22.33 3.52 -1.96
CA VAL E 208 22.72 2.67 -0.81
C VAL E 208 23.75 3.41 0.00
N GLN E 209 24.79 3.89 -0.69
CA GLN E 209 25.83 4.75 -0.07
C GLN E 209 25.26 5.88 0.79
N LYS E 210 24.23 6.54 0.26
CA LYS E 210 23.52 7.61 1.00
C LYS E 210 22.64 7.07 2.14
N ALA E 211 21.99 5.93 1.95
CA ALA E 211 21.10 5.32 2.99
C ALA E 211 21.88 4.97 4.25
N ILE E 212 23.05 4.39 4.04
CA ILE E 212 23.92 3.92 5.13
C ILE E 212 24.50 5.09 5.91
N ALA E 213 25.09 6.02 5.18
CA ALA E 213 25.57 7.31 5.77
C ALA E 213 24.50 7.95 6.66
N GLN E 214 23.27 7.90 6.18
CA GLN E 214 22.11 8.48 6.87
C GLN E 214 21.73 7.71 8.15
N ALA E 215 21.88 6.39 8.12
CA ALA E 215 21.67 5.55 9.32
C ALA E 215 22.73 5.81 10.37
N ARG E 216 23.98 5.75 9.95
CA ARG E 216 25.14 6.02 10.81
C ARG E 216 25.11 7.40 11.45
N ALA E 217 24.61 8.38 10.69
CA ALA E 217 24.36 9.74 11.21
C ALA E 217 23.36 9.75 12.36
N TYR E 218 22.27 9.03 12.19
CA TYR E 218 21.19 8.93 13.18
C TYR E 218 21.55 8.22 14.52
N ALA E 219 22.22 7.08 14.45
CA ALA E 219 22.67 6.38 15.64
C ALA E 219 24.15 6.32 15.44
N PRO E 220 24.93 7.16 16.16
CA PRO E 220 26.34 7.24 15.67
C PRO E 220 27.29 6.07 15.79
N PHE E 221 27.45 5.48 16.96
CA PHE E 221 28.43 4.40 17.06
C PHE E 221 28.02 3.16 17.74
N VAL E 222 26.91 3.23 18.41
CA VAL E 222 26.49 2.11 19.26
C VAL E 222 25.66 1.07 18.47
N LYS E 223 25.30 1.33 17.21
CA LYS E 223 24.40 0.41 16.45
C LYS E 223 25.07 -0.26 15.26
N MET E 224 25.01 -1.57 15.22
CA MET E 224 25.42 -2.32 14.02
C MET E 224 24.56 -1.94 12.86
N VAL E 225 25.13 -2.02 11.67
CA VAL E 225 24.41 -1.68 10.45
C VAL E 225 24.48 -2.83 9.44
N GLU E 226 23.34 -3.48 9.22
CA GLU E 226 23.18 -4.54 8.22
C GLU E 226 22.37 -4.00 7.01
N VAL E 227 22.64 -4.55 5.84
CA VAL E 227 22.02 -4.14 4.58
C VAL E 227 21.60 -5.37 3.81
N GLU E 228 20.36 -5.39 3.38
CA GLU E 228 19.85 -6.41 2.47
C GLU E 228 20.16 -6.04 1.03
N VAL E 229 20.62 -7.02 0.25
CA VAL E 229 21.09 -6.76 -1.11
C VAL E 229 20.75 -7.93 -2.04
N GLU E 230 19.97 -7.64 -3.08
CA GLU E 230 19.52 -8.65 -4.08
C GLU E 230 20.24 -8.50 -5.46
N SER E 231 21.38 -7.81 -5.48
CA SER E 231 22.21 -7.66 -6.69
C SER E 231 23.70 -7.53 -6.37
N LEU E 232 24.54 -8.17 -7.18
CA LEU E 232 26.00 -8.07 -7.04
C LEU E 232 26.51 -6.62 -7.02
N ALA E 233 25.87 -5.78 -7.84
CA ALA E 233 26.27 -4.38 -8.02
C ALA E 233 26.14 -3.56 -6.73
N ALA E 234 25.00 -3.72 -6.09
CA ALA E 234 24.71 -3.04 -4.83
C ALA E 234 25.51 -3.54 -3.61
N ALA E 235 25.94 -4.80 -3.66
CA ALA E 235 26.81 -5.39 -2.61
C ALA E 235 28.21 -4.80 -2.64
N GLU E 236 28.71 -4.54 -3.84
CA GLU E 236 29.92 -3.75 -4.03
C GLU E 236 29.76 -2.36 -3.34
N GLU E 237 28.74 -1.60 -3.76
CA GLU E 237 28.53 -0.23 -3.25
C GLU E 237 28.39 -0.17 -1.72
N ALA E 238 27.76 -1.20 -1.17
CA ALA E 238 27.53 -1.34 0.27
C ALA E 238 28.80 -1.67 1.06
N ALA E 239 29.60 -2.57 0.54
CA ALA E 239 30.90 -2.91 1.17
C ALA E 239 31.90 -1.73 1.13
N ALA E 240 31.81 -0.95 0.03
CA ALA E 240 32.55 0.33 -0.13
C ALA E 240 32.31 1.32 1.02
N ALA E 241 31.04 1.66 1.25
CA ALA E 241 30.65 2.52 2.42
C ALA E 241 30.82 1.88 3.83
N GLY E 242 31.40 0.68 3.85
CA GLY E 242 31.88 0.00 5.07
C GLY E 242 30.76 -0.32 6.03
N VAL E 243 29.88 -1.23 5.65
CA VAL E 243 28.78 -1.66 6.54
C VAL E 243 29.20 -2.90 7.25
N ASP E 244 28.54 -3.14 8.36
CA ASP E 244 28.99 -4.18 9.27
C ASP E 244 28.63 -5.55 8.75
N ILE E 245 27.41 -5.68 8.26
CA ILE E 245 26.93 -6.94 7.69
C ILE E 245 26.29 -6.67 6.33
N ILE E 246 26.52 -7.56 5.37
CA ILE E 246 25.81 -7.55 4.09
C ILE E 246 25.00 -8.81 3.99
N MET E 247 23.71 -8.67 3.73
CA MET E 247 22.82 -9.81 3.61
C MET E 247 22.50 -10.08 2.17
N LEU E 248 22.94 -11.23 1.69
CA LEU E 248 22.65 -11.70 0.33
C LEU E 248 21.31 -12.42 0.33
N ASP E 249 20.32 -11.65 -0.06
CA ASP E 249 18.94 -12.07 -0.10
C ASP E 249 18.63 -12.92 -1.36
N ASN E 250 18.58 -14.22 -1.13
CA ASN E 250 18.10 -15.23 -2.10
C ASN E 250 18.95 -15.37 -3.35
N MET E 251 20.22 -15.06 -3.24
CA MET E 251 21.10 -15.12 -4.38
C MET E 251 21.50 -16.57 -4.69
N SER E 252 21.92 -16.78 -5.93
CA SER E 252 22.36 -18.09 -6.40
C SER E 252 23.75 -18.42 -5.89
N LEU E 253 24.10 -19.70 -5.96
CA LEU E 253 25.43 -20.18 -5.52
C LEU E 253 26.58 -19.57 -6.34
N GLU E 254 26.37 -19.44 -7.66
CA GLU E 254 27.32 -18.81 -8.58
C GLU E 254 27.56 -17.36 -8.17
N GLN E 255 26.47 -16.69 -7.79
CA GLN E 255 26.49 -15.28 -7.37
C GLN E 255 27.08 -15.06 -5.99
N ILE E 256 26.71 -15.90 -5.05
CA ILE E 256 27.27 -15.82 -3.72
C ILE E 256 28.79 -15.93 -3.82
N GLU E 257 29.27 -16.90 -4.57
CA GLU E 257 30.71 -17.10 -4.65
C GLU E 257 31.42 -15.91 -5.31
N GLN E 258 30.80 -15.34 -6.32
CA GLN E 258 31.27 -14.05 -6.89
C GLN E 258 31.27 -12.88 -5.89
N ALA E 259 30.17 -12.73 -5.16
CA ALA E 259 29.96 -11.62 -4.20
C ALA E 259 30.86 -11.68 -2.97
N ILE E 260 31.24 -12.87 -2.54
CA ILE E 260 32.19 -13.00 -1.43
C ILE E 260 33.54 -12.34 -1.77
N THR E 261 34.10 -12.72 -2.93
CA THR E 261 35.39 -12.14 -3.41
C THR E 261 35.24 -10.65 -3.82
N LEU E 262 34.06 -10.27 -4.28
CA LEU E 262 33.74 -8.86 -4.58
C LEU E 262 33.64 -7.99 -3.31
N ILE E 263 33.01 -8.51 -2.26
CA ILE E 263 33.06 -7.90 -0.90
C ILE E 263 34.50 -7.84 -0.44
N ALA E 264 35.24 -8.90 -0.70
CA ALA E 264 36.68 -9.00 -0.39
C ALA E 264 36.90 -8.89 1.12
N GLY E 265 36.01 -9.50 1.88
CA GLY E 265 36.05 -9.44 3.34
C GLY E 265 35.99 -8.09 4.03
N ARG E 266 35.52 -7.06 3.34
CA ARG E 266 35.31 -5.75 4.00
C ARG E 266 34.12 -5.74 4.98
N SER E 267 33.21 -6.69 4.81
CA SER E 267 32.04 -6.83 5.69
C SER E 267 31.69 -8.27 5.89
N ARG E 268 30.80 -8.51 6.83
CA ARG E 268 30.27 -9.86 7.04
C ARG E 268 29.24 -10.22 6.00
N ILE E 269 29.19 -11.48 5.64
CA ILE E 269 28.23 -11.96 4.69
C ILE E 269 27.24 -12.83 5.43
N GLU E 270 25.97 -12.64 5.11
CA GLU E 270 24.88 -13.47 5.59
C GLU E 270 24.07 -13.95 4.39
N CYS E 271 23.66 -15.20 4.41
CA CYS E 271 22.70 -15.70 3.41
C CYS E 271 21.30 -15.99 3.93
N SER E 272 20.31 -15.85 3.06
CA SER E 272 18.95 -15.97 3.49
C SER E 272 17.98 -16.30 2.40
N GLY E 273 16.83 -16.81 2.82
CA GLY E 273 15.75 -17.12 1.90
C GLY E 273 15.88 -18.53 1.42
N ASN E 274 14.74 -19.17 1.25
CA ASN E 274 14.70 -20.52 0.74
C ASN E 274 15.66 -21.40 1.52
N ILE E 275 15.77 -21.17 2.82
CA ILE E 275 16.62 -22.02 3.63
C ILE E 275 15.74 -22.93 4.50
N ASP E 276 15.49 -24.14 3.99
CA ASP E 276 14.77 -25.16 4.77
C ASP E 276 15.73 -26.30 5.16
N MET E 277 15.17 -27.33 5.78
CA MET E 277 15.92 -28.50 6.24
C MET E 277 16.85 -29.05 5.18
N THR E 278 16.35 -29.16 3.96
CA THR E 278 17.04 -29.86 2.87
C THR E 278 17.93 -28.98 1.99
N THR E 279 17.60 -27.71 1.90
CA THR E 279 18.41 -26.74 1.15
C THR E 279 19.73 -26.41 1.83
N ILE E 280 19.67 -26.14 3.13
CA ILE E 280 20.77 -25.51 3.88
C ILE E 280 22.18 -26.04 3.53
N SER E 281 22.27 -27.32 3.21
CA SER E 281 23.55 -27.99 2.84
C SER E 281 24.36 -27.43 1.63
N ARG E 282 23.72 -26.69 0.75
CA ARG E 282 24.43 -25.99 -0.35
C ARG E 282 25.50 -24.98 0.09
N PHE E 283 25.28 -24.37 1.25
CA PHE E 283 26.20 -23.37 1.81
C PHE E 283 27.47 -23.95 2.41
N ARG E 284 27.48 -25.25 2.62
CA ARG E 284 28.67 -25.95 3.12
C ARG E 284 29.91 -25.67 2.26
N GLY E 285 30.92 -25.07 2.87
CA GLY E 285 32.20 -24.78 2.23
C GLY E 285 32.43 -23.35 1.75
N LEU E 286 31.40 -22.52 1.82
CA LEU E 286 31.53 -21.11 1.47
C LEU E 286 32.16 -20.33 2.59
N ALA E 287 32.69 -19.17 2.22
CA ALA E 287 33.27 -18.21 3.17
C ALA E 287 32.30 -17.10 3.58
N ILE E 288 31.01 -17.39 3.51
CA ILE E 288 30.01 -16.63 4.28
C ILE E 288 30.22 -16.85 5.78
N ASP E 289 29.65 -15.98 6.60
CA ASP E 289 29.82 -16.03 8.05
C ASP E 289 28.66 -16.71 8.76
N TYR E 290 27.44 -16.42 8.31
CA TYR E 290 26.25 -17.11 8.81
C TYR E 290 25.07 -17.11 7.85
N VAL E 291 24.36 -18.22 7.79
CA VAL E 291 23.01 -18.25 7.20
C VAL E 291 22.03 -17.93 8.31
N SER E 292 20.82 -17.52 7.94
CA SER E 292 19.75 -17.30 8.92
C SER E 292 18.41 -17.77 8.39
N SER E 293 17.53 -18.16 9.30
CA SER E 293 16.25 -18.73 8.96
C SER E 293 15.10 -18.30 9.88
N GLY E 294 13.92 -18.25 9.29
CA GLY E 294 12.67 -18.00 10.02
C GLY E 294 12.21 -19.26 10.68
N SER E 295 11.87 -20.24 9.84
CA SER E 295 11.21 -21.51 10.26
C SER E 295 11.61 -22.07 11.65
N LEU E 296 12.89 -22.05 11.98
CA LEU E 296 13.36 -22.34 13.34
C LEU E 296 12.40 -21.92 14.45
N THR E 297 11.95 -20.68 14.39
CA THR E 297 11.04 -20.10 15.41
C THR E 297 9.57 -20.29 15.04
N HIS E 298 9.18 -19.92 13.82
CA HIS E 298 7.74 -19.87 13.46
C HIS E 298 7.13 -21.19 12.99
N SER E 299 7.95 -22.07 12.42
CA SER E 299 7.48 -23.36 11.84
C SER E 299 8.18 -24.58 12.44
N ALA E 300 8.11 -24.67 13.76
CA ALA E 300 8.78 -25.73 14.50
C ALA E 300 7.77 -26.69 15.08
N LYS E 301 7.80 -27.95 14.62
CA LYS E 301 7.00 -29.04 15.26
C LYS E 301 7.51 -29.14 16.71
N SER E 302 6.57 -29.17 17.66
CA SER E 302 6.97 -29.21 19.06
C SER E 302 7.25 -30.65 19.39
N LEU E 303 8.21 -30.83 20.28
CA LEU E 303 8.62 -32.16 20.76
C LEU E 303 7.51 -32.69 21.69
N ASP E 304 7.51 -34.00 21.85
CA ASP E 304 6.58 -34.67 22.74
C ASP E 304 7.23 -35.11 24.06
N PHE E 305 6.55 -34.83 25.16
CA PHE E 305 6.88 -35.40 26.46
C PHE E 305 5.62 -35.98 27.04
N SER E 306 5.71 -36.61 28.19
CA SER E 306 4.49 -36.98 28.93
C SER E 306 4.73 -37.18 30.42
N MET E 307 3.68 -37.03 31.19
CA MET E 307 3.76 -37.18 32.62
C MET E 307 2.95 -38.37 33.10
N LYS E 308 3.61 -39.51 33.12
CA LYS E 308 2.99 -40.76 33.50
C LYS E 308 3.72 -41.18 34.76
N GLY E 309 3.14 -42.14 35.47
CA GLY E 309 3.83 -42.79 36.61
C GLY E 309 3.61 -42.07 37.94
N LEU E 310 2.37 -41.65 38.16
CA LEU E 310 1.94 -41.03 39.40
C LEU E 310 1.82 -42.11 40.44
N THR E 311 2.41 -41.88 41.60
CA THR E 311 2.26 -42.79 42.76
C THR E 311 2.49 -42.03 44.06
N TYR E 312 1.79 -42.43 45.10
CA TYR E 312 1.91 -41.75 46.39
C TYR E 312 3.17 -42.15 47.10
N LEU E 313 3.80 -41.19 47.78
CA LEU E 313 5.00 -41.44 48.59
C LEU E 313 4.57 -41.98 49.94
N ASP E 314 5.18 -43.09 50.36
CA ASP E 314 4.83 -43.82 51.60
C ASP E 314 6.08 -44.68 52.02
N SER F 30 13.17 7.47 61.85
CA SER F 30 12.33 7.33 60.61
C SER F 30 11.56 6.02 60.56
N THR F 31 10.94 5.74 59.42
CA THR F 31 10.23 4.48 59.20
C THR F 31 10.42 4.08 57.78
N ASP F 32 11.10 2.98 57.54
CA ASP F 32 11.51 2.70 56.19
C ASP F 32 10.22 2.42 55.39
N LEU F 33 10.45 2.36 54.12
CA LEU F 33 9.36 2.08 53.22
C LEU F 33 9.06 0.58 53.22
N THR F 34 7.78 0.23 53.26
CA THR F 34 7.36 -1.17 53.17
C THR F 34 7.62 -1.64 51.77
N PRO F 35 7.90 -2.94 51.58
CA PRO F 35 7.93 -3.48 50.23
C PRO F 35 6.63 -3.29 49.46
N PHE F 36 5.45 -3.53 50.06
CA PHE F 36 4.20 -3.35 49.28
C PHE F 36 4.12 -1.96 48.64
N GLN F 37 4.40 -0.92 49.42
CA GLN F 37 4.47 0.44 48.85
C GLN F 37 5.28 0.57 47.56
N ILE F 38 6.48 0.02 47.56
CA ILE F 38 7.52 0.29 46.51
C ILE F 38 7.71 -0.78 45.42
N ASP F 39 7.40 -2.03 45.74
CA ASP F 39 7.69 -3.19 44.84
C ASP F 39 7.34 -2.93 43.36
N ASP F 40 6.11 -2.57 43.09
CA ASP F 40 5.71 -2.35 41.70
C ASP F 40 6.50 -1.25 40.93
N THR F 41 7.01 -0.24 41.62
CA THR F 41 7.92 0.81 41.02
C THR F 41 9.28 0.24 40.64
N LEU F 42 9.88 -0.47 41.56
CA LEU F 42 11.19 -1.08 41.34
C LEU F 42 11.16 -2.12 40.24
N LYS F 43 10.11 -2.92 40.23
CA LYS F 43 9.95 -3.96 39.20
C LYS F 43 9.90 -3.36 37.80
N ALA F 44 9.27 -2.21 37.65
CA ALA F 44 9.23 -1.52 36.36
C ALA F 44 10.58 -0.95 35.99
N ALA F 45 11.31 -0.46 36.99
CA ALA F 45 12.67 0.05 36.80
C ALA F 45 13.65 -1.02 36.35
N LEU F 46 13.42 -2.26 36.77
CA LEU F 46 14.25 -3.39 36.33
C LEU F 46 13.89 -3.83 34.92
N ARG F 47 12.61 -3.90 34.64
CA ARG F 47 12.16 -4.24 33.29
C ARG F 47 12.62 -3.21 32.30
N GLU F 48 12.63 -1.95 32.73
CA GLU F 48 13.17 -0.82 31.96
C GLU F 48 14.63 -1.08 31.54
N ASP F 49 15.47 -1.41 32.51
CA ASP F 49 16.92 -1.56 32.32
C ASP F 49 17.33 -2.88 31.67
N VAL F 50 16.43 -3.83 31.62
CA VAL F 50 16.74 -5.18 31.16
C VAL F 50 15.53 -5.53 30.32
N HIS F 51 15.61 -5.39 29.00
CA HIS F 51 14.45 -5.58 28.15
C HIS F 51 14.45 -7.01 27.61
N SER F 52 15.63 -7.51 27.28
CA SER F 52 15.82 -8.87 26.72
C SER F 52 16.63 -9.77 27.62
N GLU F 53 17.84 -9.34 27.92
CA GLU F 53 18.75 -9.97 28.89
C GLU F 53 20.00 -9.08 29.04
N ASP F 54 20.83 -9.33 30.06
CA ASP F 54 22.09 -8.59 30.21
C ASP F 54 23.19 -9.29 29.38
N TYR F 55 23.34 -8.93 28.10
CA TYR F 55 24.31 -9.63 27.22
C TYR F 55 25.73 -9.50 27.73
N SER F 56 26.08 -8.27 28.06
CA SER F 56 27.41 -7.94 28.59
C SER F 56 27.80 -8.83 29.79
N THR F 57 26.87 -9.03 30.70
CA THR F 57 27.08 -9.87 31.90
C THR F 57 27.04 -11.33 31.58
N ASN F 58 26.00 -11.74 30.88
CA ASN F 58 25.80 -13.16 30.61
C ASN F 58 26.94 -13.76 29.85
N ALA F 59 27.49 -12.98 28.96
CA ALA F 59 28.58 -13.46 28.12
C ALA F 59 29.77 -13.91 28.96
N ILE F 60 29.97 -13.24 30.08
CA ILE F 60 30.98 -13.60 31.07
C ILE F 60 30.51 -14.57 32.13
N PHE F 61 29.31 -15.11 32.00
CA PHE F 61 28.71 -15.88 33.11
C PHE F 61 29.41 -17.25 33.19
N ASP F 62 30.06 -17.54 34.34
CA ASP F 62 30.87 -18.77 34.63
C ASP F 62 30.21 -19.85 35.49
N HIS F 63 30.99 -20.90 35.72
CA HIS F 63 30.64 -21.92 36.65
C HIS F 63 31.03 -21.52 38.04
N HIS F 64 31.57 -20.33 38.29
CA HIS F 64 31.95 -19.93 39.67
C HIS F 64 30.85 -19.92 40.67
N GLY F 65 31.26 -19.88 41.94
CA GLY F 65 30.37 -19.67 43.05
C GLY F 65 29.87 -18.26 43.12
N GLN F 66 29.38 -17.97 44.31
CA GLN F 66 28.96 -16.60 44.70
C GLN F 66 30.13 -15.64 44.67
N ALA F 67 29.79 -14.36 44.60
CA ALA F 67 30.76 -13.29 44.77
C ALA F 67 30.25 -12.25 45.75
N LYS F 68 31.18 -11.44 46.22
CA LYS F 68 30.91 -10.31 47.12
C LYS F 68 31.32 -9.04 46.41
N VAL F 69 30.52 -8.01 46.60
CA VAL F 69 30.79 -6.69 46.06
C VAL F 69 30.57 -5.68 47.15
N SER F 70 31.41 -4.65 47.15
CA SER F 70 31.37 -3.61 48.19
C SER F 70 30.78 -2.31 47.66
N LEU F 71 29.75 -1.81 48.33
CA LEU F 71 29.17 -0.51 48.02
C LEU F 71 29.92 0.57 48.79
N PHE F 72 30.67 1.41 48.09
CA PHE F 72 31.40 2.54 48.69
C PHE F 72 30.71 3.88 48.45
N ALA F 73 30.60 4.72 49.47
CA ALA F 73 30.18 6.12 49.29
C ALA F 73 31.39 6.85 48.80
N LYS F 74 31.23 7.61 47.73
CA LYS F 74 32.35 8.32 47.11
C LYS F 74 32.16 9.82 47.31
N GLU F 75 31.28 10.22 48.22
CA GLU F 75 31.01 11.63 48.48
C GLU F 75 30.38 11.88 49.85
N ALA F 76 30.63 13.06 50.39
CA ALA F 76 30.13 13.41 51.72
C ALA F 76 28.68 13.81 51.62
N GLY F 77 27.89 13.37 52.57
CA GLY F 77 26.46 13.65 52.57
C GLY F 77 25.69 12.80 53.56
N VAL F 78 24.43 12.57 53.25
CA VAL F 78 23.54 11.77 54.08
C VAL F 78 23.02 10.55 53.33
N LEU F 79 22.96 9.44 54.01
CA LEU F 79 22.47 8.20 53.41
C LEU F 79 20.95 8.13 53.47
N ALA F 80 20.33 7.78 52.35
CA ALA F 80 18.89 7.59 52.27
C ALA F 80 18.54 6.51 51.28
N GLY F 81 17.49 5.77 51.60
CA GLY F 81 16.99 4.66 50.74
C GLY F 81 17.95 3.51 50.57
N LEU F 82 18.50 3.06 51.67
CA LEU F 82 19.38 1.91 51.68
C LEU F 82 18.56 0.65 51.57
N THR F 83 17.41 0.64 52.22
CA THR F 83 16.44 -0.48 52.12
C THR F 83 15.90 -0.67 50.70
N VAL F 84 15.82 0.44 50.00
CA VAL F 84 15.37 0.46 48.62
C VAL F 84 16.45 -0.16 47.75
N PHE F 85 17.68 0.26 47.95
CA PHE F 85 18.86 -0.37 47.33
C PHE F 85 18.83 -1.91 47.46
N GLN F 86 18.61 -2.37 48.68
CA GLN F 86 18.55 -3.80 48.99
C GLN F 86 17.36 -4.50 48.38
N ARG F 87 16.23 -3.85 48.37
CA ARG F 87 15.02 -4.43 47.76
C ARG F 87 15.15 -4.62 46.25
N VAL F 88 15.93 -3.80 45.57
CA VAL F 88 16.13 -3.98 44.15
C VAL F 88 16.82 -5.29 43.89
N PHE F 89 17.87 -5.58 44.66
CA PHE F 89 18.60 -6.85 44.49
C PHE F 89 17.75 -8.05 44.79
N THR F 90 16.99 -8.00 45.88
CA THR F 90 16.15 -9.17 46.29
C THR F 90 14.97 -9.45 45.35
N LEU F 91 14.49 -8.44 44.65
CA LEU F 91 13.43 -8.61 43.65
C LEU F 91 13.91 -9.28 42.37
N PHE F 92 15.12 -8.95 41.96
CA PHE F 92 15.75 -9.65 40.83
C PHE F 92 16.04 -11.13 41.20
N ASP F 93 16.65 -11.32 42.37
CA ASP F 93 17.16 -12.63 42.87
C ASP F 93 16.96 -12.70 44.40
N ALA F 94 16.04 -13.56 44.82
CA ALA F 94 15.75 -13.75 46.26
C ALA F 94 16.96 -14.28 47.07
N GLU F 95 17.75 -15.16 46.47
CA GLU F 95 18.92 -15.76 47.14
C GLU F 95 20.12 -14.78 47.39
N VAL F 96 20.01 -13.50 47.05
CA VAL F 96 21.02 -12.48 47.36
C VAL F 96 20.93 -12.02 48.82
N THR F 97 22.08 -11.76 49.39
CA THR F 97 22.22 -11.41 50.83
C THR F 97 23.14 -10.21 51.06
N PHE F 98 23.17 -9.73 52.29
CA PHE F 98 23.84 -8.44 52.61
C PHE F 98 24.57 -8.38 53.94
N GLN F 99 25.89 -8.30 53.91
CA GLN F 99 26.64 -7.91 55.10
C GLN F 99 26.69 -6.39 55.21
N ASN F 100 26.47 -5.90 56.43
CA ASN F 100 26.60 -4.49 56.76
C ASN F 100 27.52 -4.33 57.96
N PRO F 101 28.83 -4.17 57.70
CA PRO F 101 29.79 -4.15 58.79
C PRO F 101 29.70 -2.97 59.75
N HIS F 102 29.39 -1.80 59.25
CA HIS F 102 29.34 -0.61 60.09
C HIS F 102 27.95 -0.23 60.61
N GLN F 103 26.99 -1.11 60.43
CA GLN F 103 25.60 -0.88 60.86
C GLN F 103 25.04 0.46 60.34
N PHE F 104 25.41 0.80 59.11
CA PHE F 104 24.92 2.00 58.45
C PHE F 104 23.42 1.92 58.23
N LYS F 105 22.72 3.00 58.53
CA LYS F 105 21.25 3.11 58.30
C LYS F 105 20.93 4.42 57.63
N ASP F 106 19.72 4.54 57.16
CA ASP F 106 19.31 5.77 56.53
C ASP F 106 19.38 6.83 57.59
N GLY F 107 19.83 8.00 57.17
CA GLY F 107 19.96 9.19 58.04
C GLY F 107 21.32 9.31 58.63
N ASP F 108 22.11 8.26 58.52
CA ASP F 108 23.47 8.33 59.00
C ASP F 108 24.27 9.16 58.04
N ARG F 109 25.29 9.83 58.55
CA ARG F 109 26.15 10.66 57.68
C ARG F 109 27.27 9.88 57.02
N LEU F 110 27.63 10.30 55.82
CA LEU F 110 28.65 9.64 55.06
C LEU F 110 29.83 10.54 54.91
N THR F 111 30.91 9.94 54.49
CA THR F 111 32.06 10.67 53.93
C THR F 111 32.75 9.75 52.95
N SER F 112 33.56 10.35 52.09
CA SER F 112 34.20 9.62 51.00
C SER F 112 35.03 8.43 51.53
N GLY F 113 34.97 7.33 50.80
CA GLY F 113 35.68 6.11 51.13
C GLY F 113 34.99 5.21 52.14
N ASP F 114 33.72 5.45 52.45
CA ASP F 114 33.01 4.62 53.46
C ASP F 114 32.36 3.37 52.94
N LEU F 115 32.63 2.25 53.59
CA LEU F 115 32.04 0.97 53.23
C LEU F 115 30.64 0.83 53.84
N VAL F 116 29.64 1.14 53.02
CA VAL F 116 28.25 1.16 53.47
C VAL F 116 27.68 -0.26 53.57
N LEU F 117 27.77 -0.97 52.45
CA LEU F 117 27.25 -2.34 52.32
C LEU F 117 28.21 -3.28 51.61
N GLU F 118 28.14 -4.55 51.95
CA GLU F 118 28.70 -5.60 51.12
C GLU F 118 27.56 -6.46 50.66
N ILE F 119 27.64 -6.86 49.41
CA ILE F 119 26.52 -7.51 48.70
C ILE F 119 26.99 -8.86 48.16
N ILE F 120 26.35 -9.93 48.62
CA ILE F 120 26.75 -11.28 48.27
C ILE F 120 25.67 -12.03 47.53
N GLY F 121 26.06 -12.64 46.45
CA GLY F 121 25.15 -13.51 45.71
C GLY F 121 25.73 -13.86 44.37
N SER F 122 24.88 -14.42 43.52
CA SER F 122 25.29 -14.81 42.15
C SER F 122 25.85 -13.63 41.41
N VAL F 123 26.84 -13.89 40.58
CA VAL F 123 27.60 -12.78 39.92
C VAL F 123 26.74 -12.01 38.94
N ARG F 124 25.89 -12.73 38.20
CA ARG F 124 24.98 -12.05 37.27
C ARG F 124 23.96 -11.21 38.04
N SER F 125 23.43 -11.76 39.11
CA SER F 125 22.48 -11.03 39.95
C SER F 125 23.05 -9.72 40.52
N LEU F 126 24.34 -9.67 40.78
CA LEU F 126 24.98 -8.43 41.30
C LEU F 126 25.27 -7.44 40.21
N LEU F 127 25.86 -7.91 39.14
CA LEU F 127 26.27 -7.03 38.03
C LEU F 127 25.13 -6.46 37.20
N THR F 128 23.95 -7.08 37.25
CA THR F 128 22.83 -6.71 36.37
C THR F 128 22.00 -5.60 36.98
N CYS F 129 21.49 -5.85 38.16
CA CYS F 129 20.67 -4.84 38.83
C CYS F 129 21.43 -3.82 39.73
N GLU F 130 22.74 -3.72 39.54
CA GLU F 130 23.59 -2.75 40.27
C GLU F 130 23.23 -1.33 39.87
N ARG F 131 23.19 -1.09 38.57
CA ARG F 131 22.88 0.23 38.10
C ARG F 131 21.54 0.71 38.66
N VAL F 132 20.50 -0.11 38.56
CA VAL F 132 19.14 0.35 38.95
C VAL F 132 19.09 0.70 40.43
N ALA F 133 19.74 -0.10 41.24
CA ALA F 133 19.81 0.18 42.67
C ALA F 133 20.56 1.47 42.96
N LEU F 134 21.76 1.60 42.40
CA LEU F 134 22.56 2.82 42.55
C LEU F 134 21.77 4.08 42.16
N ASN F 135 21.03 4.01 41.07
CA ASN F 135 20.16 5.11 40.68
C ASN F 135 19.20 5.57 41.76
N PHE F 136 18.58 4.65 42.47
CA PHE F 136 17.65 5.05 43.54
C PHE F 136 18.45 5.61 44.70
N LEU F 137 19.45 4.85 45.13
CA LEU F 137 20.29 5.24 46.26
C LEU F 137 20.95 6.61 46.05
N GLN F 138 21.56 6.81 44.90
CA GLN F 138 22.14 8.10 44.55
C GLN F 138 21.12 9.23 44.64
N HIS F 139 20.06 9.09 43.88
CA HIS F 139 18.98 10.07 43.81
C HIS F 139 18.39 10.44 45.17
N LEU F 140 18.09 9.45 46.00
CA LEU F 140 17.45 9.70 47.31
C LEU F 140 18.39 10.31 48.32
N SER F 141 19.55 9.71 48.43
CA SER F 141 20.63 10.25 49.27
C SER F 141 21.04 11.67 48.88
N GLY F 142 20.80 12.03 47.64
CA GLY F 142 20.99 13.43 47.18
C GLY F 142 20.01 14.39 47.81
N ILE F 143 18.74 14.03 47.75
CA ILE F 143 17.67 14.83 48.32
C ILE F 143 17.89 14.98 49.79
N ALA F 144 18.14 13.86 50.45
CA ALA F 144 18.30 13.88 51.90
C ALA F 144 19.44 14.81 52.27
N SER F 145 20.56 14.65 51.58
CA SER F 145 21.75 15.48 51.80
C SER F 145 21.45 16.97 51.65
N MET F 146 20.76 17.30 50.57
CA MET F 146 20.43 18.70 50.30
C MET F 146 19.52 19.27 51.38
N THR F 147 18.51 18.51 51.79
CA THR F 147 17.61 18.91 52.90
C THR F 147 18.40 19.26 54.15
N ALA F 148 19.28 18.35 54.52
CA ALA F 148 20.16 18.54 55.66
C ALA F 148 21.01 19.81 55.59
N ALA F 149 21.50 20.12 54.39
CA ALA F 149 22.24 21.38 54.16
C ALA F 149 21.41 22.64 54.44
N TYR F 150 20.16 22.63 53.99
CA TYR F 150 19.19 23.73 54.21
C TYR F 150 18.87 23.86 55.67
N VAL F 151 18.69 22.73 56.33
CA VAL F 151 18.31 22.71 57.74
C VAL F 151 19.43 23.31 58.59
N GLU F 152 20.67 22.88 58.30
CA GLU F 152 21.83 23.40 59.02
C GLU F 152 22.14 24.84 58.65
N ALA F 153 21.97 25.14 57.38
CA ALA F 153 22.09 26.53 56.91
C ALA F 153 21.07 27.51 57.47
N LEU F 154 19.87 27.03 57.77
CA LEU F 154 18.81 27.89 58.36
C LEU F 154 19.23 28.29 59.77
N GLY F 155 19.60 27.28 60.55
CA GLY F 155 20.18 27.50 61.88
C GLY F 155 19.11 27.48 62.94
N ASP F 156 18.05 28.26 62.76
CA ASP F 156 16.89 28.23 63.70
C ASP F 156 16.22 26.87 63.61
N ASP F 157 16.05 26.23 64.76
CA ASP F 157 15.45 24.91 64.83
C ASP F 157 14.08 24.92 65.50
N ARG F 158 13.57 26.10 65.82
CA ARG F 158 12.12 26.28 66.00
C ARG F 158 11.45 26.35 64.64
N ILE F 159 12.18 26.84 63.64
CA ILE F 159 11.68 26.90 62.26
C ILE F 159 12.05 25.62 61.50
N LYS F 160 11.06 25.07 60.81
CA LYS F 160 11.17 23.79 60.13
C LYS F 160 11.20 23.96 58.63
N VAL F 161 11.77 22.98 57.94
CA VAL F 161 11.94 23.08 56.50
C VAL F 161 11.09 22.04 55.82
N PHE F 162 10.08 22.51 55.10
CA PHE F 162 9.11 21.65 54.43
C PHE F 162 9.45 21.58 52.97
N ASP F 163 8.79 20.65 52.31
CA ASP F 163 8.94 20.41 50.89
C ASP F 163 7.60 20.56 50.19
N THR F 164 7.61 20.38 48.87
CA THR F 164 6.42 20.60 48.07
C THR F 164 6.07 19.41 47.17
N ARG F 165 5.03 19.61 46.38
CA ARG F 165 4.72 18.71 45.28
C ARG F 165 5.68 18.84 44.08
N LYS F 166 6.40 19.94 44.02
CA LYS F 166 7.35 20.02 42.94
C LYS F 166 8.25 18.80 43.16
N THR F 167 8.09 17.80 42.33
CA THR F 167 8.80 16.52 42.49
C THR F 167 8.96 15.90 41.10
N THR F 168 9.95 15.04 40.93
CA THR F 168 10.06 14.31 39.68
C THR F 168 8.95 13.28 39.66
N PRO F 169 8.22 13.20 38.53
CA PRO F 169 6.96 12.47 38.54
C PRO F 169 7.08 10.97 38.74
N ASN F 170 6.04 10.41 39.35
CA ASN F 170 5.95 8.99 39.76
C ASN F 170 7.05 8.51 40.72
N LEU F 171 7.49 9.40 41.58
CA LEU F 171 8.45 9.06 42.58
C LEU F 171 8.24 9.91 43.78
N ARG F 172 7.01 10.33 43.98
CA ARG F 172 6.77 11.37 45.00
C ARG F 172 6.92 10.74 46.38
N LEU F 173 6.38 9.55 46.50
CA LEU F 173 6.48 8.74 47.71
C LEU F 173 7.90 8.66 48.25
N PHE F 174 8.84 8.38 47.36
CA PHE F 174 10.26 8.18 47.70
C PHE F 174 10.90 9.51 48.06
N GLU F 175 10.79 10.48 47.17
CA GLU F 175 11.37 11.82 47.38
C GLU F 175 10.93 12.46 48.71
N LYS F 176 9.68 12.29 49.09
CA LYS F 176 9.18 12.77 50.40
C LYS F 176 9.77 12.04 51.62
N TYR F 177 10.02 10.74 51.47
CA TYR F 177 10.79 9.98 52.47
C TYR F 177 12.23 10.52 52.64
N ALA F 178 12.88 10.83 51.54
CA ALA F 178 14.25 11.39 51.56
C ALA F 178 14.32 12.72 52.31
N VAL F 179 13.31 13.56 52.12
CA VAL F 179 13.20 14.82 52.86
C VAL F 179 13.04 14.59 54.38
N ARG F 180 12.26 13.57 54.78
CA ARG F 180 12.10 13.23 56.19
C ARG F 180 13.44 12.85 56.74
N VAL F 181 14.08 11.91 56.05
CA VAL F 181 15.42 11.43 56.41
C VAL F 181 16.43 12.57 56.60
N GLY F 182 16.40 13.54 55.69
CA GLY F 182 17.32 14.71 55.73
C GLY F 182 17.10 15.81 56.78
N GLY F 183 16.09 15.67 57.62
CA GLY F 183 15.80 16.65 58.68
C GLY F 183 14.58 17.51 58.40
N GLY F 184 14.05 17.39 57.18
CA GLY F 184 12.88 18.14 56.74
C GLY F 184 11.57 17.51 57.18
N TYR F 185 10.49 18.12 56.71
CA TYR F 185 9.14 17.62 56.93
C TYR F 185 8.34 17.68 55.66
N ASN F 186 7.18 17.04 55.69
CA ASN F 186 6.33 16.90 54.53
C ASN F 186 5.10 17.76 54.50
N HIS F 187 4.89 18.41 53.37
CA HIS F 187 3.68 19.17 53.07
C HIS F 187 2.70 18.17 52.51
N ARG F 188 1.50 18.62 52.22
CA ARG F 188 0.50 17.78 51.60
C ARG F 188 1.07 17.01 50.42
N PHE F 189 0.70 15.73 50.39
CA PHE F 189 1.13 14.77 49.37
C PHE F 189 0.50 14.97 48.00
N ASN F 190 -0.74 15.37 47.98
CA ASN F 190 -1.43 15.65 46.74
C ASN F 190 -2.53 16.67 46.93
N LEU F 191 -3.30 16.90 45.88
CA LEU F 191 -4.41 17.85 45.93
C LEU F 191 -5.57 17.47 46.85
N SER F 192 -5.66 16.17 47.13
CA SER F 192 -6.70 15.64 47.97
C SER F 192 -6.35 15.64 49.43
N ASP F 193 -5.17 16.07 49.81
CA ASP F 193 -4.75 15.98 51.22
C ASP F 193 -5.32 17.16 52.00
N ALA F 194 -4.89 18.35 51.64
CA ALA F 194 -5.33 19.59 52.28
C ALA F 194 -5.99 20.52 51.27
N ILE F 195 -6.62 21.54 51.79
CA ILE F 195 -7.20 22.60 50.98
C ILE F 195 -6.24 23.76 51.03
N MET F 196 -5.58 24.02 49.92
CA MET F 196 -4.69 25.16 49.85
C MET F 196 -5.31 26.13 48.85
N LEU F 197 -5.58 27.35 49.30
CA LEU F 197 -6.21 28.40 48.49
C LEU F 197 -5.17 29.40 48.00
N LYS F 198 -4.72 29.22 46.76
CA LYS F 198 -3.83 30.20 46.03
C LYS F 198 -4.57 31.51 45.67
N ASP F 199 -3.81 32.52 45.24
CA ASP F 199 -4.35 33.86 44.80
C ASP F 199 -5.42 33.87 43.68
N ASN F 200 -5.36 32.88 42.78
CA ASN F 200 -6.40 32.66 41.76
C ASN F 200 -7.73 32.38 42.41
N HIS F 201 -7.71 31.38 43.30
CA HIS F 201 -8.90 30.90 44.05
C HIS F 201 -9.62 32.05 44.74
N ILE F 202 -8.86 32.93 45.36
CA ILE F 202 -9.43 34.08 46.06
C ILE F 202 -10.01 35.10 45.09
N ALA F 203 -9.23 35.42 44.06
CA ALA F 203 -9.67 36.31 42.97
C ALA F 203 -11.04 35.87 42.41
N ALA F 204 -11.19 34.56 42.29
CA ALA F 204 -12.41 33.96 41.75
C ALA F 204 -13.66 34.11 42.61
N VAL F 205 -13.52 34.01 43.92
CA VAL F 205 -14.67 34.28 44.82
C VAL F 205 -14.73 35.76 45.16
N GLY F 206 -13.60 36.46 44.99
CA GLY F 206 -13.51 37.91 45.24
C GLY F 206 -13.01 38.24 46.64
N SER F 207 -13.71 37.70 47.65
CA SER F 207 -13.32 37.85 49.06
C SER F 207 -12.43 36.69 49.55
N VAL F 208 -11.73 36.91 50.65
CA VAL F 208 -10.96 35.84 51.31
C VAL F 208 -11.87 35.22 52.34
N GLN F 209 -12.47 36.05 53.18
CA GLN F 209 -13.46 35.61 54.19
C GLN F 209 -14.49 34.64 53.61
N LYS F 210 -14.99 34.99 52.43
CA LYS F 210 -15.97 34.18 51.70
C LYS F 210 -15.35 32.93 51.09
N ALA F 211 -14.12 33.02 50.60
CA ALA F 211 -13.43 31.86 49.96
C ALA F 211 -13.20 30.74 50.96
N ILE F 212 -12.77 31.12 52.16
CA ILE F 212 -12.44 30.17 53.21
C ILE F 212 -13.68 29.48 53.73
N ALA F 213 -14.66 30.29 54.08
CA ALA F 213 -15.99 29.77 54.47
C ALA F 213 -16.49 28.71 53.48
N GLN F 214 -16.27 29.00 52.20
CA GLN F 214 -16.72 28.15 51.10
C GLN F 214 -15.95 26.85 51.00
N ALA F 215 -14.67 26.90 51.30
CA ALA F 215 -13.84 25.69 51.38
C ALA F 215 -14.26 24.80 52.54
N ARG F 216 -14.34 25.41 53.72
CA ARG F 216 -14.73 24.72 54.96
C ARG F 216 -16.10 24.05 54.81
N ALA F 217 -16.99 24.73 54.09
CA ALA F 217 -18.31 24.17 53.74
C ALA F 217 -18.23 22.88 52.93
N TYR F 218 -17.40 22.90 51.90
CA TYR F 218 -17.20 21.78 50.97
C TYR F 218 -16.57 20.54 51.60
N ALA F 219 -15.52 20.70 52.38
CA ALA F 219 -14.93 19.59 53.11
C ALA F 219 -15.14 20.09 54.49
N PRO F 220 -16.05 19.45 55.29
CA PRO F 220 -16.35 20.16 56.56
C PRO F 220 -15.32 20.19 57.68
N PHE F 221 -14.79 19.06 58.15
CA PHE F 221 -13.88 19.14 59.29
C PHE F 221 -12.58 18.40 59.20
N VAL F 222 -12.47 17.55 58.21
CA VAL F 222 -11.34 16.67 58.11
C VAL F 222 -10.16 17.29 57.35
N LYS F 223 -10.34 18.47 56.77
CA LYS F 223 -9.28 19.08 55.92
C LYS F 223 -8.69 20.38 56.47
N MET F 224 -7.37 20.41 56.58
CA MET F 224 -6.64 21.65 56.89
C MET F 224 -6.86 22.66 55.81
N VAL F 225 -6.81 23.93 56.18
CA VAL F 225 -7.03 25.02 55.23
C VAL F 225 -5.90 26.06 55.31
N GLU F 226 -5.10 26.08 54.25
CA GLU F 226 -4.00 27.04 54.06
C GLU F 226 -4.40 28.09 53.02
N VAL F 227 -3.88 29.30 53.18
CA VAL F 227 -4.18 30.44 52.34
C VAL F 227 -2.91 31.15 51.96
N GLU F 228 -2.72 31.37 50.66
CA GLU F 228 -1.59 32.15 50.12
C GLU F 228 -1.98 33.62 50.16
N VAL F 229 -1.08 34.44 50.65
CA VAL F 229 -1.37 35.87 50.89
C VAL F 229 -0.14 36.75 50.57
N GLU F 230 -0.32 37.67 49.62
CA GLU F 230 0.75 38.55 49.13
C GLU F 230 0.56 40.04 49.58
N SER F 231 -0.27 40.25 50.60
CA SER F 231 -0.50 41.58 51.19
C SER F 231 -0.84 41.50 52.69
N LEU F 232 -0.30 42.42 53.48
CA LEU F 232 -0.60 42.50 54.95
C LEU F 232 -2.08 42.58 55.27
N ALA F 233 -2.80 43.28 54.41
CA ALA F 233 -4.23 43.52 54.60
C ALA F 233 -5.06 42.22 54.56
N ALA F 234 -4.77 41.42 53.54
CA ALA F 234 -5.44 40.12 53.34
C ALA F 234 -5.08 39.05 54.39
N ALA F 235 -3.89 39.16 54.96
CA ALA F 235 -3.44 38.26 56.04
C ALA F 235 -4.25 38.51 57.31
N GLU F 236 -4.54 39.77 57.58
CA GLU F 236 -5.48 40.15 58.67
C GLU F 236 -6.85 39.49 58.47
N GLU F 237 -7.50 39.74 57.34
CA GLU F 237 -8.82 39.11 57.15
C GLU F 237 -8.77 37.57 57.26
N ALA F 238 -7.72 36.99 56.73
CA ALA F 238 -7.60 35.52 56.70
C ALA F 238 -7.46 34.94 58.09
N ALA F 239 -6.65 35.58 58.90
CA ALA F 239 -6.50 35.16 60.29
C ALA F 239 -7.79 35.34 61.10
N ALA F 240 -8.54 36.40 60.75
CA ALA F 240 -9.87 36.69 61.33
C ALA F 240 -10.83 35.53 61.15
N ALA F 241 -11.01 35.09 59.91
CA ALA F 241 -11.84 33.88 59.60
C ALA F 241 -11.25 32.52 60.08
N GLY F 242 -10.14 32.60 60.81
CA GLY F 242 -9.55 31.47 61.55
C GLY F 242 -9.11 30.34 60.64
N VAL F 243 -8.07 30.59 59.85
CA VAL F 243 -7.54 29.54 58.94
C VAL F 243 -6.38 28.89 59.62
N ASP F 244 -6.06 27.70 59.17
CA ASP F 244 -5.12 26.85 59.88
C ASP F 244 -3.70 27.32 59.63
N ILE F 245 -3.41 27.62 58.38
CA ILE F 245 -2.09 28.13 57.98
C ILE F 245 -2.23 29.34 57.08
N ILE F 246 -1.36 30.32 57.26
CA ILE F 246 -1.26 31.48 56.37
C ILE F 246 0.10 31.47 55.75
N MET F 247 0.13 31.54 54.44
CA MET F 247 1.40 31.48 53.69
C MET F 247 1.73 32.85 53.18
N LEU F 248 2.83 33.39 53.68
CA LEU F 248 3.37 34.67 53.26
C LEU F 248 4.25 34.46 52.05
N ASP F 249 3.63 34.67 50.91
CA ASP F 249 4.24 34.45 49.60
C ASP F 249 5.14 35.61 49.18
N ASN F 250 6.44 35.37 49.31
CA ASN F 250 7.50 36.24 48.82
C ASN F 250 7.55 37.62 49.47
N MET F 251 7.07 37.72 50.71
CA MET F 251 7.05 39.02 51.42
C MET F 251 8.45 39.38 51.93
N SER F 252 8.64 40.68 52.18
CA SER F 252 9.90 41.21 52.67
C SER F 252 10.05 40.96 54.17
N LEU F 253 11.27 41.07 54.66
CA LEU F 253 11.59 40.83 56.10
C LEU F 253 10.86 41.83 57.03
N GLU F 254 10.77 43.07 56.57
CA GLU F 254 10.01 44.12 57.27
C GLU F 254 8.57 43.73 57.41
N GLN F 255 8.04 43.21 56.32
CA GLN F 255 6.60 42.84 56.22
C GLN F 255 6.28 41.58 56.97
N ILE F 256 7.15 40.59 56.87
CA ILE F 256 6.96 39.37 57.65
C ILE F 256 6.88 39.73 59.13
N GLU F 257 7.81 40.54 59.62
CA GLU F 257 7.84 40.89 61.05
C GLU F 257 6.56 41.66 61.47
N GLN F 258 6.08 42.55 60.61
CA GLN F 258 4.73 43.20 60.74
C GLN F 258 3.54 42.21 60.79
N ALA F 259 3.52 41.30 59.82
CA ALA F 259 2.44 40.34 59.65
C ALA F 259 2.34 39.30 60.75
N ILE F 260 3.47 38.93 61.35
CA ILE F 260 3.45 37.96 62.45
C ILE F 260 2.64 38.52 63.62
N THR F 261 2.96 39.75 64.03
CA THR F 261 2.23 40.42 65.14
C THR F 261 0.79 40.80 64.76
N LEU F 262 0.57 41.07 63.48
CA LEU F 262 -0.76 41.32 62.96
C LEU F 262 -1.66 40.03 62.95
N ILE F 263 -1.08 38.90 62.55
CA ILE F 263 -1.73 37.60 62.73
C ILE F 263 -2.00 37.37 64.21
N ALA F 264 -1.02 37.75 65.03
CA ALA F 264 -1.10 37.65 66.50
C ALA F 264 -1.27 36.20 66.95
N GLY F 265 -0.58 35.30 66.27
CA GLY F 265 -0.66 33.86 66.51
C GLY F 265 -2.02 33.17 66.40
N ARG F 266 -3.00 33.77 65.72
CA ARG F 266 -4.29 33.08 65.47
C ARG F 266 -4.16 31.95 64.43
N SER F 267 -3.10 31.99 63.63
CA SER F 267 -2.80 30.94 62.64
C SER F 267 -1.34 30.67 62.53
N ARG F 268 -1.01 29.59 61.82
CA ARG F 268 0.38 29.28 61.54
C ARG F 268 0.90 30.15 60.43
N ILE F 269 2.18 30.49 60.50
CA ILE F 269 2.78 31.27 59.45
C ILE F 269 3.75 30.36 58.72
N GLU F 270 3.74 30.48 57.40
CA GLU F 270 4.70 29.82 56.50
C GLU F 270 5.31 30.85 55.58
N CYS F 271 6.61 30.75 55.32
CA CYS F 271 7.23 31.59 54.30
C CYS F 271 7.62 30.81 53.06
N SER F 272 7.62 31.51 51.94
CA SER F 272 7.94 30.83 50.68
C SER F 272 8.38 31.72 49.55
N GLY F 273 8.98 31.07 48.58
CA GLY F 273 9.37 31.75 47.34
C GLY F 273 10.78 32.24 47.46
N ASN F 274 11.50 32.16 46.34
CA ASN F 274 12.82 32.70 46.27
C ASN F 274 13.64 32.19 47.45
N ILE F 275 13.44 30.93 47.81
CA ILE F 275 14.22 30.38 48.90
C ILE F 275 15.24 29.36 48.39
N ASP F 276 16.51 29.66 48.59
CA ASP F 276 17.63 28.80 48.13
C ASP F 276 18.66 28.57 49.22
N MET F 277 19.74 27.86 48.89
CA MET F 277 20.80 27.51 49.86
C MET F 277 21.27 28.72 50.66
N THR F 278 21.47 29.84 49.97
CA THR F 278 22.07 31.04 50.54
C THR F 278 21.11 32.08 51.13
N THR F 279 19.88 32.10 50.64
CA THR F 279 18.82 32.96 51.17
C THR F 279 18.27 32.53 52.53
N ILE F 280 17.98 31.24 52.65
CA ILE F 280 17.22 30.69 53.79
C ILE F 280 17.55 31.28 55.17
N SER F 281 18.82 31.61 55.38
CA SER F 281 19.31 32.17 56.66
C SER F 281 18.67 33.47 57.15
N ARG F 282 18.03 34.25 56.28
CA ARG F 282 17.30 35.48 56.71
C ARG F 282 16.14 35.24 57.70
N PHE F 283 15.53 34.07 57.60
CA PHE F 283 14.40 33.72 58.46
C PHE F 283 14.83 33.42 59.88
N ARG F 284 16.12 33.18 60.06
CA ARG F 284 16.59 32.82 61.38
C ARG F 284 16.17 33.86 62.38
N GLY F 285 15.47 33.41 63.42
CA GLY F 285 15.07 34.25 64.54
C GLY F 285 13.66 34.78 64.50
N LEU F 286 12.95 34.55 63.39
CA LEU F 286 11.55 34.93 63.33
C LEU F 286 10.65 33.93 64.01
N ALA F 287 9.44 34.40 64.32
CA ALA F 287 8.40 33.56 64.93
C ALA F 287 7.42 32.97 63.89
N ILE F 288 7.88 32.83 62.66
CA ILE F 288 7.23 31.92 61.70
C ILE F 288 7.38 30.47 62.16
N ASP F 289 6.56 29.58 61.61
CA ASP F 289 6.53 28.17 62.04
C ASP F 289 7.33 27.26 61.12
N TYR F 290 7.23 27.52 59.82
CA TYR F 290 8.06 26.84 58.83
C TYR F 290 8.22 27.58 57.53
N VAL F 291 9.42 27.52 56.98
CA VAL F 291 9.64 27.88 55.56
C VAL F 291 9.47 26.62 54.73
N SER F 292 9.25 26.78 53.43
CA SER F 292 9.10 25.63 52.52
C SER F 292 9.73 25.92 51.18
N SER F 293 10.21 24.86 50.55
CA SER F 293 10.98 24.98 49.33
C SER F 293 10.71 23.89 48.31
N GLY F 294 10.84 24.27 47.05
CA GLY F 294 10.75 23.35 45.93
C GLY F 294 12.06 22.61 45.78
N SER F 295 13.10 23.36 45.45
CA SER F 295 14.41 22.81 45.04
C SER F 295 14.82 21.48 45.72
N LEU F 296 14.59 21.38 47.02
CA LEU F 296 14.80 20.13 47.76
C LEU F 296 14.48 18.87 46.97
N THR F 297 13.32 18.88 46.33
CA THR F 297 12.87 17.75 45.52
C THR F 297 13.33 17.88 44.03
N HIS F 298 13.07 19.02 43.41
CA HIS F 298 13.21 19.12 41.93
C HIS F 298 14.61 19.49 41.44
N SER F 299 15.37 20.18 42.26
CA SER F 299 16.73 20.66 41.89
C SER F 299 17.82 20.14 42.85
N ALA F 300 17.88 18.82 43.02
CA ALA F 300 18.82 18.19 43.94
C ALA F 300 19.88 17.46 43.16
N LYS F 301 21.12 17.92 43.29
CA LYS F 301 22.30 17.15 42.80
C LYS F 301 22.26 15.80 43.54
N SER F 302 22.40 14.72 42.80
CA SER F 302 22.35 13.40 43.41
C SER F 302 23.72 13.09 43.96
N LEU F 303 23.74 12.35 45.06
CA LEU F 303 24.98 11.94 45.72
C LEU F 303 25.63 10.84 44.90
N ASP F 304 26.92 10.66 45.12
CA ASP F 304 27.68 9.65 44.41
C ASP F 304 27.98 8.45 45.30
N PHE F 305 27.75 7.26 44.77
CA PHE F 305 28.25 6.03 45.35
C PHE F 305 28.96 5.26 44.26
N SER F 306 29.55 4.13 44.61
CA SER F 306 30.08 3.22 43.57
C SER F 306 30.20 1.78 44.06
N MET F 307 30.18 0.86 43.10
CA MET F 307 30.27 -0.56 43.41
C MET F 307 31.52 -1.22 42.88
N LYS F 308 32.57 -1.08 43.64
CA LYS F 308 33.85 -1.63 43.24
C LYS F 308 34.16 -2.72 44.23
N GLY F 309 35.17 -3.51 43.92
CA GLY F 309 35.70 -4.52 44.84
C GLY F 309 35.01 -5.84 44.70
N LEU F 310 34.77 -6.24 43.46
CA LEU F 310 34.15 -7.53 43.15
C LEU F 310 35.19 -8.61 43.31
N THR F 311 34.85 -9.67 44.02
CA THR F 311 35.70 -10.84 44.16
C THR F 311 34.88 -12.06 44.48
N TYR F 312 35.35 -13.21 44.03
CA TYR F 312 34.60 -14.47 44.27
C TYR F 312 34.84 -14.93 45.67
N LEU F 313 33.80 -15.43 46.30
CA LEU F 313 33.90 -15.99 47.65
C LEU F 313 34.47 -17.39 47.59
N ASP F 314 35.34 -17.70 48.56
CA ASP F 314 35.75 -19.06 48.93
C ASP F 314 35.48 -19.22 50.43
#